data_2LXI
#
_entry.id   2LXI
#
_cell.length_a   1.000
_cell.length_b   1.000
_cell.length_c   1.000
_cell.angle_alpha   90.00
_cell.angle_beta   90.00
_cell.angle_gamma   90.00
#
_symmetry.space_group_name_H-M   'P 1'
#
_entity_poly.entity_id   1
_entity_poly.type   'polypeptide(L)'
_entity_poly.pdbx_seq_one_letter_code
;SNIVMLRMLPQAATEDDIRGQLQSHGVQAREVRLMRNKSSGQSRGFAFVEFSHLQDATRWMEANQHSLNILGQKVSMHYS
DPKPKINEDWL
;
_entity_poly.pdbx_strand_id   A
#
# COMPACT_ATOMS: atom_id res chain seq x y z
N SER A 1 12.46 4.93 0.39
CA SER A 1 11.59 3.97 1.10
C SER A 1 10.83 3.09 0.10
N ASN A 2 10.41 1.87 0.48
CA ASN A 2 9.62 0.96 -0.39
C ASN A 2 8.22 0.70 0.19
N ILE A 3 7.89 1.20 1.37
CA ILE A 3 6.59 1.01 2.00
C ILE A 3 5.72 2.21 1.70
N VAL A 4 4.45 1.99 1.45
CA VAL A 4 3.44 2.99 1.16
C VAL A 4 2.24 2.69 2.07
N MET A 5 2.19 3.44 3.18
CA MET A 5 1.04 3.52 4.07
C MET A 5 -0.02 4.32 3.35
N LEU A 6 -1.17 3.72 3.11
CA LEU A 6 -2.27 4.37 2.41
C LEU A 6 -3.27 4.78 3.48
N ARG A 7 -3.17 5.99 4.02
CA ARG A 7 -4.13 6.44 5.04
C ARG A 7 -5.40 6.91 4.36
N MET A 8 -6.51 6.87 5.11
CA MET A 8 -7.81 7.40 4.71
C MET A 8 -8.52 6.52 3.67
N LEU A 9 -8.20 5.22 3.60
CA LEU A 9 -8.99 4.28 2.81
C LEU A 9 -10.39 4.12 3.42
N PRO A 10 -11.40 3.68 2.63
CA PRO A 10 -12.68 3.27 3.15
C PRO A 10 -12.56 1.90 3.84
N GLN A 11 -13.64 1.50 4.49
CA GLN A 11 -13.78 0.15 5.04
C GLN A 11 -13.96 -0.86 3.90
N ALA A 12 -14.67 -0.47 2.84
CA ALA A 12 -15.10 -1.37 1.79
C ALA A 12 -14.01 -1.80 0.81
N ALA A 13 -12.89 -1.05 0.70
CA ALA A 13 -11.84 -1.36 -0.28
C ALA A 13 -11.26 -2.76 -0.02
N THR A 14 -10.65 -3.36 -1.04
CA THR A 14 -10.12 -4.72 -0.95
C THR A 14 -8.65 -4.72 -1.31
N GLU A 15 -7.97 -5.81 -0.97
CA GLU A 15 -6.61 -6.04 -1.42
C GLU A 15 -6.55 -5.98 -2.96
N ASP A 16 -7.62 -6.42 -3.61
CA ASP A 16 -7.65 -6.61 -5.05
C ASP A 16 -7.87 -5.31 -5.82
N ASP A 17 -8.54 -4.33 -5.19
CA ASP A 17 -8.71 -2.98 -5.74
C ASP A 17 -7.33 -2.36 -5.93
N ILE A 18 -6.51 -2.50 -4.89
CA ILE A 18 -5.17 -1.97 -4.83
C ILE A 18 -4.31 -2.67 -5.89
N ARG A 19 -4.41 -4.00 -6.03
CA ARG A 19 -3.71 -4.74 -7.10
C ARG A 19 -4.01 -4.12 -8.46
N GLY A 20 -5.26 -3.73 -8.71
CA GLY A 20 -5.66 -3.03 -9.91
C GLY A 20 -4.88 -1.73 -10.10
N GLN A 21 -4.82 -0.89 -9.07
CA GLN A 21 -4.20 0.43 -9.13
C GLN A 21 -2.70 0.34 -9.37
N LEU A 22 -2.04 -0.63 -8.73
CA LEU A 22 -0.60 -0.83 -8.87
C LEU A 22 -0.30 -1.19 -10.31
N GLN A 23 -1.03 -2.19 -10.82
CA GLN A 23 -0.84 -2.67 -12.16
C GLN A 23 -1.22 -1.63 -13.21
N SER A 24 -2.10 -0.65 -12.93
CA SER A 24 -2.38 0.39 -13.89
C SER A 24 -1.14 1.27 -14.12
N HIS A 25 -0.36 1.56 -13.08
CA HIS A 25 0.95 2.21 -13.24
C HIS A 25 2.04 1.25 -13.74
N GLY A 26 1.75 -0.05 -13.79
CA GLY A 26 2.71 -1.05 -14.23
C GLY A 26 3.76 -1.22 -13.15
N VAL A 27 3.32 -1.37 -11.91
CA VAL A 27 4.18 -1.58 -10.76
C VAL A 27 3.68 -2.89 -10.13
N GLN A 28 4.58 -3.86 -9.92
CA GLN A 28 4.24 -5.00 -9.08
C GLN A 28 4.13 -4.48 -7.64
N ALA A 29 3.12 -4.91 -6.88
CA ALA A 29 3.25 -4.99 -5.46
C ALA A 29 4.03 -6.24 -5.11
N ARG A 30 5.00 -6.12 -4.21
CA ARG A 30 5.61 -7.29 -3.62
C ARG A 30 4.64 -7.89 -2.59
N GLU A 31 4.00 -7.05 -1.78
CA GLU A 31 3.06 -7.53 -0.77
C GLU A 31 2.00 -6.46 -0.50
N VAL A 32 0.83 -6.89 -0.02
CA VAL A 32 -0.31 -6.03 0.24
C VAL A 32 -0.89 -6.44 1.59
N ARG A 33 -1.10 -5.45 2.46
CA ARG A 33 -1.62 -5.55 3.81
C ARG A 33 -2.81 -4.59 3.85
N LEU A 34 -4.00 -5.05 3.46
CA LEU A 34 -5.24 -4.27 3.42
C LEU A 34 -6.38 -5.22 3.78
N MET A 35 -7.05 -5.00 4.91
CA MET A 35 -8.04 -5.89 5.51
C MET A 35 -7.60 -7.36 5.50
N ARG A 36 -8.56 -8.29 5.52
CA ARG A 36 -8.48 -9.74 5.23
C ARG A 36 -7.86 -10.54 6.35
N ASN A 37 -6.71 -10.09 6.85
CA ASN A 37 -5.89 -10.75 7.86
C ASN A 37 -6.69 -11.18 9.08
N LYS A 38 -7.64 -10.33 9.49
CA LYS A 38 -8.07 -10.07 10.87
C LYS A 38 -6.90 -9.83 11.84
N SER A 39 -6.09 -10.84 12.11
CA SER A 39 -5.18 -10.95 13.25
C SER A 39 -4.34 -9.67 13.42
N SER A 40 -3.45 -9.40 12.47
CA SER A 40 -2.46 -8.33 12.62
C SER A 40 -3.13 -6.96 12.68
N GLY A 41 -4.25 -6.81 11.93
CA GLY A 41 -5.19 -5.73 12.17
C GLY A 41 -5.43 -4.85 10.96
N GLN A 42 -5.14 -5.31 9.73
CA GLN A 42 -5.04 -4.49 8.52
C GLN A 42 -6.33 -3.81 8.06
N SER A 43 -7.40 -3.96 8.83
CA SER A 43 -8.76 -3.62 8.49
C SER A 43 -9.18 -2.41 9.32
N ARG A 44 -8.65 -1.22 9.00
CA ARG A 44 -8.85 0.00 9.78
C ARG A 44 -9.20 1.23 8.95
N GLY A 45 -9.18 1.17 7.61
CA GLY A 45 -9.20 2.36 6.77
C GLY A 45 -7.78 2.80 6.42
N PHE A 46 -6.82 1.86 6.35
CA PHE A 46 -5.52 2.10 5.74
C PHE A 46 -4.96 0.81 5.14
N ALA A 47 -3.88 0.92 4.36
CA ALA A 47 -3.06 -0.19 3.87
C ALA A 47 -1.59 0.03 4.24
N PHE A 48 -0.74 -0.98 4.07
CA PHE A 48 0.71 -0.97 4.35
C PHE A 48 1.53 -1.56 3.18
N VAL A 49 1.14 -1.22 1.95
CA VAL A 49 1.61 -1.81 0.68
C VAL A 49 3.14 -1.75 0.60
N GLU A 50 3.80 -2.80 0.09
CA GLU A 50 5.24 -2.82 -0.02
C GLU A 50 5.66 -3.23 -1.44
N PHE A 51 6.70 -2.56 -1.93
CA PHE A 51 7.23 -2.73 -3.27
C PHE A 51 8.55 -3.49 -3.22
N SER A 52 8.92 -4.14 -4.32
CA SER A 52 10.19 -4.86 -4.46
C SER A 52 11.35 -3.87 -4.54
N HIS A 53 11.09 -2.65 -5.01
CA HIS A 53 12.12 -1.69 -5.35
C HIS A 53 11.80 -0.41 -4.61
N LEU A 54 12.82 0.26 -4.06
CA LEU A 54 12.63 1.50 -3.33
C LEU A 54 12.08 2.57 -4.27
N GLN A 55 12.57 2.63 -5.51
CA GLN A 55 12.07 3.55 -6.52
C GLN A 55 10.57 3.37 -6.80
N ASP A 56 10.04 2.15 -6.69
CA ASP A 56 8.68 1.82 -7.11
C ASP A 56 7.64 2.43 -6.17
N ALA A 57 7.99 2.61 -4.89
CA ALA A 57 7.13 3.28 -3.94
C ALA A 57 6.96 4.72 -4.41
N THR A 58 8.10 5.39 -4.62
CA THR A 58 8.15 6.75 -5.11
C THR A 58 7.42 6.87 -6.45
N ARG A 59 7.53 5.85 -7.31
CA ARG A 59 6.87 5.83 -8.62
C ARG A 59 5.39 6.05 -8.40
N TRP A 60 4.78 5.15 -7.63
CA TRP A 60 3.34 5.12 -7.43
C TRP A 60 2.89 6.39 -6.69
N MET A 61 3.70 6.87 -5.75
CA MET A 61 3.47 8.10 -5.01
C MET A 61 3.37 9.28 -5.98
N GLU A 62 4.47 9.61 -6.67
CA GLU A 62 4.58 10.84 -7.44
C GLU A 62 3.65 10.81 -8.65
N ALA A 63 3.39 9.62 -9.20
CA ALA A 63 2.49 9.46 -10.34
C ALA A 63 1.02 9.69 -9.97
N ASN A 64 0.74 9.91 -8.69
CA ASN A 64 -0.58 10.23 -8.16
C ASN A 64 -0.53 11.51 -7.33
N GLN A 65 0.59 12.23 -7.32
CA GLN A 65 0.76 13.51 -6.65
C GLN A 65 0.49 13.33 -5.16
N HIS A 66 0.82 12.14 -4.65
CA HIS A 66 0.70 11.77 -3.26
C HIS A 66 -0.77 11.65 -2.77
N SER A 67 -1.76 11.50 -3.67
CA SER A 67 -3.11 11.11 -3.28
C SER A 67 -3.75 10.17 -4.29
N LEU A 68 -4.28 9.03 -3.81
CA LEU A 68 -5.05 8.08 -4.62
C LEU A 68 -6.54 8.28 -4.38
N ASN A 69 -7.36 7.53 -5.12
CA ASN A 69 -8.81 7.55 -5.00
C ASN A 69 -9.38 6.16 -5.20
N ILE A 70 -9.89 5.53 -4.14
CA ILE A 70 -10.36 4.16 -4.13
C ILE A 70 -11.77 4.14 -3.56
N LEU A 71 -12.70 3.57 -4.33
CA LEU A 71 -14.15 3.61 -4.09
C LEU A 71 -14.58 5.05 -3.78
N GLY A 72 -13.96 6.02 -4.47
CA GLY A 72 -14.24 7.43 -4.33
C GLY A 72 -13.56 8.12 -3.15
N GLN A 73 -13.04 7.40 -2.14
CA GLN A 73 -12.41 8.03 -0.98
C GLN A 73 -11.06 8.58 -1.41
N LYS A 74 -10.74 9.78 -0.95
CA LYS A 74 -9.46 10.45 -1.13
C LYS A 74 -8.48 9.83 -0.14
N VAL A 75 -7.48 9.13 -0.66
CA VAL A 75 -6.49 8.39 0.12
C VAL A 75 -5.18 9.18 0.04
N SER A 76 -4.44 9.23 1.14
CA SER A 76 -3.11 9.82 1.23
C SER A 76 -2.07 8.72 1.30
N MET A 77 -0.82 9.01 0.92
CA MET A 77 0.26 8.02 0.89
C MET A 77 1.50 8.55 1.59
N HIS A 78 2.08 7.71 2.44
CA HIS A 78 3.10 8.06 3.42
C HIS A 78 4.08 6.89 3.57
N TYR A 79 5.39 7.15 3.61
CA TYR A 79 6.39 6.10 3.76
C TYR A 79 6.43 5.65 5.23
N SER A 80 5.86 4.50 5.62
CA SER A 80 5.85 4.16 7.05
C SER A 80 7.18 3.65 7.58
N ASP A 81 8.13 3.45 6.71
CA ASP A 81 9.48 3.00 7.04
C ASP A 81 10.34 3.09 5.79
N PRO A 82 11.67 2.99 5.90
CA PRO A 82 12.51 2.86 4.72
C PRO A 82 12.32 1.49 4.03
N LYS A 83 12.52 0.41 4.79
CA LYS A 83 12.29 -0.98 4.41
C LYS A 83 12.16 -1.84 5.66
N PRO A 84 11.52 -3.02 5.58
CA PRO A 84 11.49 -4.01 6.63
C PRO A 84 12.88 -4.61 6.78
N LYS A 85 13.55 -4.23 7.86
CA LYS A 85 14.92 -4.60 8.16
C LYS A 85 15.01 -5.58 9.33
N ILE A 86 13.92 -6.26 9.64
CA ILE A 86 13.86 -7.39 10.55
C ILE A 86 14.73 -8.50 9.95
N ASN A 87 15.27 -9.39 10.78
CA ASN A 87 16.07 -10.52 10.30
C ASN A 87 15.19 -11.76 10.01
N GLU A 88 13.91 -11.66 10.34
CA GLU A 88 12.86 -12.65 10.22
C GLU A 88 11.76 -12.08 9.32
N ASP A 89 10.93 -12.97 8.76
CA ASP A 89 9.88 -12.66 7.79
C ASP A 89 8.65 -13.55 8.00
N TRP A 90 8.66 -14.25 9.12
CA TRP A 90 7.66 -15.18 9.60
C TRP A 90 7.36 -14.96 11.10
N LEU A 91 7.88 -13.90 11.70
CA LEU A 91 7.59 -13.51 13.09
C LEU A 91 6.46 -12.50 13.03
N SER A 1 12.17 3.04 -1.27
CA SER A 1 11.48 1.97 -0.53
C SER A 1 10.54 1.20 -1.46
N ASN A 2 9.77 0.20 -0.99
CA ASN A 2 8.94 -0.66 -1.85
C ASN A 2 7.59 -1.07 -1.25
N ILE A 3 7.15 -0.45 -0.15
CA ILE A 3 5.79 -0.60 0.37
C ILE A 3 5.13 0.77 0.32
N VAL A 4 3.89 0.86 -0.18
CA VAL A 4 3.20 2.15 -0.33
C VAL A 4 1.94 2.07 0.54
N MET A 5 2.16 2.13 1.85
CA MET A 5 1.12 1.99 2.87
C MET A 5 0.14 3.13 2.69
N LEU A 6 -1.13 2.80 2.42
CA LEU A 6 -2.17 3.79 2.24
C LEU A 6 -2.86 4.02 3.58
N ARG A 7 -3.32 5.23 3.87
CA ARG A 7 -4.11 5.58 5.07
C ARG A 7 -5.48 6.12 4.66
N MET A 8 -6.35 6.43 5.62
CA MET A 8 -7.65 7.07 5.37
C MET A 8 -8.62 6.23 4.50
N LEU A 9 -8.41 4.92 4.38
CA LEU A 9 -9.16 4.04 3.47
C LEU A 9 -10.66 3.94 3.81
N PRO A 10 -11.53 3.77 2.79
CA PRO A 10 -12.89 3.29 2.98
C PRO A 10 -12.91 1.77 3.24
N GLN A 11 -14.08 1.26 3.57
CA GLN A 11 -14.33 -0.16 3.82
C GLN A 11 -15.01 -0.82 2.60
N ALA A 12 -15.49 -0.05 1.63
CA ALA A 12 -15.98 -0.58 0.36
C ALA A 12 -14.85 -0.77 -0.67
N ALA A 13 -13.63 -0.28 -0.42
CA ALA A 13 -12.48 -0.66 -1.22
C ALA A 13 -12.18 -2.15 -1.02
N THR A 14 -11.59 -2.81 -2.01
CA THR A 14 -11.15 -4.19 -1.93
C THR A 14 -9.69 -4.29 -2.38
N GLU A 15 -9.07 -5.47 -2.23
CA GLU A 15 -7.70 -5.69 -2.67
C GLU A 15 -7.57 -5.33 -4.14
N ASP A 16 -8.63 -5.61 -4.89
CA ASP A 16 -8.63 -5.41 -6.31
C ASP A 16 -8.68 -3.94 -6.69
N ASP A 17 -9.10 -3.07 -5.75
CA ASP A 17 -9.10 -1.63 -5.95
C ASP A 17 -7.66 -1.16 -6.19
N ILE A 18 -6.77 -1.49 -5.24
CA ILE A 18 -5.35 -1.18 -5.38
C ILE A 18 -4.83 -1.86 -6.66
N ARG A 19 -5.20 -3.11 -6.94
CA ARG A 19 -4.71 -3.81 -8.14
C ARG A 19 -5.00 -3.00 -9.41
N GLY A 20 -6.20 -2.44 -9.54
CA GLY A 20 -6.58 -1.59 -10.66
C GLY A 20 -5.88 -0.25 -10.61
N GLN A 21 -5.73 0.38 -9.44
CA GLN A 21 -5.09 1.68 -9.30
C GLN A 21 -3.67 1.62 -9.84
N LEU A 22 -2.92 0.58 -9.49
CA LEU A 22 -1.53 0.51 -9.93
C LEU A 22 -1.50 0.36 -11.45
N GLN A 23 -2.42 -0.40 -12.05
CA GLN A 23 -2.52 -0.51 -13.50
C GLN A 23 -2.97 0.78 -14.19
N SER A 24 -3.52 1.77 -13.48
CA SER A 24 -3.72 3.11 -14.03
C SER A 24 -2.36 3.77 -14.32
N HIS A 25 -1.33 3.47 -13.53
CA HIS A 25 0.05 3.91 -13.76
C HIS A 25 0.85 2.86 -14.55
N GLY A 26 0.32 1.65 -14.69
CA GLY A 26 0.92 0.54 -15.38
C GLY A 26 1.75 -0.39 -14.47
N VAL A 27 1.77 -0.16 -13.16
CA VAL A 27 2.66 -0.89 -12.26
C VAL A 27 2.11 -2.32 -12.06
N GLN A 28 2.97 -3.21 -11.55
CA GLN A 28 2.65 -4.59 -11.21
C GLN A 28 1.96 -4.71 -9.84
N ALA A 29 2.51 -4.05 -8.81
CA ALA A 29 2.58 -4.55 -7.42
C ALA A 29 3.17 -5.98 -7.35
N ARG A 30 3.41 -6.50 -6.14
CA ARG A 30 3.61 -7.93 -5.91
C ARG A 30 2.67 -8.45 -4.82
N GLU A 31 2.41 -7.68 -3.77
CA GLU A 31 1.57 -8.10 -2.66
C GLU A 31 0.64 -6.94 -2.34
N VAL A 32 -0.56 -7.22 -1.83
CA VAL A 32 -1.58 -6.22 -1.61
C VAL A 32 -2.32 -6.59 -0.33
N ARG A 33 -1.80 -6.19 0.82
CA ARG A 33 -2.46 -6.48 2.11
C ARG A 33 -3.52 -5.42 2.37
N LEU A 34 -4.67 -5.54 1.71
CA LEU A 34 -5.80 -4.61 1.87
C LEU A 34 -6.70 -5.07 3.01
N MET A 35 -7.56 -4.16 3.48
CA MET A 35 -8.67 -4.37 4.39
C MET A 35 -9.63 -5.45 3.89
N ARG A 36 -9.33 -6.70 4.25
CA ARG A 36 -10.16 -7.89 4.10
C ARG A 36 -10.01 -8.74 5.35
N ASN A 37 -8.87 -9.43 5.48
CA ASN A 37 -8.61 -10.46 6.48
C ASN A 37 -8.62 -9.93 7.91
N LYS A 38 -9.79 -10.04 8.57
CA LYS A 38 -9.95 -9.61 9.96
C LYS A 38 -9.12 -10.43 10.94
N SER A 39 -8.90 -11.72 10.67
CA SER A 39 -8.24 -12.62 11.60
C SER A 39 -6.75 -12.27 11.72
N SER A 40 -6.08 -12.00 10.60
CA SER A 40 -4.75 -11.42 10.60
C SER A 40 -4.82 -10.04 11.22
N GLY A 41 -5.65 -9.20 10.62
CA GLY A 41 -5.69 -7.79 10.93
C GLY A 41 -5.09 -6.99 9.78
N GLN A 42 -5.36 -7.39 8.53
CA GLN A 42 -5.02 -6.58 7.36
C GLN A 42 -5.94 -5.37 7.23
N SER A 43 -6.82 -5.17 8.20
CA SER A 43 -8.03 -4.39 8.09
C SER A 43 -8.13 -3.41 9.25
N ARG A 44 -7.84 -2.12 8.99
CA ARG A 44 -7.72 -1.10 10.03
C ARG A 44 -8.00 0.34 9.56
N GLY A 45 -8.33 0.58 8.29
CA GLY A 45 -8.30 1.93 7.72
C GLY A 45 -6.92 2.26 7.16
N PHE A 46 -6.19 1.25 6.70
CA PHE A 46 -4.97 1.35 5.92
C PHE A 46 -4.72 0.02 5.19
N ALA A 47 -3.68 -0.03 4.36
CA ALA A 47 -3.23 -1.21 3.63
C ALA A 47 -1.70 -1.22 3.50
N PHE A 48 -1.13 -2.31 2.99
CA PHE A 48 0.29 -2.41 2.62
C PHE A 48 0.40 -3.11 1.28
N VAL A 49 0.47 -2.35 0.19
CA VAL A 49 0.94 -2.86 -1.09
C VAL A 49 2.45 -3.04 -0.99
N GLU A 50 3.00 -4.12 -1.53
CA GLU A 50 4.40 -4.36 -1.72
C GLU A 50 4.69 -4.31 -3.23
N PHE A 51 5.88 -3.82 -3.58
CA PHE A 51 6.37 -3.65 -4.94
C PHE A 51 7.61 -4.51 -5.15
N SER A 52 7.95 -4.74 -6.42
CA SER A 52 9.09 -5.54 -6.86
C SER A 52 10.26 -4.68 -7.36
N HIS A 53 10.08 -3.37 -7.51
CA HIS A 53 11.14 -2.45 -7.90
C HIS A 53 11.04 -1.25 -6.97
N LEU A 54 12.16 -0.86 -6.37
CA LEU A 54 12.23 0.29 -5.48
C LEU A 54 11.70 1.52 -6.22
N GLN A 55 12.19 1.72 -7.45
CA GLN A 55 11.85 2.88 -8.27
C GLN A 55 10.36 2.94 -8.60
N ASP A 56 9.70 1.78 -8.74
CA ASP A 56 8.27 1.74 -9.09
C ASP A 56 7.47 2.34 -7.94
N ALA A 57 7.91 2.14 -6.69
CA ALA A 57 7.20 2.63 -5.51
C ALA A 57 7.20 4.16 -5.57
N THR A 58 8.35 4.75 -5.87
CA THR A 58 8.52 6.17 -6.12
C THR A 58 7.60 6.63 -7.25
N ARG A 59 7.60 5.87 -8.36
CA ARG A 59 6.86 6.17 -9.56
C ARG A 59 5.36 5.98 -9.41
N TRP A 60 4.93 5.45 -8.28
CA TRP A 60 3.53 5.46 -7.85
C TRP A 60 3.30 6.59 -6.84
N MET A 61 4.15 6.71 -5.81
CA MET A 61 4.10 7.74 -4.79
C MET A 61 4.04 9.14 -5.40
N GLU A 62 5.14 9.57 -5.99
CA GLU A 62 5.34 10.96 -6.43
C GLU A 62 4.40 11.29 -7.57
N ALA A 63 4.08 10.27 -8.37
CA ALA A 63 3.16 10.35 -9.49
C ALA A 63 1.71 10.51 -9.05
N ASN A 64 1.44 10.38 -7.75
CA ASN A 64 0.19 10.64 -7.07
C ASN A 64 0.34 11.78 -6.06
N GLN A 65 1.52 12.42 -6.00
CA GLN A 65 1.80 13.54 -5.09
C GLN A 65 1.65 13.12 -3.62
N HIS A 66 1.74 11.82 -3.36
CA HIS A 66 1.57 11.14 -2.07
C HIS A 66 0.11 11.10 -1.57
N SER A 67 -0.90 11.35 -2.40
CA SER A 67 -2.30 11.18 -2.04
C SER A 67 -3.07 10.55 -3.20
N LEU A 68 -4.12 9.81 -2.86
CA LEU A 68 -4.99 9.09 -3.79
C LEU A 68 -6.43 9.40 -3.46
N ASN A 69 -7.34 8.90 -4.30
CA ASN A 69 -8.76 9.01 -4.05
C ASN A 69 -9.48 7.74 -4.50
N ILE A 70 -9.91 6.95 -3.51
CA ILE A 70 -10.41 5.59 -3.68
C ILE A 70 -11.89 5.62 -3.24
N LEU A 71 -12.77 5.38 -4.21
CA LEU A 71 -14.23 5.49 -4.20
C LEU A 71 -14.70 6.93 -4.00
N GLY A 72 -13.83 7.84 -3.57
CA GLY A 72 -14.14 9.22 -3.23
C GLY A 72 -13.47 9.65 -1.93
N GLN A 73 -12.95 8.71 -1.15
CA GLN A 73 -12.24 8.99 0.08
C GLN A 73 -10.87 9.52 -0.32
N LYS A 74 -10.50 10.66 0.26
CA LYS A 74 -9.15 11.17 0.20
C LYS A 74 -8.26 10.21 0.97
N VAL A 75 -7.19 9.76 0.33
CA VAL A 75 -6.21 8.82 0.86
C VAL A 75 -4.85 9.47 0.79
N SER A 76 -3.96 9.07 1.69
CA SER A 76 -2.55 9.45 1.70
C SER A 76 -1.70 8.17 1.63
N MET A 77 -0.44 8.26 1.20
CA MET A 77 0.47 7.12 1.10
C MET A 77 1.83 7.39 1.74
N HIS A 78 2.48 6.33 2.22
CA HIS A 78 3.70 6.38 3.03
C HIS A 78 4.63 5.19 2.72
N TYR A 79 5.96 5.41 2.86
CA TYR A 79 6.97 4.36 2.70
C TYR A 79 7.12 3.53 3.99
N SER A 80 6.25 2.55 4.17
CA SER A 80 6.23 1.67 5.34
C SER A 80 7.03 0.40 5.04
N ASP A 81 8.32 0.57 4.77
CA ASP A 81 9.27 -0.50 4.40
C ASP A 81 9.28 -1.69 5.38
N PRO A 82 9.69 -2.91 4.96
CA PRO A 82 9.60 -4.09 5.81
C PRO A 82 10.52 -3.98 7.03
N LYS A 83 11.76 -3.54 6.79
CA LYS A 83 12.91 -3.38 7.68
C LYS A 83 13.33 -4.67 8.37
N PRO A 84 14.55 -4.75 8.96
CA PRO A 84 14.88 -5.80 9.89
C PRO A 84 14.04 -5.66 11.16
N LYS A 85 13.04 -6.55 11.31
CA LYS A 85 12.18 -6.65 12.49
C LYS A 85 12.33 -8.02 13.18
N ILE A 86 13.48 -8.68 13.06
CA ILE A 86 13.72 -10.00 13.64
C ILE A 86 13.74 -9.85 15.18
N ASN A 87 13.51 -10.94 15.91
CA ASN A 87 13.72 -10.98 17.35
C ASN A 87 15.21 -11.19 17.60
N GLU A 88 15.78 -10.46 18.55
CA GLU A 88 17.21 -10.34 18.78
C GLU A 88 17.94 -10.14 17.45
N ASP A 89 17.75 -8.94 16.92
CA ASP A 89 18.10 -8.53 15.57
C ASP A 89 19.61 -8.31 15.39
N TRP A 90 20.35 -8.20 16.49
CA TRP A 90 21.79 -7.97 16.54
C TRP A 90 22.51 -8.95 17.46
N LEU A 91 21.78 -9.92 18.03
CA LEU A 91 22.37 -11.07 18.72
C LEU A 91 22.27 -12.18 17.71
N SER A 1 11.44 0.00 1.57
CA SER A 1 10.32 -0.58 2.32
C SER A 1 9.85 -1.96 1.84
N ASN A 2 9.43 -2.17 0.58
CA ASN A 2 8.69 -3.33 0.04
C ASN A 2 7.22 -3.29 0.45
N ILE A 3 6.77 -2.31 1.23
CA ILE A 3 5.38 -2.23 1.67
C ILE A 3 4.92 -0.78 1.55
N VAL A 4 3.72 -0.59 1.01
CA VAL A 4 2.93 0.62 1.15
C VAL A 4 1.73 0.24 2.01
N MET A 5 1.66 0.80 3.22
CA MET A 5 0.46 0.78 4.03
C MET A 5 -0.36 2.00 3.63
N LEU A 6 -1.59 1.79 3.16
CA LEU A 6 -2.51 2.90 2.87
C LEU A 6 -3.32 3.13 4.12
N ARG A 7 -3.33 4.35 4.66
CA ARG A 7 -4.14 4.74 5.82
C ARG A 7 -5.26 5.66 5.34
N MET A 8 -6.36 5.69 6.08
CA MET A 8 -7.57 6.45 5.77
C MET A 8 -8.25 5.87 4.53
N LEU A 9 -8.68 4.60 4.62
CA LEU A 9 -9.34 3.90 3.53
C LEU A 9 -10.83 3.75 3.82
N PRO A 10 -11.72 3.87 2.82
CA PRO A 10 -13.15 3.72 3.01
C PRO A 10 -13.52 2.24 3.08
N GLN A 11 -14.67 2.00 3.72
CA GLN A 11 -15.18 0.65 3.95
C GLN A 11 -15.64 0.01 2.63
N ALA A 12 -15.97 0.82 1.63
CA ALA A 12 -16.52 0.38 0.36
C ALA A 12 -15.44 0.00 -0.67
N ALA A 13 -14.20 0.53 -0.57
CA ALA A 13 -13.16 0.24 -1.56
C ALA A 13 -12.82 -1.25 -1.57
N THR A 14 -12.33 -1.75 -2.69
CA THR A 14 -12.08 -3.15 -2.94
C THR A 14 -10.62 -3.39 -3.27
N GLU A 15 -10.19 -4.64 -3.14
CA GLU A 15 -8.88 -5.07 -3.59
C GLU A 15 -8.56 -4.54 -5.00
N ASP A 16 -9.59 -4.55 -5.83
CA ASP A 16 -9.58 -4.23 -7.25
C ASP A 16 -9.29 -2.76 -7.51
N ASP A 17 -9.79 -1.88 -6.63
CA ASP A 17 -9.59 -0.42 -6.67
C ASP A 17 -8.12 -0.06 -6.49
N ILE A 18 -7.37 -0.90 -5.78
CA ILE A 18 -5.93 -0.77 -5.63
C ILE A 18 -5.25 -1.38 -6.85
N ARG A 19 -5.67 -2.57 -7.27
CA ARG A 19 -4.99 -3.31 -8.34
C ARG A 19 -4.89 -2.47 -9.61
N GLY A 20 -5.97 -1.75 -9.97
CA GLY A 20 -5.98 -0.85 -11.11
C GLY A 20 -5.16 0.42 -10.86
N GLN A 21 -5.16 0.97 -9.65
CA GLN A 21 -4.39 2.16 -9.32
C GLN A 21 -2.90 1.87 -9.49
N LEU A 22 -2.45 0.69 -9.06
CA LEU A 22 -1.07 0.28 -9.26
C LEU A 22 -0.77 0.24 -10.74
N GLN A 23 -1.68 -0.31 -11.56
CA GLN A 23 -1.46 -0.45 -12.98
C GLN A 23 -1.52 0.87 -13.76
N SER A 24 -2.21 1.90 -13.27
CA SER A 24 -2.09 3.25 -13.81
C SER A 24 -0.62 3.68 -13.85
N HIS A 25 0.15 3.35 -12.81
CA HIS A 25 1.59 3.64 -12.76
C HIS A 25 2.43 2.51 -13.36
N GLY A 26 1.83 1.36 -13.67
CA GLY A 26 2.45 0.18 -14.25
C GLY A 26 2.88 -0.86 -13.22
N VAL A 27 2.69 -0.61 -11.91
CA VAL A 27 3.32 -1.42 -10.87
C VAL A 27 2.71 -2.81 -10.81
N GLN A 28 3.58 -3.81 -10.60
CA GLN A 28 3.24 -5.22 -10.61
C GLN A 28 2.35 -5.67 -9.43
N ALA A 29 2.48 -5.04 -8.26
CA ALA A 29 1.84 -5.37 -7.00
C ALA A 29 1.82 -6.87 -6.68
N ARG A 30 2.88 -7.38 -6.04
CA ARG A 30 3.06 -8.82 -5.88
C ARG A 30 2.00 -9.42 -4.96
N GLU A 31 1.67 -8.73 -3.89
CA GLU A 31 0.66 -9.19 -2.93
C GLU A 31 -0.08 -7.95 -2.43
N VAL A 32 -1.29 -8.11 -1.93
CA VAL A 32 -2.07 -7.03 -1.36
C VAL A 32 -2.85 -7.59 -0.16
N ARG A 33 -3.26 -6.71 0.76
CA ARG A 33 -4.18 -7.04 1.85
C ARG A 33 -5.13 -5.85 1.95
N LEU A 34 -6.29 -5.91 1.29
CA LEU A 34 -7.34 -4.92 1.34
C LEU A 34 -8.68 -5.67 1.36
N MET A 35 -9.75 -5.05 0.85
CA MET A 35 -11.05 -5.62 0.71
C MET A 35 -11.67 -5.82 2.08
N ARG A 36 -12.58 -6.77 2.21
CA ARG A 36 -13.33 -7.07 3.41
C ARG A 36 -13.44 -8.56 3.53
N ASN A 37 -13.51 -9.05 4.76
CA ASN A 37 -13.50 -10.48 4.98
C ASN A 37 -14.20 -10.89 6.25
N LYS A 38 -13.80 -10.22 7.33
CA LYS A 38 -14.22 -10.47 8.70
C LYS A 38 -13.83 -11.82 9.31
N SER A 39 -13.60 -12.86 8.52
CA SER A 39 -12.89 -14.03 9.00
C SER A 39 -11.39 -13.69 9.06
N SER A 40 -10.70 -13.62 7.92
CA SER A 40 -9.24 -13.53 7.89
C SER A 40 -8.70 -12.17 8.36
N GLY A 41 -9.47 -11.08 8.23
CA GLY A 41 -9.22 -9.86 9.01
C GLY A 41 -8.49 -8.79 8.21
N GLN A 42 -8.47 -8.93 6.88
CA GLN A 42 -7.75 -8.13 5.88
C GLN A 42 -8.13 -6.66 5.80
N SER A 43 -9.01 -6.22 6.68
CA SER A 43 -9.84 -5.06 6.47
C SER A 43 -9.95 -4.32 7.80
N ARG A 44 -9.26 -3.18 7.94
CA ARG A 44 -9.12 -2.45 9.20
C ARG A 44 -9.14 -0.92 9.00
N GLY A 45 -9.56 -0.43 7.84
CA GLY A 45 -9.51 0.98 7.46
C GLY A 45 -8.15 1.41 6.93
N PHE A 46 -7.29 0.43 6.70
CA PHE A 46 -6.02 0.52 6.01
C PHE A 46 -5.81 -0.81 5.28
N ALA A 47 -4.86 -0.81 4.35
CA ALA A 47 -4.44 -1.93 3.52
C ALA A 47 -2.93 -2.08 3.56
N PHE A 48 -2.41 -3.16 2.99
CA PHE A 48 -1.02 -3.29 2.59
C PHE A 48 -0.97 -3.61 1.10
N VAL A 49 0.14 -3.27 0.46
CA VAL A 49 0.54 -3.70 -0.88
C VAL A 49 2.02 -4.03 -0.74
N GLU A 50 2.45 -5.21 -1.20
CA GLU A 50 3.84 -5.62 -1.23
C GLU A 50 4.41 -5.54 -2.65
N PHE A 51 5.73 -5.35 -2.73
CA PHE A 51 6.43 -5.06 -3.97
C PHE A 51 7.64 -5.96 -4.02
N SER A 52 7.64 -6.98 -4.87
CA SER A 52 8.70 -7.98 -4.88
C SER A 52 10.07 -7.34 -5.15
N HIS A 53 10.11 -6.25 -5.94
CA HIS A 53 11.29 -5.43 -6.15
C HIS A 53 11.24 -4.26 -5.17
N LEU A 54 12.37 -3.94 -4.56
CA LEU A 54 12.51 -2.84 -3.60
C LEU A 54 12.11 -1.52 -4.27
N GLN A 55 12.57 -1.28 -5.50
CA GLN A 55 12.31 -0.04 -6.22
C GLN A 55 10.81 0.26 -6.32
N ASP A 56 9.98 -0.76 -6.55
CA ASP A 56 8.57 -0.58 -6.90
C ASP A 56 7.78 -0.02 -5.73
N ALA A 57 8.24 -0.27 -4.51
CA ALA A 57 7.61 0.20 -3.29
C ALA A 57 7.64 1.73 -3.30
N THR A 58 8.84 2.25 -3.58
CA THR A 58 9.16 3.66 -3.63
C THR A 58 8.53 4.28 -4.88
N ARG A 59 8.59 3.60 -6.02
CA ARG A 59 8.18 4.16 -7.29
C ARG A 59 6.67 4.37 -7.36
N TRP A 60 5.92 3.69 -6.50
CA TRP A 60 4.52 4.04 -6.28
C TRP A 60 4.38 5.28 -5.39
N MET A 61 5.05 5.33 -4.25
CA MET A 61 5.04 6.41 -3.27
C MET A 61 5.38 7.77 -3.92
N GLU A 62 6.56 7.86 -4.52
CA GLU A 62 7.11 9.06 -5.13
C GLU A 62 6.22 9.56 -6.27
N ALA A 63 5.52 8.64 -6.95
CA ALA A 63 4.65 8.95 -8.08
C ALA A 63 3.31 9.53 -7.66
N ASN A 64 3.00 9.42 -6.38
CA ASN A 64 1.72 9.81 -5.82
C ASN A 64 1.90 10.88 -4.76
N GLN A 65 3.13 11.35 -4.51
CA GLN A 65 3.42 12.41 -3.54
C GLN A 65 2.89 11.98 -2.17
N HIS A 66 3.01 10.68 -1.87
CA HIS A 66 2.58 10.07 -0.61
C HIS A 66 1.08 10.26 -0.28
N SER A 67 0.19 10.51 -1.25
CA SER A 67 -1.25 10.66 -1.08
C SER A 67 -1.97 9.93 -2.21
N LEU A 68 -3.18 9.41 -1.97
CA LEU A 68 -4.08 8.90 -3.02
C LEU A 68 -5.50 9.41 -2.78
N ASN A 69 -6.42 9.17 -3.72
CA ASN A 69 -7.81 9.59 -3.56
C ASN A 69 -8.76 8.59 -4.19
N ILE A 70 -9.43 7.75 -3.39
CA ILE A 70 -10.25 6.65 -3.90
C ILE A 70 -11.64 6.76 -3.24
N LEU A 71 -12.70 6.64 -4.06
CA LEU A 71 -14.08 6.96 -3.70
C LEU A 71 -14.18 8.36 -3.07
N GLY A 72 -13.24 9.26 -3.40
CA GLY A 72 -13.16 10.62 -2.91
C GLY A 72 -12.42 10.75 -1.56
N GLN A 73 -12.13 9.67 -0.84
CA GLN A 73 -11.45 9.74 0.45
C GLN A 73 -9.97 10.03 0.19
N LYS A 74 -9.40 10.96 0.94
CA LYS A 74 -8.03 11.44 0.83
C LYS A 74 -7.14 10.55 1.69
N VAL A 75 -6.59 9.52 1.05
CA VAL A 75 -5.76 8.48 1.64
C VAL A 75 -4.34 9.03 1.85
N SER A 76 -3.59 8.47 2.80
CA SER A 76 -2.17 8.70 3.01
C SER A 76 -1.44 7.37 2.91
N MET A 77 -0.53 7.21 1.94
CA MET A 77 0.35 6.04 1.87
C MET A 77 1.58 6.26 2.75
N HIS A 78 2.12 5.17 3.29
CA HIS A 78 3.28 5.15 4.16
C HIS A 78 4.15 3.93 3.86
N TYR A 79 5.47 4.08 4.01
CA TYR A 79 6.40 2.98 4.14
C TYR A 79 6.05 2.21 5.42
N SER A 80 5.87 0.89 5.36
CA SER A 80 5.57 0.07 6.55
C SER A 80 6.26 -1.28 6.41
N ASP A 81 7.57 -1.24 6.16
CA ASP A 81 8.44 -2.41 5.98
C ASP A 81 8.21 -3.51 7.01
N PRO A 82 8.34 -4.78 6.60
CA PRO A 82 8.01 -5.91 7.46
C PRO A 82 9.00 -5.99 8.62
N LYS A 83 10.28 -5.66 8.35
CA LYS A 83 11.34 -5.63 9.34
C LYS A 83 12.25 -4.41 9.10
N PRO A 84 12.98 -3.97 10.12
CA PRO A 84 13.98 -2.93 9.98
C PRO A 84 15.20 -3.47 9.23
N LYS A 85 15.30 -3.18 7.92
CA LYS A 85 16.47 -3.54 7.09
C LYS A 85 17.37 -2.31 6.85
N ILE A 86 17.42 -1.38 7.79
CA ILE A 86 18.33 -0.24 7.81
C ILE A 86 19.76 -0.75 8.05
N ASN A 87 20.77 0.10 7.85
CA ASN A 87 22.13 -0.12 8.33
C ASN A 87 22.34 0.73 9.59
N GLU A 88 23.25 0.30 10.47
CA GLU A 88 23.73 0.96 11.69
C GLU A 88 22.59 1.56 12.52
N ASP A 89 21.71 0.71 13.05
CA ASP A 89 20.56 1.13 13.85
C ASP A 89 20.99 1.61 15.23
N TRP A 90 21.94 0.92 15.84
CA TRP A 90 22.36 1.09 17.23
C TRP A 90 23.49 2.13 17.37
N LEU A 91 23.88 2.73 16.25
CA LEU A 91 24.81 3.85 16.20
C LEU A 91 24.00 5.06 16.61
N SER A 1 12.70 3.69 1.31
CA SER A 1 11.25 3.48 1.39
C SER A 1 10.78 2.28 0.55
N ASN A 2 10.51 2.39 -0.76
CA ASN A 2 9.87 1.40 -1.62
C ASN A 2 8.54 0.92 -1.08
N ILE A 3 7.89 1.68 -0.20
CA ILE A 3 6.71 1.28 0.55
C ILE A 3 5.83 2.52 0.60
N VAL A 4 4.53 2.34 0.43
CA VAL A 4 3.50 3.36 0.53
C VAL A 4 2.43 2.87 1.50
N MET A 5 2.33 3.57 2.62
CA MET A 5 1.16 3.58 3.49
C MET A 5 0.06 4.35 2.75
N LEU A 6 -1.01 3.67 2.34
CA LEU A 6 -2.21 4.33 1.83
C LEU A 6 -3.14 4.62 2.99
N ARG A 7 -3.03 5.76 3.64
CA ARG A 7 -3.98 6.11 4.71
C ARG A 7 -5.34 6.48 4.10
N MET A 8 -6.40 6.28 4.88
CA MET A 8 -7.76 6.76 4.63
C MET A 8 -8.48 5.95 3.54
N LEU A 9 -8.11 4.68 3.36
CA LEU A 9 -8.91 3.71 2.63
C LEU A 9 -10.28 3.56 3.33
N PRO A 10 -11.32 3.21 2.58
CA PRO A 10 -12.55 2.70 3.14
C PRO A 10 -12.31 1.30 3.73
N GLN A 11 -13.29 0.79 4.47
CA GLN A 11 -13.27 -0.61 4.89
C GLN A 11 -13.61 -1.54 3.74
N ALA A 12 -14.40 -1.08 2.77
CA ALA A 12 -14.85 -1.89 1.64
C ALA A 12 -13.78 -2.05 0.57
N ALA A 13 -12.64 -1.37 0.68
CA ALA A 13 -11.49 -1.54 -0.19
C ALA A 13 -11.04 -3.00 -0.22
N THR A 14 -10.53 -3.48 -1.36
CA THR A 14 -9.82 -4.75 -1.40
C THR A 14 -8.36 -4.49 -1.79
N GLU A 15 -7.56 -5.54 -1.72
CA GLU A 15 -6.19 -5.55 -2.19
C GLU A 15 -6.18 -5.39 -3.71
N ASP A 16 -7.14 -6.01 -4.40
CA ASP A 16 -7.10 -6.11 -5.86
C ASP A 16 -7.41 -4.77 -6.52
N ASP A 17 -8.23 -3.98 -5.82
CA ASP A 17 -8.57 -2.60 -6.10
C ASP A 17 -7.29 -1.79 -6.33
N ILE A 18 -6.30 -2.02 -5.46
CA ILE A 18 -5.05 -1.30 -5.42
C ILE A 18 -4.09 -1.89 -6.45
N ARG A 19 -4.10 -3.21 -6.67
CA ARG A 19 -3.29 -3.84 -7.73
C ARG A 19 -3.64 -3.20 -9.07
N GLY A 20 -4.92 -2.95 -9.31
CA GLY A 20 -5.38 -2.24 -10.48
C GLY A 20 -4.86 -0.80 -10.54
N GLN A 21 -4.86 -0.08 -9.42
CA GLN A 21 -4.45 1.32 -9.37
C GLN A 21 -2.97 1.48 -9.68
N LEU A 22 -2.16 0.50 -9.31
CA LEU A 22 -0.74 0.47 -9.58
C LEU A 22 -0.53 0.32 -11.07
N GLN A 23 -1.10 -0.75 -11.64
CA GLN A 23 -0.97 -1.03 -13.05
C GLN A 23 -1.66 0.02 -13.91
N SER A 24 -2.60 0.82 -13.40
CA SER A 24 -3.11 1.97 -14.13
C SER A 24 -1.95 2.91 -14.53
N HIS A 25 -0.94 3.10 -13.67
CA HIS A 25 0.26 3.89 -13.99
C HIS A 25 1.44 3.01 -14.45
N GLY A 26 1.25 1.70 -14.53
CA GLY A 26 2.23 0.76 -15.04
C GLY A 26 3.16 0.24 -13.94
N VAL A 27 2.81 0.49 -12.68
CA VAL A 27 3.61 0.12 -11.53
C VAL A 27 3.05 -1.20 -11.01
N GLN A 28 3.84 -1.94 -10.24
CA GLN A 28 3.46 -3.24 -9.74
C GLN A 28 3.54 -3.21 -8.23
N ALA A 29 2.61 -3.88 -7.56
CA ALA A 29 2.80 -4.34 -6.22
C ALA A 29 3.54 -5.65 -6.27
N ARG A 30 4.83 -5.61 -5.94
CA ARG A 30 5.57 -6.82 -5.67
C ARG A 30 5.07 -7.42 -4.36
N GLU A 31 4.76 -6.59 -3.36
CA GLU A 31 4.21 -7.05 -2.10
C GLU A 31 3.16 -6.04 -1.67
N VAL A 32 2.16 -6.45 -0.89
CA VAL A 32 1.09 -5.55 -0.46
C VAL A 32 0.24 -6.24 0.60
N ARG A 33 -0.11 -5.49 1.64
CA ARG A 33 -0.83 -5.94 2.83
C ARG A 33 -2.12 -5.12 2.92
N LEU A 34 -3.18 -5.53 2.22
CA LEU A 34 -4.53 -5.03 2.46
C LEU A 34 -5.47 -6.23 2.60
N MET A 35 -5.65 -6.78 3.79
CA MET A 35 -6.84 -7.52 4.17
C MET A 35 -6.87 -7.79 5.68
N ARG A 36 -8.06 -7.71 6.28
CA ARG A 36 -8.29 -7.83 7.73
C ARG A 36 -7.56 -9.04 8.28
N ASN A 37 -6.54 -8.82 9.10
CA ASN A 37 -5.68 -9.84 9.63
C ASN A 37 -4.93 -9.38 10.87
N LYS A 38 -5.35 -9.89 12.04
CA LYS A 38 -4.71 -9.67 13.33
C LYS A 38 -3.32 -10.31 13.51
N SER A 39 -2.81 -10.97 12.48
CA SER A 39 -1.53 -11.69 12.48
C SER A 39 -0.46 -10.97 11.63
N SER A 40 -0.82 -9.85 11.00
CA SER A 40 0.11 -8.96 10.31
C SER A 40 -0.14 -7.52 10.75
N GLY A 41 -1.43 -7.15 10.91
CA GLY A 41 -1.84 -5.78 11.16
C GLY A 41 -1.94 -5.08 9.84
N GLN A 42 -2.73 -5.67 8.93
CA GLN A 42 -3.15 -5.02 7.70
C GLN A 42 -4.47 -4.28 7.91
N SER A 43 -5.04 -3.67 6.85
CA SER A 43 -6.43 -3.24 6.85
C SER A 43 -6.66 -2.09 7.86
N ARG A 44 -7.87 -1.94 8.40
CA ARG A 44 -8.32 -0.91 9.34
C ARG A 44 -8.53 0.44 8.68
N GLY A 45 -8.26 0.58 7.39
CA GLY A 45 -8.31 1.86 6.71
C GLY A 45 -7.00 2.20 6.02
N PHE A 46 -6.06 1.25 5.90
CA PHE A 46 -4.87 1.43 5.10
C PHE A 46 -4.32 0.09 4.62
N ALA A 47 -3.50 0.15 3.58
CA ALA A 47 -2.61 -0.87 3.06
C ALA A 47 -1.17 -0.43 3.32
N PHE A 48 -0.23 -1.38 3.22
CA PHE A 48 1.17 -1.14 2.92
C PHE A 48 1.39 -1.73 1.54
N VAL A 49 1.89 -0.95 0.58
CA VAL A 49 2.02 -1.30 -0.82
C VAL A 49 3.52 -1.17 -1.12
N GLU A 50 4.21 -2.27 -1.44
CA GLU A 50 5.66 -2.34 -1.46
C GLU A 50 6.17 -2.70 -2.85
N PHE A 51 7.22 -2.02 -3.29
CA PHE A 51 7.71 -2.08 -4.66
C PHE A 51 9.06 -2.76 -4.65
N SER A 52 9.33 -3.65 -5.61
CA SER A 52 10.67 -4.26 -5.70
C SER A 52 11.71 -3.24 -6.17
N HIS A 53 11.27 -2.09 -6.69
CA HIS A 53 12.12 -1.03 -7.20
C HIS A 53 11.73 0.21 -6.43
N LEU A 54 12.66 0.81 -5.66
CA LEU A 54 12.37 2.06 -4.96
C LEU A 54 11.93 3.16 -5.91
N GLN A 55 12.46 3.16 -7.14
CA GLN A 55 12.06 4.05 -8.23
C GLN A 55 10.56 3.95 -8.49
N ASP A 56 9.97 2.76 -8.38
CA ASP A 56 8.55 2.56 -8.68
C ASP A 56 7.67 3.11 -7.58
N ALA A 57 8.19 3.28 -6.35
CA ALA A 57 7.41 3.89 -5.29
C ALA A 57 7.19 5.34 -5.68
N THR A 58 8.28 6.06 -5.95
CA THR A 58 8.23 7.45 -6.33
C THR A 58 7.47 7.64 -7.64
N ARG A 59 7.52 6.68 -8.57
CA ARG A 59 6.78 6.74 -9.83
C ARG A 59 5.30 6.88 -9.53
N TRP A 60 4.75 5.92 -8.77
CA TRP A 60 3.33 5.92 -8.46
C TRP A 60 2.94 7.20 -7.71
N MET A 61 3.76 7.59 -6.73
CA MET A 61 3.56 8.77 -5.89
C MET A 61 3.44 10.03 -6.75
N GLU A 62 4.46 10.34 -7.55
CA GLU A 62 4.56 11.60 -8.28
C GLU A 62 3.57 11.65 -9.43
N ALA A 63 3.16 10.50 -9.97
CA ALA A 63 2.15 10.43 -11.04
C ALA A 63 0.77 10.72 -10.48
N ASN A 64 0.59 10.53 -9.17
CA ASN A 64 -0.66 10.75 -8.48
C ASN A 64 -0.59 11.98 -7.57
N GLN A 65 0.53 12.69 -7.57
CA GLN A 65 0.71 13.93 -6.81
C GLN A 65 0.55 13.68 -5.31
N HIS A 66 0.75 12.43 -4.87
CA HIS A 66 0.58 11.96 -3.49
C HIS A 66 -0.89 11.86 -3.02
N SER A 67 -1.88 11.85 -3.92
CA SER A 67 -3.29 11.71 -3.57
C SER A 67 -3.96 10.73 -4.54
N LEU A 68 -4.72 9.77 -4.02
CA LEU A 68 -5.55 8.84 -4.80
C LEU A 68 -7.00 8.89 -4.34
N ASN A 69 -7.88 8.20 -5.07
CA ASN A 69 -9.32 8.28 -4.87
C ASN A 69 -9.91 6.93 -5.17
N ILE A 70 -10.29 6.19 -4.12
CA ILE A 70 -10.55 4.76 -4.18
C ILE A 70 -11.91 4.57 -3.54
N LEU A 71 -12.89 4.10 -4.32
CA LEU A 71 -14.30 4.00 -3.95
C LEU A 71 -14.84 5.37 -3.51
N GLY A 72 -14.22 6.46 -3.98
CA GLY A 72 -14.62 7.82 -3.68
C GLY A 72 -13.93 8.42 -2.44
N GLN A 73 -13.26 7.60 -1.62
CA GLN A 73 -12.55 8.08 -0.45
C GLN A 73 -11.30 8.84 -0.91
N LYS A 74 -11.03 9.96 -0.24
CA LYS A 74 -9.79 10.69 -0.42
C LYS A 74 -8.71 9.91 0.31
N VAL A 75 -7.78 9.32 -0.43
CA VAL A 75 -6.70 8.51 0.12
C VAL A 75 -5.40 9.32 0.06
N SER A 76 -4.57 9.19 1.09
CA SER A 76 -3.28 9.85 1.17
C SER A 76 -2.20 8.78 1.21
N MET A 77 -1.38 8.72 0.16
CA MET A 77 -0.16 7.92 0.16
C MET A 77 0.91 8.68 0.92
N HIS A 78 1.71 7.95 1.68
CA HIS A 78 2.90 8.41 2.37
C HIS A 78 3.91 7.28 2.26
N TYR A 79 5.19 7.57 2.11
CA TYR A 79 6.19 6.52 2.19
C TYR A 79 6.17 5.89 3.59
N SER A 80 6.68 4.68 3.71
CA SER A 80 7.11 4.12 5.00
C SER A 80 8.30 3.20 4.76
N ASP A 81 8.54 2.30 5.71
CA ASP A 81 9.65 1.38 5.82
C ASP A 81 9.12 -0.03 6.14
N PRO A 82 9.92 -1.10 5.99
CA PRO A 82 9.40 -2.47 6.03
C PRO A 82 9.03 -2.94 7.43
N LYS A 83 9.71 -2.41 8.45
CA LYS A 83 9.81 -2.85 9.84
C LYS A 83 10.26 -4.30 10.01
N PRO A 84 10.85 -4.63 11.17
CA PRO A 84 10.97 -5.99 11.61
C PRO A 84 9.58 -6.50 11.96
N LYS A 85 9.01 -7.28 11.04
CA LYS A 85 7.70 -7.93 11.14
C LYS A 85 7.82 -9.45 11.06
N ILE A 86 9.03 -9.93 11.24
CA ILE A 86 9.28 -11.32 11.52
C ILE A 86 8.69 -11.58 12.89
N ASN A 87 8.02 -12.71 13.01
CA ASN A 87 7.46 -13.16 14.27
C ASN A 87 8.50 -13.57 15.30
N GLU A 88 9.76 -13.58 14.92
CA GLU A 88 10.92 -13.93 15.71
C GLU A 88 12.05 -13.01 15.29
N ASP A 89 12.60 -12.26 16.24
CA ASP A 89 13.68 -11.30 16.04
C ASP A 89 15.06 -11.95 16.22
N TRP A 90 15.12 -13.26 16.42
CA TRP A 90 16.32 -14.03 16.74
C TRP A 90 16.43 -15.33 15.93
N LEU A 91 15.52 -15.54 14.96
CA LEU A 91 15.51 -16.73 14.11
C LEU A 91 16.23 -16.41 12.82
N SER A 1 12.70 2.70 0.43
CA SER A 1 11.30 2.33 0.68
C SER A 1 10.83 1.27 -0.31
N ASN A 2 10.57 1.60 -1.59
CA ASN A 2 9.92 0.73 -2.58
C ASN A 2 8.74 0.01 -1.96
N ILE A 3 8.04 0.76 -1.10
CA ILE A 3 6.82 0.44 -0.43
C ILE A 3 6.02 1.70 -0.59
N VAL A 4 4.72 1.56 -0.81
CA VAL A 4 3.82 2.67 -0.67
C VAL A 4 2.85 2.21 0.41
N MET A 5 2.75 2.99 1.48
CA MET A 5 1.94 2.70 2.64
C MET A 5 0.76 3.66 2.56
N LEU A 6 -0.45 3.11 2.43
CA LEU A 6 -1.66 3.84 2.03
C LEU A 6 -2.50 4.03 3.28
N ARG A 7 -2.39 5.16 3.99
CA ARG A 7 -3.19 5.45 5.17
C ARG A 7 -4.60 5.86 4.78
N MET A 8 -5.52 5.78 5.74
CA MET A 8 -6.92 6.21 5.66
C MET A 8 -7.77 5.30 4.77
N LEU A 9 -7.34 4.05 4.56
CA LEU A 9 -8.01 3.14 3.67
C LEU A 9 -9.38 2.75 4.24
N PRO A 10 -10.40 2.59 3.38
CA PRO A 10 -11.72 2.19 3.83
C PRO A 10 -11.75 0.72 4.18
N GLN A 11 -12.73 0.37 5.00
CA GLN A 11 -12.99 -0.98 5.46
C GLN A 11 -13.68 -1.82 4.35
N ALA A 12 -13.92 -1.25 3.16
CA ALA A 12 -14.57 -1.91 2.03
C ALA A 12 -13.63 -2.21 0.86
N ALA A 13 -12.48 -1.52 0.73
CA ALA A 13 -11.56 -1.71 -0.40
C ALA A 13 -10.95 -3.12 -0.36
N THR A 14 -10.36 -3.55 -1.48
CA THR A 14 -9.79 -4.88 -1.66
C THR A 14 -8.36 -4.81 -2.18
N GLU A 15 -7.68 -5.96 -2.14
CA GLU A 15 -6.37 -6.19 -2.73
C GLU A 15 -6.34 -5.71 -4.17
N ASP A 16 -7.39 -6.07 -4.92
CA ASP A 16 -7.47 -5.81 -6.34
C ASP A 16 -7.79 -4.36 -6.65
N ASP A 17 -8.42 -3.65 -5.70
CA ASP A 17 -8.66 -2.21 -5.76
C ASP A 17 -7.33 -1.47 -5.90
N ILE A 18 -6.38 -1.80 -5.03
CA ILE A 18 -5.04 -1.22 -5.07
C ILE A 18 -4.36 -1.61 -6.39
N ARG A 19 -4.41 -2.89 -6.78
CA ARG A 19 -3.79 -3.34 -8.03
C ARG A 19 -4.36 -2.59 -9.24
N GLY A 20 -5.67 -2.31 -9.26
CA GLY A 20 -6.31 -1.51 -10.30
C GLY A 20 -5.81 -0.07 -10.26
N GLN A 21 -5.60 0.51 -9.07
CA GLN A 21 -5.03 1.85 -8.89
C GLN A 21 -3.56 1.92 -9.30
N LEU A 22 -2.92 0.79 -9.64
CA LEU A 22 -1.51 0.74 -10.03
C LEU A 22 -1.37 0.61 -11.54
N GLN A 23 -2.15 -0.27 -12.18
CA GLN A 23 -2.04 -0.55 -13.60
C GLN A 23 -1.94 0.73 -14.43
N SER A 24 -2.82 1.70 -14.17
CA SER A 24 -2.97 2.89 -14.98
C SER A 24 -2.06 4.04 -14.53
N HIS A 25 -1.07 3.79 -13.65
CA HIS A 25 0.03 4.72 -13.43
C HIS A 25 1.34 4.17 -13.97
N GLY A 26 1.40 2.92 -14.40
CA GLY A 26 2.56 2.30 -15.03
C GLY A 26 3.20 1.33 -14.05
N VAL A 27 2.45 0.94 -13.02
CA VAL A 27 2.91 0.16 -11.90
C VAL A 27 2.06 -1.10 -11.79
N GLN A 28 2.58 -2.07 -11.03
CA GLN A 28 2.31 -3.48 -11.30
C GLN A 28 2.01 -4.30 -10.06
N ALA A 29 2.34 -3.73 -8.90
CA ALA A 29 2.35 -4.33 -7.58
C ALA A 29 2.98 -5.72 -7.52
N ARG A 30 4.28 -5.78 -7.23
CA ARG A 30 4.96 -7.06 -7.16
C ARG A 30 4.64 -7.81 -5.85
N GLU A 31 4.30 -7.12 -4.76
CA GLU A 31 3.94 -7.77 -3.50
C GLU A 31 2.95 -6.86 -2.77
N VAL A 32 1.90 -7.42 -2.15
CA VAL A 32 0.79 -6.59 -1.65
C VAL A 32 0.26 -7.09 -0.30
N ARG A 33 -0.20 -6.19 0.60
CA ARG A 33 -0.73 -6.53 1.92
C ARG A 33 -1.91 -5.59 2.25
N LEU A 34 -3.07 -5.82 1.62
CA LEU A 34 -4.32 -5.13 1.95
C LEU A 34 -5.02 -5.84 3.11
N MET A 35 -5.90 -5.10 3.78
CA MET A 35 -6.88 -5.44 4.81
C MET A 35 -7.70 -6.71 4.52
N ARG A 36 -7.10 -7.89 4.70
CA ARG A 36 -7.76 -9.18 4.44
C ARG A 36 -7.55 -10.08 5.64
N ASN A 37 -6.31 -10.49 5.91
CA ASN A 37 -5.95 -11.35 7.01
C ASN A 37 -6.25 -10.63 8.30
N LYS A 38 -7.17 -11.20 9.06
CA LYS A 38 -7.47 -10.77 10.42
C LYS A 38 -6.56 -11.40 11.47
N SER A 39 -5.94 -12.54 11.21
CA SER A 39 -5.13 -13.24 12.21
C SER A 39 -3.68 -12.73 12.22
N SER A 40 -3.18 -12.15 11.12
CA SER A 40 -1.84 -11.57 11.07
C SER A 40 -1.83 -10.17 11.68
N GLY A 41 -2.57 -9.23 11.07
CA GLY A 41 -2.42 -7.80 11.35
C GLY A 41 -2.32 -6.96 10.09
N GLN A 42 -2.42 -7.58 8.91
CA GLN A 42 -2.48 -6.92 7.60
C GLN A 42 -3.80 -6.17 7.39
N SER A 43 -4.58 -5.94 8.45
CA SER A 43 -5.87 -5.27 8.45
C SER A 43 -5.97 -4.23 9.57
N ARG A 44 -5.75 -2.95 9.22
CA ARG A 44 -5.70 -1.84 10.17
C ARG A 44 -6.11 -0.47 9.59
N GLY A 45 -6.72 -0.40 8.40
CA GLY A 45 -7.11 0.88 7.80
C GLY A 45 -5.95 1.52 7.04
N PHE A 46 -4.97 0.71 6.66
CA PHE A 46 -3.96 1.06 5.68
C PHE A 46 -3.64 -0.18 4.85
N ALA A 47 -2.70 -0.06 3.91
CA ALA A 47 -2.05 -1.20 3.28
C ALA A 47 -0.57 -0.88 3.14
N PHE A 48 0.22 -1.90 2.81
CA PHE A 48 1.62 -1.80 2.40
C PHE A 48 1.67 -2.50 1.05
N VAL A 49 1.83 -1.76 -0.03
CA VAL A 49 2.24 -2.32 -1.30
C VAL A 49 3.77 -2.30 -1.33
N GLU A 50 4.42 -3.23 -2.03
CA GLU A 50 5.86 -3.36 -2.20
C GLU A 50 6.13 -3.39 -3.69
N PHE A 51 7.01 -2.52 -4.18
CA PHE A 51 7.37 -2.44 -5.57
C PHE A 51 8.77 -3.01 -5.75
N SER A 52 9.04 -3.57 -6.93
CA SER A 52 10.37 -4.04 -7.27
C SER A 52 11.36 -2.90 -7.54
N HIS A 53 10.91 -1.67 -7.78
CA HIS A 53 11.78 -0.58 -8.19
C HIS A 53 11.50 0.68 -7.38
N LEU A 54 12.57 1.35 -6.97
CA LEU A 54 12.49 2.64 -6.30
C LEU A 54 11.93 3.72 -7.22
N GLN A 55 12.08 3.60 -8.55
CA GLN A 55 11.45 4.54 -9.48
C GLN A 55 9.93 4.34 -9.52
N ASP A 56 9.45 3.10 -9.35
CA ASP A 56 8.04 2.77 -9.43
C ASP A 56 7.32 3.52 -8.31
N ALA A 57 7.98 3.65 -7.15
CA ALA A 57 7.40 4.23 -5.94
C ALA A 57 7.00 5.67 -6.24
N THR A 58 7.91 6.45 -6.80
CA THR A 58 7.60 7.83 -7.17
C THR A 58 6.61 7.88 -8.33
N ARG A 59 6.75 6.99 -9.33
CA ARG A 59 5.90 7.00 -10.51
C ARG A 59 4.44 6.88 -10.11
N TRP A 60 4.13 6.10 -9.09
CA TRP A 60 2.83 6.14 -8.46
C TRP A 60 2.67 7.46 -7.71
N MET A 61 3.43 7.69 -6.63
CA MET A 61 3.10 8.70 -5.63
C MET A 61 2.92 10.10 -6.21
N GLU A 62 3.89 10.58 -7.00
CA GLU A 62 3.86 11.90 -7.60
C GLU A 62 2.62 12.05 -8.48
N ALA A 63 2.28 10.98 -9.21
CA ALA A 63 1.22 10.97 -10.21
C ALA A 63 -0.19 10.98 -9.60
N ASN A 64 -0.32 10.95 -8.26
CA ASN A 64 -1.56 11.21 -7.54
C ASN A 64 -1.45 12.33 -6.51
N GLN A 65 -0.34 13.07 -6.51
CA GLN A 65 -0.13 14.20 -5.59
C GLN A 65 -0.15 13.71 -4.14
N HIS A 66 0.31 12.47 -3.93
CA HIS A 66 0.25 11.76 -2.65
C HIS A 66 -1.17 11.49 -2.12
N SER A 67 -2.25 11.73 -2.88
CA SER A 67 -3.63 11.51 -2.45
C SER A 67 -4.40 10.69 -3.46
N LEU A 68 -4.62 9.40 -3.15
CA LEU A 68 -5.50 8.52 -3.93
C LEU A 68 -6.95 8.70 -3.44
N ASN A 69 -7.88 8.06 -4.15
CA ASN A 69 -9.30 8.13 -3.79
C ASN A 69 -9.96 6.81 -4.14
N ILE A 70 -10.15 5.93 -3.15
CA ILE A 70 -10.70 4.60 -3.35
C ILE A 70 -12.04 4.52 -2.65
N LEU A 71 -13.04 4.06 -3.40
CA LEU A 71 -14.45 3.96 -3.00
C LEU A 71 -14.92 5.27 -2.41
N GLY A 72 -14.41 6.40 -2.91
CA GLY A 72 -14.76 7.74 -2.49
C GLY A 72 -14.00 8.26 -1.28
N GLN A 73 -13.27 7.43 -0.52
CA GLN A 73 -12.55 7.87 0.65
C GLN A 73 -11.25 8.52 0.20
N LYS A 74 -10.85 9.61 0.86
CA LYS A 74 -9.52 10.16 0.71
C LYS A 74 -8.56 9.12 1.29
N VAL A 75 -7.43 8.95 0.62
CA VAL A 75 -6.33 8.11 1.08
C VAL A 75 -5.09 9.00 1.02
N SER A 76 -4.08 8.73 1.85
CA SER A 76 -2.79 9.41 1.75
C SER A 76 -1.66 8.38 1.69
N MET A 77 -0.66 8.61 0.85
CA MET A 77 0.47 7.68 0.70
C MET A 77 1.75 8.20 1.34
N HIS A 78 2.57 7.24 1.77
CA HIS A 78 3.76 7.41 2.57
C HIS A 78 4.77 6.38 2.07
N TYR A 79 6.00 6.77 1.75
CA TYR A 79 7.12 5.86 1.73
C TYR A 79 7.23 5.25 3.13
N SER A 80 7.44 3.95 3.24
CA SER A 80 7.71 3.23 4.48
C SER A 80 8.73 2.14 4.17
N ASP A 81 9.27 1.46 5.17
CA ASP A 81 10.37 0.52 4.98
C ASP A 81 9.97 -0.79 5.65
N PRO A 82 10.45 -1.96 5.17
CA PRO A 82 9.83 -3.24 5.48
C PRO A 82 10.00 -3.73 6.92
N LYS A 83 11.06 -3.28 7.60
CA LYS A 83 11.60 -3.70 8.91
C LYS A 83 12.03 -5.17 8.94
N PRO A 84 12.84 -5.59 9.94
CA PRO A 84 13.06 -7.00 10.22
C PRO A 84 11.78 -7.57 10.83
N LYS A 85 11.02 -8.32 10.02
CA LYS A 85 9.68 -8.77 10.40
C LYS A 85 9.76 -10.12 11.10
N ILE A 86 10.43 -10.10 12.23
CA ILE A 86 10.67 -11.28 13.05
C ILE A 86 9.55 -11.34 14.09
N ASN A 87 9.41 -12.49 14.74
CA ASN A 87 8.69 -12.61 15.99
C ASN A 87 9.64 -12.15 17.09
N GLU A 88 9.13 -11.33 18.01
CA GLU A 88 9.64 -11.09 19.37
C GLU A 88 11.14 -10.92 19.39
N ASP A 89 11.59 -9.96 18.61
CA ASP A 89 12.98 -9.75 18.25
C ASP A 89 13.80 -9.08 19.35
N TRP A 90 13.09 -8.69 20.41
CA TRP A 90 13.57 -8.02 21.62
C TRP A 90 13.20 -8.81 22.88
N LEU A 91 12.71 -10.05 22.72
CA LEU A 91 12.70 -11.04 23.78
C LEU A 91 14.07 -11.67 23.73
N SER A 1 12.22 3.03 -0.76
CA SER A 1 11.40 1.98 -0.15
C SER A 1 10.53 1.26 -1.17
N ASN A 2 9.86 0.17 -0.78
CA ASN A 2 9.10 -0.72 -1.66
C ASN A 2 7.75 -1.08 -1.02
N ILE A 3 7.24 -0.26 -0.08
CA ILE A 3 5.87 -0.38 0.41
C ILE A 3 5.21 0.98 0.24
N VAL A 4 3.95 0.98 -0.21
CA VAL A 4 3.13 2.17 -0.34
C VAL A 4 1.86 1.97 0.52
N MET A 5 2.05 2.03 1.84
CA MET A 5 0.97 1.83 2.80
C MET A 5 0.07 3.06 2.75
N LEU A 6 -1.20 2.93 3.12
CA LEU A 6 -2.25 3.92 2.85
C LEU A 6 -3.11 4.14 4.10
N ARG A 7 -3.01 5.29 4.79
CA ARG A 7 -3.54 5.47 6.17
C ARG A 7 -4.98 5.93 6.24
N MET A 8 -5.59 6.17 5.08
CA MET A 8 -6.88 6.83 4.95
C MET A 8 -7.74 6.09 3.94
N LEU A 9 -8.06 4.82 4.23
CA LEU A 9 -8.83 3.98 3.31
C LEU A 9 -10.30 3.87 3.74
N PRO A 10 -11.23 3.81 2.78
CA PRO A 10 -12.63 3.45 3.04
C PRO A 10 -12.79 1.98 3.41
N GLN A 11 -13.80 1.70 4.23
CA GLN A 11 -14.24 0.39 4.70
C GLN A 11 -15.04 -0.37 3.62
N ALA A 12 -15.02 0.09 2.36
CA ALA A 12 -15.71 -0.55 1.25
C ALA A 12 -14.79 -0.80 0.04
N ALA A 13 -13.60 -0.20 -0.03
CA ALA A 13 -12.64 -0.51 -1.09
C ALA A 13 -12.20 -1.97 -0.96
N THR A 14 -11.80 -2.59 -2.08
CA THR A 14 -11.29 -3.94 -2.11
C THR A 14 -9.78 -3.93 -2.34
N GLU A 15 -9.12 -5.06 -2.11
CA GLU A 15 -7.71 -5.19 -2.46
C GLU A 15 -7.52 -4.95 -3.97
N ASP A 16 -8.54 -5.38 -4.72
CA ASP A 16 -8.67 -5.31 -6.17
C ASP A 16 -8.71 -3.87 -6.66
N ASP A 17 -9.32 -2.95 -5.89
CA ASP A 17 -9.35 -1.53 -6.21
C ASP A 17 -7.92 -1.02 -6.30
N ILE A 18 -7.08 -1.33 -5.31
CA ILE A 18 -5.70 -0.85 -5.33
C ILE A 18 -4.91 -1.60 -6.41
N ARG A 19 -5.12 -2.91 -6.59
CA ARG A 19 -4.46 -3.66 -7.67
C ARG A 19 -4.73 -2.95 -9.02
N GLY A 20 -5.91 -2.37 -9.19
CA GLY A 20 -6.33 -1.64 -10.39
C GLY A 20 -6.26 -0.12 -10.24
N GLN A 21 -5.62 0.41 -9.19
CA GLN A 21 -5.07 1.76 -9.13
C GLN A 21 -3.58 1.76 -9.48
N LEU A 22 -2.97 0.61 -9.77
CA LEU A 22 -1.54 0.54 -10.03
C LEU A 22 -1.26 0.42 -11.53
N GLN A 23 -2.08 -0.35 -12.25
CA GLN A 23 -1.76 -0.68 -13.63
C GLN A 23 -1.68 0.54 -14.55
N SER A 24 -2.51 1.54 -14.35
CA SER A 24 -2.46 2.76 -15.13
C SER A 24 -1.24 3.63 -14.78
N HIS A 25 -0.45 3.35 -13.73
CA HIS A 25 0.83 4.01 -13.48
C HIS A 25 2.02 3.13 -13.87
N GLY A 26 1.78 1.86 -14.22
CA GLY A 26 2.81 0.93 -14.68
C GLY A 26 3.42 0.15 -13.53
N VAL A 27 3.15 0.57 -12.30
CA VAL A 27 3.23 -0.27 -11.13
C VAL A 27 2.39 -1.54 -11.23
N GLN A 28 2.75 -2.48 -10.35
CA GLN A 28 2.03 -3.69 -9.99
C GLN A 28 1.93 -3.71 -8.48
N ALA A 29 0.86 -4.28 -7.92
CA ALA A 29 0.90 -4.84 -6.62
C ALA A 29 1.42 -6.27 -6.73
N ARG A 30 2.70 -6.50 -6.40
CA ARG A 30 3.23 -7.84 -6.28
C ARG A 30 2.60 -8.56 -5.08
N GLU A 31 2.64 -7.99 -3.88
CA GLU A 31 2.00 -8.53 -2.69
C GLU A 31 1.23 -7.43 -1.97
N VAL A 32 0.24 -7.79 -1.16
CA VAL A 32 -0.68 -6.84 -0.55
C VAL A 32 -1.52 -7.48 0.57
N ARG A 33 -1.92 -6.66 1.55
CA ARG A 33 -2.81 -6.97 2.66
C ARG A 33 -3.81 -5.81 2.77
N LEU A 34 -4.99 -5.95 2.13
CA LEU A 34 -6.16 -5.10 2.39
C LEU A 34 -7.23 -5.93 3.12
N MET A 35 -8.42 -5.35 3.32
CA MET A 35 -9.60 -5.97 3.92
C MET A 35 -9.86 -7.32 3.29
N ARG A 36 -10.07 -8.32 4.15
CA ARG A 36 -10.50 -9.68 3.86
C ARG A 36 -10.45 -10.47 5.15
N ASN A 37 -9.25 -10.50 5.75
CA ASN A 37 -8.85 -11.52 6.71
C ASN A 37 -9.46 -11.29 8.08
N LYS A 38 -10.06 -10.10 8.30
CA LYS A 38 -10.58 -9.49 9.52
C LYS A 38 -9.64 -9.62 10.73
N SER A 39 -9.44 -10.84 11.22
CA SER A 39 -8.83 -11.20 12.48
C SER A 39 -7.39 -10.69 12.54
N SER A 40 -6.57 -11.03 11.54
CA SER A 40 -5.18 -10.62 11.49
C SER A 40 -5.02 -9.10 11.59
N GLY A 41 -5.94 -8.32 11.01
CA GLY A 41 -6.02 -6.89 11.28
C GLY A 41 -5.95 -6.03 10.03
N GLN A 42 -5.95 -6.66 8.85
CA GLN A 42 -5.92 -6.04 7.52
C GLN A 42 -7.19 -5.21 7.22
N SER A 43 -7.99 -4.88 8.23
CA SER A 43 -9.24 -4.15 8.14
C SER A 43 -9.28 -3.23 9.36
N ARG A 44 -8.65 -2.06 9.22
CA ARG A 44 -8.57 -0.98 10.20
C ARG A 44 -8.59 0.39 9.52
N GLY A 45 -8.83 0.47 8.21
CA GLY A 45 -8.80 1.71 7.44
C GLY A 45 -7.45 1.98 6.80
N PHE A 46 -6.60 0.97 6.65
CA PHE A 46 -5.36 1.07 5.88
C PHE A 46 -5.00 -0.25 5.20
N ALA A 47 -4.09 -0.18 4.22
CA ALA A 47 -3.55 -1.33 3.54
C ALA A 47 -2.05 -1.12 3.33
N PHE A 48 -1.39 -2.19 2.89
CA PHE A 48 0.04 -2.33 2.72
C PHE A 48 0.21 -3.04 1.38
N VAL A 49 0.91 -2.42 0.43
CA VAL A 49 1.17 -2.94 -0.90
C VAL A 49 2.71 -3.08 -0.99
N GLU A 50 3.24 -4.28 -1.26
CA GLU A 50 4.67 -4.60 -1.26
C GLU A 50 5.16 -4.83 -2.69
N PHE A 51 5.91 -3.88 -3.26
CA PHE A 51 6.16 -3.80 -4.70
C PHE A 51 7.26 -4.78 -5.14
N SER A 52 7.54 -4.82 -6.45
CA SER A 52 8.73 -5.52 -6.96
C SER A 52 9.96 -4.62 -6.95
N HIS A 53 9.82 -3.29 -7.03
CA HIS A 53 10.97 -2.42 -7.28
C HIS A 53 10.91 -1.12 -6.49
N LEU A 54 12.08 -0.64 -6.08
CA LEU A 54 12.26 0.59 -5.31
C LEU A 54 11.79 1.83 -6.07
N GLN A 55 12.06 1.93 -7.38
CA GLN A 55 11.63 3.11 -8.14
C GLN A 55 10.11 3.12 -8.24
N ASP A 56 9.47 1.94 -8.31
CA ASP A 56 8.03 1.81 -8.54
C ASP A 56 7.23 2.41 -7.39
N ALA A 57 7.76 2.34 -6.17
CA ALA A 57 7.13 2.92 -4.99
C ALA A 57 6.98 4.43 -5.22
N THR A 58 8.10 5.03 -5.61
CA THR A 58 8.24 6.41 -6.00
C THR A 58 7.35 6.76 -7.20
N ARG A 59 7.30 5.89 -8.22
CA ARG A 59 6.55 6.10 -9.44
C ARG A 59 5.09 6.33 -9.10
N TRP A 60 4.53 5.50 -8.21
CA TRP A 60 3.16 5.68 -7.77
C TRP A 60 3.02 6.98 -6.97
N MET A 61 3.91 7.22 -5.99
CA MET A 61 3.88 8.41 -5.14
C MET A 61 3.83 9.69 -5.97
N GLU A 62 4.89 9.97 -6.73
CA GLU A 62 5.09 11.27 -7.36
C GLU A 62 3.99 11.52 -8.39
N ALA A 63 3.58 10.49 -9.14
CA ALA A 63 2.53 10.63 -10.13
C ALA A 63 1.17 10.86 -9.51
N ASN A 64 0.96 10.46 -8.25
CA ASN A 64 -0.28 10.72 -7.52
C ASN A 64 -0.12 11.92 -6.58
N GLN A 65 0.99 12.66 -6.67
CA GLN A 65 1.24 13.83 -5.82
C GLN A 65 1.27 13.46 -4.34
N HIS A 66 1.51 12.18 -4.03
CA HIS A 66 1.43 11.54 -2.73
C HIS A 66 0.01 11.47 -2.15
N SER A 67 -1.05 11.53 -2.95
CA SER A 67 -2.40 11.24 -2.49
C SER A 67 -3.20 10.56 -3.60
N LEU A 68 -3.62 9.32 -3.39
CA LEU A 68 -4.49 8.61 -4.31
C LEU A 68 -5.93 9.10 -4.19
N ASN A 69 -6.84 8.53 -4.98
CA ASN A 69 -8.26 8.82 -4.90
C ASN A 69 -9.07 7.55 -5.14
N ILE A 70 -9.60 6.91 -4.10
CA ILE A 70 -10.35 5.66 -4.16
C ILE A 70 -11.70 5.88 -3.50
N LEU A 71 -12.78 5.42 -4.13
CA LEU A 71 -14.18 5.71 -3.80
C LEU A 71 -14.46 7.23 -3.80
N GLY A 72 -13.57 8.03 -4.41
CA GLY A 72 -13.63 9.48 -4.36
C GLY A 72 -12.90 10.07 -3.15
N GLN A 73 -12.47 9.24 -2.19
CA GLN A 73 -11.80 9.66 -0.99
C GLN A 73 -10.35 9.97 -1.31
N LYS A 74 -9.84 11.04 -0.69
CA LYS A 74 -8.42 11.34 -0.68
C LYS A 74 -7.75 10.34 0.25
N VAL A 75 -6.84 9.52 -0.26
CA VAL A 75 -6.09 8.54 0.50
C VAL A 75 -4.65 9.03 0.51
N SER A 76 -4.02 9.09 1.68
CA SER A 76 -2.61 9.43 1.79
C SER A 76 -1.79 8.18 1.52
N MET A 77 -0.52 8.32 1.13
CA MET A 77 0.40 7.22 0.91
C MET A 77 1.72 7.50 1.60
N HIS A 78 2.32 6.48 2.22
CA HIS A 78 3.50 6.58 3.06
C HIS A 78 4.38 5.34 2.90
N TYR A 79 5.70 5.54 2.99
CA TYR A 79 6.70 4.49 2.88
C TYR A 79 6.77 3.71 4.19
N SER A 80 5.86 2.76 4.39
CA SER A 80 5.92 1.82 5.50
C SER A 80 6.75 0.61 5.08
N ASP A 81 8.01 0.81 4.67
CA ASP A 81 8.93 -0.27 4.28
C ASP A 81 9.00 -1.37 5.34
N PRO A 82 9.36 -2.62 4.96
CA PRO A 82 9.29 -3.76 5.87
C PRO A 82 10.30 -3.58 7.01
N LYS A 83 11.49 -3.08 6.66
CA LYS A 83 12.69 -2.95 7.48
C LYS A 83 13.14 -4.30 8.08
N PRO A 84 14.37 -4.40 8.61
CA PRO A 84 14.71 -5.53 9.44
C PRO A 84 13.87 -5.47 10.71
N LYS A 85 12.81 -6.27 10.77
CA LYS A 85 11.84 -6.35 11.87
C LYS A 85 12.04 -7.61 12.71
N ILE A 86 13.20 -8.23 12.58
CA ILE A 86 13.59 -9.47 13.21
C ILE A 86 13.79 -9.20 14.71
N ASN A 87 13.86 -10.26 15.50
CA ASN A 87 14.47 -10.28 16.83
C ASN A 87 15.94 -9.80 16.76
N GLU A 88 16.77 -10.07 17.77
CA GLU A 88 18.17 -9.71 17.75
C GLU A 88 18.89 -10.40 16.59
N ASP A 89 19.41 -9.57 15.68
CA ASP A 89 20.20 -9.92 14.51
C ASP A 89 21.66 -10.26 14.85
N TRP A 90 22.02 -10.17 16.14
CA TRP A 90 23.33 -10.51 16.68
C TRP A 90 23.22 -11.59 17.77
N LEU A 91 22.01 -12.15 17.96
CA LEU A 91 21.77 -13.39 18.69
C LEU A 91 21.34 -14.41 17.62
N SER A 1 12.17 2.61 -0.37
CA SER A 1 11.28 1.58 0.18
C SER A 1 10.37 1.04 -0.92
N ASN A 2 9.75 -0.13 -0.72
CA ASN A 2 8.85 -0.82 -1.67
C ASN A 2 7.44 -1.06 -1.10
N ILE A 3 7.15 -0.64 0.13
CA ILE A 3 5.79 -0.68 0.64
C ILE A 3 5.18 0.67 0.33
N VAL A 4 3.92 0.68 -0.08
CA VAL A 4 3.17 1.91 -0.13
C VAL A 4 2.03 1.66 0.86
N MET A 5 2.13 2.24 2.06
CA MET A 5 1.01 2.24 3.00
C MET A 5 0.04 3.29 2.49
N LEU A 6 -1.23 2.94 2.37
CA LEU A 6 -2.29 3.84 1.95
C LEU A 6 -3.10 4.15 3.19
N ARG A 7 -3.05 5.39 3.67
CA ARG A 7 -3.78 5.90 4.84
C ARG A 7 -4.98 6.71 4.36
N MET A 8 -5.92 6.98 5.26
CA MET A 8 -7.21 7.60 4.96
C MET A 8 -8.02 6.72 3.98
N LEU A 9 -7.89 5.38 4.06
CA LEU A 9 -8.71 4.51 3.24
C LEU A 9 -10.16 4.64 3.71
N PRO A 10 -11.12 4.51 2.80
CA PRO A 10 -12.51 4.31 3.17
C PRO A 10 -12.67 2.97 3.86
N GLN A 11 -13.87 2.76 4.41
CA GLN A 11 -14.21 1.45 4.91
C GLN A 11 -14.67 0.53 3.75
N ALA A 12 -15.18 1.11 2.65
CA ALA A 12 -15.83 0.31 1.61
C ALA A 12 -14.87 -0.39 0.65
N ALA A 13 -13.64 0.12 0.49
CA ALA A 13 -12.72 -0.32 -0.56
C ALA A 13 -12.37 -1.81 -0.40
N THR A 14 -11.87 -2.40 -1.48
CA THR A 14 -11.44 -3.78 -1.54
C THR A 14 -9.98 -3.83 -1.98
N GLU A 15 -9.33 -4.98 -1.82
CA GLU A 15 -7.99 -5.21 -2.29
C GLU A 15 -7.89 -4.87 -3.78
N ASP A 16 -8.93 -5.27 -4.51
CA ASP A 16 -9.02 -5.17 -5.96
C ASP A 16 -9.07 -3.72 -6.44
N ASP A 17 -9.57 -2.79 -5.61
CA ASP A 17 -9.60 -1.36 -5.91
C ASP A 17 -8.18 -0.84 -6.03
N ILE A 18 -7.36 -1.12 -5.02
CA ILE A 18 -5.98 -0.64 -4.98
C ILE A 18 -5.18 -1.34 -6.06
N ARG A 19 -5.37 -2.67 -6.21
CA ARG A 19 -4.74 -3.42 -7.30
C ARG A 19 -5.09 -2.80 -8.66
N GLY A 20 -6.28 -2.21 -8.82
CA GLY A 20 -6.70 -1.49 -10.02
C GLY A 20 -6.00 -0.15 -10.18
N GLN A 21 -5.88 0.63 -9.11
CA GLN A 21 -5.16 1.90 -9.09
C GLN A 21 -3.67 1.74 -9.37
N LEU A 22 -3.19 0.50 -9.34
CA LEU A 22 -1.82 0.12 -9.59
C LEU A 22 -1.65 -0.35 -11.02
N GLN A 23 -2.48 -1.30 -11.45
CA GLN A 23 -2.41 -1.78 -12.83
C GLN A 23 -2.74 -0.63 -13.79
N SER A 24 -3.45 0.39 -13.31
CA SER A 24 -3.54 1.67 -13.94
C SER A 24 -2.16 2.22 -14.34
N HIS A 25 -1.17 2.37 -13.44
CA HIS A 25 -0.14 3.35 -13.78
C HIS A 25 1.08 2.64 -14.38
N GLY A 26 1.12 1.30 -14.34
CA GLY A 26 2.22 0.49 -14.84
C GLY A 26 2.96 -0.21 -13.71
N VAL A 27 2.23 -0.55 -12.65
CA VAL A 27 2.75 -1.18 -11.45
C VAL A 27 1.98 -2.47 -11.15
N GLN A 28 2.51 -3.21 -10.17
CA GLN A 28 1.99 -4.45 -9.65
C GLN A 28 1.87 -4.25 -8.13
N ALA A 29 0.80 -4.74 -7.51
CA ALA A 29 0.79 -5.05 -6.12
C ALA A 29 1.32 -6.48 -5.90
N ARG A 30 2.63 -6.64 -5.66
CA ARG A 30 3.25 -7.94 -5.47
C ARG A 30 2.86 -8.58 -4.13
N GLU A 31 2.46 -7.79 -3.15
CA GLU A 31 1.56 -8.24 -2.11
C GLU A 31 0.66 -7.06 -1.70
N VAL A 32 -0.37 -7.33 -0.89
CA VAL A 32 -1.27 -6.36 -0.29
C VAL A 32 -2.03 -7.00 0.88
N ARG A 33 -2.31 -6.16 1.88
CA ARG A 33 -3.06 -6.41 3.11
C ARG A 33 -4.10 -5.30 3.21
N LEU A 34 -5.23 -5.46 2.52
CA LEU A 34 -6.37 -4.54 2.64
C LEU A 34 -7.31 -5.08 3.73
N MET A 35 -8.29 -4.30 4.18
CA MET A 35 -9.29 -4.58 5.23
C MET A 35 -10.16 -5.84 5.05
N ARG A 36 -9.79 -6.80 4.20
CA ARG A 36 -10.45 -8.09 4.07
C ARG A 36 -9.40 -9.19 4.13
N ASN A 37 -9.34 -9.88 5.26
CA ASN A 37 -8.58 -11.11 5.44
C ASN A 37 -9.18 -11.97 6.54
N LYS A 38 -9.30 -13.27 6.29
CA LYS A 38 -9.67 -14.28 7.26
C LYS A 38 -8.76 -14.21 8.48
N SER A 39 -7.44 -14.21 8.31
CA SER A 39 -6.48 -14.40 9.40
C SER A 39 -6.53 -13.34 10.51
N SER A 40 -7.03 -12.13 10.25
CA SER A 40 -7.05 -11.07 11.25
C SER A 40 -8.01 -9.93 10.88
N GLY A 41 -8.28 -9.74 9.59
CA GLY A 41 -9.15 -8.70 9.08
C GLY A 41 -8.37 -7.63 8.33
N GLN A 42 -7.09 -7.42 8.66
CA GLN A 42 -6.21 -6.40 8.15
C GLN A 42 -6.86 -5.00 8.12
N SER A 43 -7.76 -4.77 9.06
CA SER A 43 -8.89 -3.87 8.94
C SER A 43 -8.76 -2.71 9.90
N ARG A 44 -8.28 -1.54 9.42
CA ARG A 44 -8.06 -0.37 10.28
C ARG A 44 -8.25 0.99 9.58
N GLY A 45 -8.50 1.06 8.27
CA GLY A 45 -8.54 2.34 7.56
C GLY A 45 -7.19 2.67 6.94
N PHE A 46 -6.27 1.71 6.88
CA PHE A 46 -5.09 1.74 6.04
C PHE A 46 -4.80 0.34 5.51
N ALA A 47 -3.98 0.28 4.47
CA ALA A 47 -3.49 -0.94 3.84
C ALA A 47 -2.01 -0.79 3.54
N PHE A 48 -1.35 -1.88 3.15
CA PHE A 48 0.09 -2.00 2.95
C PHE A 48 0.28 -2.78 1.65
N VAL A 49 0.53 -2.10 0.54
CA VAL A 49 0.91 -2.77 -0.69
C VAL A 49 2.41 -3.04 -0.67
N GLU A 50 2.88 -4.14 -1.26
CA GLU A 50 4.30 -4.47 -1.40
C GLU A 50 4.63 -4.56 -2.88
N PHE A 51 5.72 -3.95 -3.33
CA PHE A 51 6.13 -3.88 -4.73
C PHE A 51 7.40 -4.72 -4.93
N SER A 52 7.62 -5.26 -6.14
CA SER A 52 8.87 -5.93 -6.47
C SER A 52 10.07 -4.97 -6.50
N HIS A 53 9.84 -3.67 -6.70
CA HIS A 53 10.89 -2.69 -6.87
C HIS A 53 10.57 -1.42 -6.09
N LEU A 54 11.49 -1.01 -5.22
CA LEU A 54 11.52 0.31 -4.60
C LEU A 54 11.42 1.44 -5.63
N GLN A 55 11.95 1.24 -6.85
CA GLN A 55 11.82 2.20 -7.94
C GLN A 55 10.35 2.47 -8.26
N ASP A 56 9.52 1.43 -8.26
CA ASP A 56 8.12 1.55 -8.64
C ASP A 56 7.33 2.21 -7.51
N ALA A 57 7.82 2.14 -6.26
CA ALA A 57 7.18 2.78 -5.13
C ALA A 57 7.17 4.29 -5.40
N THR A 58 8.35 4.84 -5.74
CA THR A 58 8.43 6.26 -6.06
C THR A 58 7.70 6.59 -7.34
N ARG A 59 7.65 5.68 -8.32
CA ARG A 59 6.92 5.90 -9.56
C ARG A 59 5.45 6.16 -9.23
N TRP A 60 4.85 5.42 -8.29
CA TRP A 60 3.47 5.66 -7.88
C TRP A 60 3.35 6.98 -7.15
N MET A 61 4.20 7.18 -6.13
CA MET A 61 4.10 8.31 -5.21
C MET A 61 4.26 9.62 -5.98
N GLU A 62 5.33 9.79 -6.76
CA GLU A 62 5.60 11.02 -7.50
C GLU A 62 4.50 11.29 -8.51
N ALA A 63 4.01 10.25 -9.20
CA ALA A 63 3.06 10.41 -10.31
C ALA A 63 1.64 10.67 -9.82
N ASN A 64 1.45 10.69 -8.51
CA ASN A 64 0.19 11.01 -7.85
C ASN A 64 0.42 12.08 -6.79
N GLN A 65 1.63 12.66 -6.72
CA GLN A 65 2.04 13.70 -5.79
C GLN A 65 1.69 13.34 -4.34
N HIS A 66 1.72 12.03 -4.04
CA HIS A 66 1.41 11.39 -2.76
C HIS A 66 -0.10 11.31 -2.42
N SER A 67 -1.01 11.63 -3.33
CA SER A 67 -2.45 11.81 -3.13
C SER A 67 -3.23 10.97 -4.17
N LEU A 68 -4.13 10.12 -3.71
CA LEU A 68 -5.05 9.30 -4.51
C LEU A 68 -6.50 9.57 -4.10
N ASN A 69 -7.44 8.98 -4.85
CA ASN A 69 -8.89 9.18 -4.72
C ASN A 69 -9.53 7.82 -4.99
N ILE A 70 -9.81 7.06 -3.92
CA ILE A 70 -10.54 5.80 -3.99
C ILE A 70 -11.93 5.98 -3.33
N LEU A 71 -12.97 5.68 -4.10
CA LEU A 71 -14.39 5.65 -3.74
C LEU A 71 -14.90 7.01 -3.21
N GLY A 72 -14.22 8.10 -3.51
CA GLY A 72 -14.57 9.47 -3.15
C GLY A 72 -13.85 10.03 -1.92
N GLN A 73 -13.04 9.25 -1.20
CA GLN A 73 -12.21 9.70 -0.09
C GLN A 73 -10.86 10.18 -0.65
N LYS A 74 -10.23 11.16 -0.02
CA LYS A 74 -8.84 11.53 -0.26
C LYS A 74 -7.97 10.53 0.48
N VAL A 75 -6.93 10.03 -0.17
CA VAL A 75 -6.09 8.96 0.37
C VAL A 75 -4.63 9.39 0.24
N SER A 76 -3.79 9.07 1.22
CA SER A 76 -2.37 9.44 1.23
C SER A 76 -1.49 8.19 1.18
N MET A 77 -0.37 8.26 0.45
CA MET A 77 0.58 7.15 0.31
C MET A 77 1.87 7.46 1.07
N HIS A 78 2.46 6.48 1.75
CA HIS A 78 3.65 6.63 2.59
C HIS A 78 4.55 5.40 2.48
N TYR A 79 5.86 5.57 2.71
CA TYR A 79 6.85 4.50 2.73
C TYR A 79 6.89 3.86 4.12
N SER A 80 5.93 3.00 4.41
CA SER A 80 5.91 2.21 5.64
C SER A 80 6.77 0.97 5.41
N ASP A 81 8.09 1.12 5.31
CA ASP A 81 8.97 0.05 4.85
C ASP A 81 8.96 -1.17 5.79
N PRO A 82 9.45 -2.34 5.33
CA PRO A 82 9.33 -3.56 6.08
C PRO A 82 10.34 -3.64 7.23
N LYS A 83 11.47 -2.92 7.12
CA LYS A 83 12.65 -2.89 7.97
C LYS A 83 13.30 -4.24 8.24
N PRO A 84 14.54 -4.28 8.77
CA PRO A 84 15.03 -5.46 9.44
C PRO A 84 14.22 -5.63 10.72
N LYS A 85 13.31 -6.60 10.71
CA LYS A 85 12.43 -6.93 11.84
C LYS A 85 12.78 -8.31 12.41
N ILE A 86 14.00 -8.77 12.16
CA ILE A 86 14.49 -10.06 12.63
C ILE A 86 14.73 -9.96 14.13
N ASN A 87 14.46 -11.06 14.84
CA ASN A 87 14.85 -11.20 16.24
C ASN A 87 16.37 -11.34 16.28
N GLU A 88 17.02 -10.34 16.87
CA GLU A 88 18.46 -10.18 17.08
C GLU A 88 19.32 -10.51 15.87
N ASP A 89 19.19 -9.67 14.84
CA ASP A 89 19.98 -9.72 13.61
C ASP A 89 21.49 -9.48 13.84
N TRP A 90 21.88 -8.79 14.92
CA TRP A 90 23.27 -8.40 15.16
C TRP A 90 23.93 -9.21 16.27
N LEU A 91 23.24 -10.23 16.79
CA LEU A 91 23.83 -11.30 17.57
C LEU A 91 24.28 -12.38 16.59
N SER A 1 11.88 0.45 0.96
CA SER A 1 10.79 -0.38 1.50
C SER A 1 9.99 -1.00 0.37
N ASN A 2 9.21 -2.06 0.64
CA ASN A 2 8.32 -2.67 -0.35
C ASN A 2 6.92 -2.90 0.23
N ILE A 3 6.49 -2.09 1.20
CA ILE A 3 5.13 -2.17 1.74
C ILE A 3 4.58 -0.77 1.79
N VAL A 4 3.34 -0.59 1.33
CA VAL A 4 2.73 0.73 1.34
C VAL A 4 1.49 0.57 2.22
N MET A 5 1.47 1.26 3.36
CA MET A 5 0.25 1.42 4.14
C MET A 5 -0.51 2.56 3.50
N LEU A 6 -1.78 2.33 3.14
CA LEU A 6 -2.63 3.35 2.54
C LEU A 6 -3.64 3.76 3.60
N ARG A 7 -3.44 4.92 4.24
CA ARG A 7 -4.30 5.39 5.33
C ARG A 7 -5.44 6.22 4.80
N MET A 8 -6.41 6.53 5.69
CA MET A 8 -7.58 7.36 5.45
C MET A 8 -8.65 6.64 4.60
N LEU A 9 -8.62 5.30 4.53
CA LEU A 9 -9.39 4.58 3.52
C LEU A 9 -10.90 4.67 3.80
N PRO A 10 -11.74 4.76 2.75
CA PRO A 10 -13.18 4.67 2.89
C PRO A 10 -13.58 3.23 3.19
N GLN A 11 -14.69 3.06 3.91
CA GLN A 11 -15.24 1.75 4.24
C GLN A 11 -15.61 0.95 2.99
N ALA A 12 -15.86 1.62 1.86
CA ALA A 12 -16.32 0.99 0.63
C ALA A 12 -15.19 0.64 -0.34
N ALA A 13 -13.92 1.00 -0.08
CA ALA A 13 -12.82 0.48 -0.91
C ALA A 13 -12.77 -1.05 -0.86
N THR A 14 -12.07 -1.72 -1.78
CA THR A 14 -11.82 -3.16 -1.80
C THR A 14 -10.39 -3.42 -2.26
N GLU A 15 -10.08 -4.69 -2.50
CA GLU A 15 -8.83 -5.11 -3.08
C GLU A 15 -8.70 -4.54 -4.48
N ASP A 16 -9.81 -4.49 -5.24
CA ASP A 16 -9.79 -4.12 -6.65
C ASP A 16 -9.48 -2.64 -6.83
N ASP A 17 -9.90 -1.83 -5.87
CA ASP A 17 -9.57 -0.41 -5.71
C ASP A 17 -8.09 -0.17 -5.43
N ILE A 18 -7.32 -1.22 -5.17
CA ILE A 18 -5.87 -1.17 -5.15
C ILE A 18 -5.41 -1.82 -6.45
N ARG A 19 -5.96 -2.97 -6.82
CA ARG A 19 -5.43 -3.79 -7.92
C ARG A 19 -5.50 -3.10 -9.27
N GLY A 20 -6.39 -2.14 -9.47
CA GLY A 20 -6.43 -1.34 -10.69
C GLY A 20 -5.58 -0.08 -10.63
N GLN A 21 -5.03 0.30 -9.46
CA GLN A 21 -4.31 1.56 -9.32
C GLN A 21 -2.85 1.38 -9.73
N LEU A 22 -2.28 0.18 -9.55
CA LEU A 22 -0.82 0.03 -9.57
C LEU A 22 -0.36 -0.17 -10.98
N GLN A 23 -1.18 -0.91 -11.71
CA GLN A 23 -1.08 -1.11 -13.13
C GLN A 23 -0.87 0.20 -13.87
N SER A 24 -1.61 1.26 -13.51
CA SER A 24 -1.46 2.57 -14.10
C SER A 24 -0.01 3.09 -14.03
N HIS A 25 0.69 2.82 -12.92
CA HIS A 25 2.06 3.26 -12.66
C HIS A 25 3.12 2.30 -13.22
N GLY A 26 2.74 1.07 -13.57
CA GLY A 26 3.62 0.03 -14.11
C GLY A 26 3.90 -1.10 -13.11
N VAL A 27 3.36 -1.00 -11.89
CA VAL A 27 3.57 -1.99 -10.84
C VAL A 27 2.61 -3.17 -11.07
N GLN A 28 2.83 -4.27 -10.34
CA GLN A 28 1.83 -5.32 -10.16
C GLN A 28 1.05 -5.18 -8.83
N ALA A 29 1.68 -4.69 -7.75
CA ALA A 29 1.43 -5.08 -6.35
C ALA A 29 1.39 -6.61 -6.18
N ARG A 30 2.27 -7.19 -5.37
CA ARG A 30 2.26 -8.63 -5.20
C ARG A 30 1.05 -9.05 -4.39
N GLU A 31 0.89 -8.47 -3.19
CA GLU A 31 -0.14 -8.86 -2.24
C GLU A 31 -0.82 -7.61 -1.72
N VAL A 32 -2.09 -7.75 -1.34
CA VAL A 32 -3.01 -6.65 -1.09
C VAL A 32 -3.93 -7.07 0.05
N ARG A 33 -3.51 -6.76 1.27
CA ARG A 33 -4.35 -6.84 2.45
C ARG A 33 -5.21 -5.57 2.43
N LEU A 34 -6.30 -5.67 1.68
CA LEU A 34 -7.40 -4.74 1.52
C LEU A 34 -8.18 -4.56 2.83
N MET A 35 -9.46 -4.20 2.78
CA MET A 35 -10.40 -4.27 3.90
C MET A 35 -11.25 -5.54 3.99
N ARG A 36 -12.20 -5.74 3.10
CA ARG A 36 -13.22 -6.79 3.19
C ARG A 36 -12.61 -8.15 3.01
N ASN A 37 -12.53 -8.79 4.15
CA ASN A 37 -12.05 -10.14 4.28
C ASN A 37 -12.57 -10.66 5.60
N LYS A 38 -12.66 -11.99 5.72
CA LYS A 38 -12.85 -12.62 7.02
C LYS A 38 -11.89 -13.78 7.24
N SER A 39 -11.40 -14.41 6.17
CA SER A 39 -10.43 -15.48 6.26
C SER A 39 -9.07 -14.94 6.74
N SER A 40 -8.73 -13.71 6.34
CA SER A 40 -7.36 -13.20 6.39
C SER A 40 -7.11 -12.16 7.48
N GLY A 41 -8.14 -11.39 7.88
CA GLY A 41 -8.10 -10.55 9.08
C GLY A 41 -8.05 -9.06 8.76
N GLN A 42 -8.29 -8.69 7.50
CA GLN A 42 -8.15 -7.32 7.05
C GLN A 42 -9.31 -6.43 7.56
N SER A 43 -9.36 -5.17 7.12
CA SER A 43 -10.23 -4.07 7.54
C SER A 43 -9.82 -3.42 8.86
N ARG A 44 -9.07 -2.31 8.74
CA ARG A 44 -8.69 -1.40 9.83
C ARG A 44 -8.80 0.10 9.47
N GLY A 45 -9.14 0.48 8.23
CA GLY A 45 -9.07 1.86 7.78
C GLY A 45 -7.74 2.17 7.12
N PHE A 46 -6.94 1.14 6.86
CA PHE A 46 -5.84 1.19 5.93
C PHE A 46 -5.67 -0.18 5.28
N ALA A 47 -5.15 -0.18 4.06
CA ALA A 47 -4.70 -1.37 3.38
C ALA A 47 -3.19 -1.52 3.65
N PHE A 48 -2.67 -2.72 3.40
CA PHE A 48 -1.25 -3.01 3.33
C PHE A 48 -1.04 -3.62 1.96
N VAL A 49 -0.20 -3.03 1.12
CA VAL A 49 0.16 -3.58 -0.17
C VAL A 49 1.62 -3.99 -0.10
N GLU A 50 1.94 -5.28 -0.31
CA GLU A 50 3.31 -5.73 -0.42
C GLU A 50 3.69 -5.73 -1.89
N PHE A 51 4.80 -5.07 -2.22
CA PHE A 51 5.32 -4.91 -3.56
C PHE A 51 6.42 -5.96 -3.80
N SER A 52 6.54 -6.44 -5.04
CA SER A 52 7.59 -7.36 -5.46
C SER A 52 8.99 -6.73 -5.52
N HIS A 53 9.07 -5.39 -5.51
CA HIS A 53 10.30 -4.64 -5.74
C HIS A 53 10.29 -3.45 -4.79
N LEU A 54 11.37 -3.26 -4.01
CA LEU A 54 11.53 -2.09 -3.14
C LEU A 54 11.49 -0.82 -4.00
N GLN A 55 12.14 -0.90 -5.16
CA GLN A 55 12.25 0.15 -6.16
C GLN A 55 10.88 0.64 -6.65
N ASP A 56 9.94 -0.28 -6.90
CA ASP A 56 8.62 0.07 -7.42
C ASP A 56 7.80 0.76 -6.35
N ALA A 57 8.09 0.50 -5.08
CA ALA A 57 7.30 1.00 -3.98
C ALA A 57 7.41 2.52 -3.97
N THR A 58 8.62 3.03 -4.18
CA THR A 58 8.94 4.44 -4.33
C THR A 58 8.28 5.03 -5.57
N ARG A 59 8.22 4.29 -6.69
CA ARG A 59 7.61 4.78 -7.93
C ARG A 59 6.16 5.18 -7.68
N TRP A 60 5.47 4.42 -6.84
CA TRP A 60 4.11 4.74 -6.44
C TRP A 60 4.08 6.01 -5.58
N MET A 61 4.94 6.11 -4.56
CA MET A 61 5.04 7.24 -3.64
C MET A 61 5.21 8.55 -4.42
N GLU A 62 6.30 8.64 -5.17
CA GLU A 62 6.81 9.84 -5.81
C GLU A 62 5.75 10.44 -6.74
N ALA A 63 5.21 9.59 -7.61
CA ALA A 63 4.32 9.99 -8.69
C ALA A 63 3.02 10.54 -8.13
N ASN A 64 2.54 9.90 -7.07
CA ASN A 64 1.31 10.29 -6.43
C ASN A 64 1.54 11.41 -5.43
N GLN A 65 2.77 11.90 -5.25
CA GLN A 65 3.10 12.96 -4.30
C GLN A 65 2.59 12.53 -2.92
N HIS A 66 2.85 11.26 -2.60
CA HIS A 66 2.41 10.56 -1.40
C HIS A 66 0.88 10.59 -1.15
N SER A 67 0.04 10.96 -2.12
CA SER A 67 -1.41 11.07 -1.92
C SER A 67 -2.14 10.27 -3.01
N LEU A 68 -2.81 9.18 -2.64
CA LEU A 68 -3.72 8.50 -3.56
C LEU A 68 -5.13 9.06 -3.37
N ASN A 69 -6.06 8.63 -4.22
CA ASN A 69 -7.45 9.06 -4.20
C ASN A 69 -8.34 7.92 -4.69
N ILE A 70 -9.06 7.29 -3.76
CA ILE A 70 -9.86 6.10 -3.97
C ILE A 70 -11.28 6.44 -3.53
N LEU A 71 -12.25 6.18 -4.40
CA LEU A 71 -13.67 6.57 -4.22
C LEU A 71 -13.77 8.04 -3.86
N GLY A 72 -12.85 8.86 -4.38
CA GLY A 72 -12.77 10.29 -4.15
C GLY A 72 -12.16 10.69 -2.81
N GLN A 73 -11.92 9.78 -1.85
CA GLN A 73 -11.31 10.11 -0.58
C GLN A 73 -9.82 10.31 -0.82
N LYS A 74 -9.27 11.37 -0.23
CA LYS A 74 -7.83 11.54 -0.16
C LYS A 74 -7.30 10.41 0.71
N VAL A 75 -6.21 9.80 0.26
CA VAL A 75 -5.53 8.72 0.94
C VAL A 75 -4.08 9.19 1.10
N SER A 76 -3.37 8.67 2.08
CA SER A 76 -1.94 8.90 2.28
C SER A 76 -1.18 7.58 2.28
N MET A 77 0.07 7.57 1.80
CA MET A 77 0.90 6.37 1.63
C MET A 77 2.21 6.49 2.39
N HIS A 78 2.61 5.40 3.04
CA HIS A 78 3.72 5.37 3.99
C HIS A 78 4.47 4.04 3.87
N TYR A 79 5.78 4.08 4.12
CA TYR A 79 6.71 2.96 3.98
C TYR A 79 6.60 2.02 5.19
N SER A 80 5.53 1.25 5.31
CA SER A 80 5.28 0.31 6.40
C SER A 80 6.05 -1.01 6.23
N ASP A 81 7.37 -0.94 6.06
CA ASP A 81 8.25 -2.12 5.92
C ASP A 81 8.05 -3.09 7.10
N PRO A 82 8.36 -4.38 6.93
CA PRO A 82 7.87 -5.45 7.80
C PRO A 82 8.52 -5.48 9.18
N LYS A 83 9.73 -4.96 9.29
CA LYS A 83 10.52 -4.84 10.51
C LYS A 83 11.57 -3.74 10.30
N PRO A 84 12.17 -3.20 11.37
CA PRO A 84 13.26 -2.24 11.26
C PRO A 84 14.48 -2.99 10.75
N LYS A 85 14.82 -2.80 9.48
CA LYS A 85 15.81 -3.58 8.75
C LYS A 85 16.93 -2.69 8.23
N ILE A 86 17.54 -1.97 9.18
CA ILE A 86 18.74 -1.17 9.02
C ILE A 86 19.94 -2.08 9.25
N ASN A 87 21.09 -1.73 8.69
CA ASN A 87 22.38 -2.24 9.17
C ASN A 87 22.64 -1.57 10.52
N GLU A 88 23.12 -2.32 11.50
CA GLU A 88 23.89 -1.84 12.65
C GLU A 88 23.28 -0.59 13.31
N ASP A 89 22.02 -0.73 13.69
CA ASP A 89 21.20 0.29 14.37
C ASP A 89 21.69 0.62 15.79
N TRP A 90 22.71 -0.10 16.26
CA TRP A 90 23.26 -0.03 17.60
C TRP A 90 24.74 0.41 17.59
N LEU A 91 25.27 0.78 16.42
CA LEU A 91 26.58 1.39 16.26
C LEU A 91 26.38 2.89 16.37
N SER A 1 11.89 0.13 1.75
CA SER A 1 10.69 -0.58 2.22
C SER A 1 9.90 -1.05 1.00
N ASN A 2 9.03 -2.07 1.14
CA ASN A 2 8.28 -2.65 0.01
C ASN A 2 6.78 -2.72 0.30
N ILE A 3 6.26 -1.96 1.26
CA ILE A 3 4.87 -2.01 1.65
C ILE A 3 4.33 -0.60 1.48
N VAL A 4 3.13 -0.40 0.95
CA VAL A 4 2.57 0.93 0.79
C VAL A 4 1.28 0.90 1.60
N MET A 5 1.40 1.29 2.88
CA MET A 5 0.29 1.32 3.82
C MET A 5 -0.48 2.60 3.54
N LEU A 6 -1.79 2.49 3.31
CA LEU A 6 -2.62 3.56 2.78
C LEU A 6 -3.62 3.92 3.84
N ARG A 7 -3.60 5.15 4.36
CA ARG A 7 -4.56 5.62 5.35
C ARG A 7 -5.60 6.51 4.69
N MET A 8 -6.72 6.68 5.40
CA MET A 8 -7.86 7.51 5.01
C MET A 8 -8.64 6.79 3.90
N LEU A 9 -9.01 5.54 4.19
CA LEU A 9 -9.67 4.63 3.25
C LEU A 9 -11.18 4.53 3.56
N PRO A 10 -12.03 4.40 2.53
CA PRO A 10 -13.48 4.17 2.69
C PRO A 10 -13.81 2.77 3.22
N GLN A 11 -15.09 2.53 3.51
CA GLN A 11 -15.62 1.19 3.76
C GLN A 11 -16.00 0.50 2.44
N ALA A 12 -16.10 1.24 1.33
CA ALA A 12 -16.64 0.75 0.07
C ALA A 12 -15.59 0.52 -1.03
N ALA A 13 -14.29 0.76 -0.77
CA ALA A 13 -13.24 0.34 -1.70
C ALA A 13 -13.05 -1.18 -1.61
N THR A 14 -12.20 -1.77 -2.45
CA THR A 14 -11.95 -3.22 -2.48
C THR A 14 -10.48 -3.49 -2.80
N GLU A 15 -10.03 -4.73 -2.56
CA GLU A 15 -8.71 -5.22 -2.91
C GLU A 15 -8.34 -4.83 -4.34
N ASP A 16 -9.30 -5.03 -5.25
CA ASP A 16 -9.06 -4.91 -6.67
C ASP A 16 -9.00 -3.44 -7.12
N ASP A 17 -9.50 -2.52 -6.29
CA ASP A 17 -9.39 -1.08 -6.54
C ASP A 17 -7.94 -0.65 -6.43
N ILE A 18 -7.28 -1.04 -5.32
CA ILE A 18 -5.84 -0.84 -5.15
C ILE A 18 -5.09 -1.52 -6.30
N ARG A 19 -5.43 -2.77 -6.59
CA ARG A 19 -4.69 -3.54 -7.60
C ARG A 19 -4.80 -2.86 -8.96
N GLY A 20 -5.94 -2.23 -9.27
CA GLY A 20 -6.14 -1.48 -10.50
C GLY A 20 -5.56 -0.07 -10.46
N GLN A 21 -5.40 0.56 -9.29
CA GLN A 21 -4.67 1.81 -9.17
C GLN A 21 -3.22 1.51 -9.56
N LEU A 22 -2.65 0.44 -9.02
CA LEU A 22 -1.26 0.06 -9.21
C LEU A 22 -0.96 -0.23 -10.66
N GLN A 23 -1.83 -0.98 -11.33
CA GLN A 23 -1.58 -1.45 -12.69
C GLN A 23 -1.30 -0.28 -13.63
N SER A 24 -1.91 0.88 -13.35
CA SER A 24 -1.81 2.10 -14.11
C SER A 24 -0.40 2.70 -14.01
N HIS A 25 0.33 2.48 -12.91
CA HIS A 25 1.64 3.09 -12.70
C HIS A 25 2.79 2.20 -13.18
N GLY A 26 2.52 0.92 -13.49
CA GLY A 26 3.51 -0.06 -13.91
C GLY A 26 3.68 -1.14 -12.83
N VAL A 27 3.38 -0.78 -11.57
CA VAL A 27 3.36 -1.63 -10.42
C VAL A 27 2.21 -2.67 -10.53
N GLN A 28 2.19 -3.67 -9.64
CA GLN A 28 1.20 -4.75 -9.69
C GLN A 28 0.40 -4.94 -8.39
N ALA A 29 1.00 -4.65 -7.22
CA ALA A 29 0.80 -5.39 -5.96
C ALA A 29 1.27 -6.81 -6.16
N ARG A 30 2.23 -7.30 -5.37
CA ARG A 30 2.45 -8.75 -5.34
C ARG A 30 1.50 -9.32 -4.29
N GLU A 31 1.53 -8.77 -3.08
CA GLU A 31 0.68 -9.18 -1.99
C GLU A 31 -0.09 -7.96 -1.52
N VAL A 32 -1.21 -8.16 -0.83
CA VAL A 32 -2.03 -7.06 -0.34
C VAL A 32 -2.99 -7.52 0.75
N ARG A 33 -3.27 -6.60 1.67
CA ARG A 33 -4.13 -6.67 2.85
C ARG A 33 -5.10 -5.50 2.93
N LEU A 34 -6.07 -5.47 2.00
CA LEU A 34 -7.16 -4.50 2.01
C LEU A 34 -8.19 -4.89 3.06
N MET A 35 -9.04 -3.93 3.40
CA MET A 35 -10.19 -3.99 4.31
C MET A 35 -11.30 -4.99 3.93
N ARG A 36 -11.05 -5.94 3.02
CA ARG A 36 -11.92 -7.05 2.68
C ARG A 36 -11.06 -8.28 2.48
N ASN A 37 -11.48 -9.38 3.09
CA ASN A 37 -10.77 -10.67 3.04
C ASN A 37 -11.64 -11.85 3.45
N LYS A 38 -12.37 -11.73 4.57
CA LYS A 38 -13.13 -12.75 5.30
C LYS A 38 -12.40 -14.06 5.67
N SER A 39 -11.10 -14.12 5.45
CA SER A 39 -10.21 -15.25 5.72
C SER A 39 -9.07 -14.84 6.67
N SER A 40 -8.78 -13.55 6.88
CA SER A 40 -7.82 -13.07 7.88
C SER A 40 -8.40 -12.02 8.84
N GLY A 41 -9.34 -11.18 8.39
CA GLY A 41 -9.93 -10.13 9.25
C GLY A 41 -9.33 -8.75 8.98
N GLN A 42 -8.75 -8.58 7.79
CA GLN A 42 -8.15 -7.33 7.33
C GLN A 42 -9.27 -6.30 7.13
N SER A 43 -9.19 -5.23 7.88
CA SER A 43 -10.12 -4.12 8.02
C SER A 43 -9.56 -3.21 9.13
N ARG A 44 -9.65 -1.87 9.01
CA ARG A 44 -9.35 -0.84 10.02
C ARG A 44 -9.41 0.62 9.52
N GLY A 45 -9.73 0.92 8.25
CA GLY A 45 -9.68 2.28 7.72
C GLY A 45 -8.33 2.61 7.08
N PHE A 46 -7.49 1.59 6.90
CA PHE A 46 -6.28 1.63 6.14
C PHE A 46 -6.08 0.29 5.45
N ALA A 47 -5.10 0.27 4.56
CA ALA A 47 -4.68 -0.81 3.69
C ALA A 47 -3.19 -1.03 3.84
N PHE A 48 -2.70 -2.15 3.32
CA PHE A 48 -1.31 -2.54 3.30
C PHE A 48 -1.14 -3.32 1.99
N VAL A 49 -0.60 -2.72 0.94
CA VAL A 49 -0.08 -3.48 -0.21
C VAL A 49 1.37 -3.80 0.06
N GLU A 50 1.91 -4.92 -0.42
CA GLU A 50 3.34 -5.10 -0.47
C GLU A 50 3.82 -5.73 -1.77
N PHE A 51 5.10 -5.49 -2.03
CA PHE A 51 5.74 -5.44 -3.33
C PHE A 51 6.96 -6.34 -3.30
N SER A 52 7.27 -6.94 -4.45
CA SER A 52 8.38 -7.86 -4.55
C SER A 52 9.72 -7.11 -4.74
N HIS A 53 9.70 -5.87 -5.24
CA HIS A 53 10.90 -5.23 -5.82
C HIS A 53 11.61 -4.26 -4.86
N LEU A 54 10.91 -3.74 -3.84
CA LEU A 54 11.38 -2.75 -2.85
C LEU A 54 11.69 -1.35 -3.44
N GLN A 55 12.15 -1.28 -4.68
CA GLN A 55 12.33 -0.09 -5.49
C GLN A 55 10.98 0.49 -5.91
N ASP A 56 10.06 -0.38 -6.30
CA ASP A 56 8.81 0.03 -6.92
C ASP A 56 7.89 0.72 -5.91
N ALA A 57 8.11 0.46 -4.61
CA ALA A 57 7.34 1.04 -3.52
C ALA A 57 7.45 2.56 -3.62
N THR A 58 8.68 3.04 -3.83
CA THR A 58 8.97 4.44 -4.01
C THR A 58 8.22 5.00 -5.22
N ARG A 59 8.25 4.29 -6.35
CA ARG A 59 7.77 4.85 -7.61
C ARG A 59 6.28 5.16 -7.52
N TRP A 60 5.50 4.26 -6.92
CA TRP A 60 4.07 4.52 -6.72
C TRP A 60 3.85 5.70 -5.78
N MET A 61 4.69 5.83 -4.75
CA MET A 61 4.62 6.90 -3.75
C MET A 61 4.80 8.27 -4.40
N GLU A 62 5.97 8.52 -5.01
CA GLU A 62 6.32 9.82 -5.56
C GLU A 62 5.32 10.26 -6.63
N ALA A 63 4.92 9.30 -7.46
CA ALA A 63 4.03 9.53 -8.60
C ALA A 63 2.64 9.92 -8.15
N ASN A 64 2.20 9.45 -6.99
CA ASN A 64 0.95 9.87 -6.38
C ASN A 64 1.14 11.08 -5.49
N GLN A 65 2.37 11.57 -5.29
CA GLN A 65 2.65 12.70 -4.41
C GLN A 65 2.17 12.32 -3.00
N HIS A 66 2.40 11.04 -2.66
CA HIS A 66 1.98 10.39 -1.44
C HIS A 66 0.47 10.43 -1.19
N SER A 67 -0.36 10.74 -2.20
CA SER A 67 -1.79 10.94 -2.02
C SER A 67 -2.55 10.29 -3.18
N LEU A 68 -3.17 9.14 -2.92
CA LEU A 68 -4.02 8.44 -3.90
C LEU A 68 -5.44 9.01 -3.81
N ASN A 69 -6.31 8.57 -4.71
CA ASN A 69 -7.70 9.02 -4.74
C ASN A 69 -8.60 7.86 -5.12
N ILE A 70 -9.25 7.26 -4.12
CA ILE A 70 -10.20 6.18 -4.32
C ILE A 70 -11.51 6.62 -3.67
N LEU A 71 -12.63 6.44 -4.36
CA LEU A 71 -13.98 6.90 -3.98
C LEU A 71 -13.95 8.38 -3.56
N GLY A 72 -13.11 9.16 -4.21
CA GLY A 72 -12.98 10.59 -4.00
C GLY A 72 -12.25 10.99 -2.73
N GLN A 73 -11.94 10.07 -1.79
CA GLN A 73 -11.15 10.39 -0.63
C GLN A 73 -9.71 10.56 -1.05
N LYS A 74 -9.07 11.62 -0.59
CA LYS A 74 -7.62 11.79 -0.69
C LYS A 74 -7.04 10.86 0.37
N VAL A 75 -6.44 9.78 -0.06
CA VAL A 75 -5.75 8.82 0.78
C VAL A 75 -4.36 9.41 1.08
N SER A 76 -3.65 8.90 2.10
CA SER A 76 -2.21 9.10 2.27
C SER A 76 -1.49 7.75 2.22
N MET A 77 -0.22 7.71 1.80
CA MET A 77 0.57 6.48 1.73
C MET A 77 1.94 6.63 2.37
N HIS A 78 2.45 5.52 2.93
CA HIS A 78 3.51 5.50 3.92
C HIS A 78 4.37 4.24 3.76
N TYR A 79 5.65 4.30 4.11
CA TYR A 79 6.58 3.19 4.25
C TYR A 79 6.47 2.59 5.66
N SER A 80 5.39 1.88 5.93
CA SER A 80 5.28 0.90 7.01
C SER A 80 6.10 -0.35 6.61
N ASP A 81 7.41 -0.36 6.86
CA ASP A 81 8.27 -1.46 6.42
C ASP A 81 8.01 -2.75 7.23
N PRO A 82 8.35 -3.93 6.68
CA PRO A 82 7.97 -5.20 7.30
C PRO A 82 8.69 -5.48 8.61
N LYS A 83 10.00 -5.30 8.71
CA LYS A 83 10.76 -5.24 9.96
C LYS A 83 12.08 -4.55 9.59
N PRO A 84 12.76 -3.89 10.53
CA PRO A 84 14.01 -3.20 10.26
C PRO A 84 15.07 -4.18 9.79
N LYS A 85 15.31 -4.22 8.47
CA LYS A 85 16.23 -5.14 7.80
C LYS A 85 17.56 -4.44 7.48
N ILE A 86 17.81 -3.32 8.13
CA ILE A 86 19.03 -2.54 8.02
C ILE A 86 20.14 -3.31 8.75
N ASN A 87 21.37 -2.88 8.51
CA ASN A 87 22.54 -3.25 9.28
C ASN A 87 22.34 -2.85 10.75
N GLU A 88 23.38 -3.06 11.56
CA GLU A 88 23.50 -2.74 12.96
C GLU A 88 22.94 -1.34 13.20
N ASP A 89 21.83 -1.22 13.92
CA ASP A 89 21.17 0.06 14.18
C ASP A 89 21.99 0.97 15.11
N TRP A 90 23.06 0.43 15.70
CA TRP A 90 23.87 1.00 16.75
C TRP A 90 25.32 1.23 16.27
N LEU A 91 25.55 0.99 14.99
CA LEU A 91 26.70 1.45 14.24
C LEU A 91 26.19 2.66 13.47
N SER A 1 12.10 3.34 -0.19
CA SER A 1 11.43 2.23 0.50
C SER A 1 10.70 1.36 -0.53
N ASN A 2 10.05 0.26 -0.13
CA ASN A 2 9.36 -0.65 -1.03
C ASN A 2 7.94 -0.98 -0.55
N ILE A 3 7.53 -0.51 0.64
CA ILE A 3 6.14 -0.54 1.07
C ILE A 3 5.57 0.85 0.82
N VAL A 4 4.35 0.89 0.30
CA VAL A 4 3.48 2.05 0.25
C VAL A 4 2.19 1.61 0.95
N MET A 5 1.86 2.19 2.11
CA MET A 5 0.53 2.03 2.68
C MET A 5 -0.33 3.24 2.32
N LEU A 6 -1.65 3.12 2.45
CA LEU A 6 -2.63 4.06 1.95
C LEU A 6 -3.60 4.42 3.08
N ARG A 7 -3.30 5.46 3.86
CA ARG A 7 -4.20 5.89 4.93
C ARG A 7 -5.44 6.57 4.34
N MET A 8 -6.48 6.69 5.16
CA MET A 8 -7.76 7.35 4.86
C MET A 8 -8.61 6.55 3.84
N LEU A 9 -8.33 5.26 3.68
CA LEU A 9 -9.08 4.35 2.83
C LEU A 9 -10.52 4.21 3.34
N PRO A 10 -11.52 4.07 2.44
CA PRO A 10 -12.91 3.84 2.82
C PRO A 10 -13.10 2.44 3.37
N GLN A 11 -14.27 2.18 3.94
CA GLN A 11 -14.66 0.86 4.41
C GLN A 11 -14.91 -0.09 3.24
N ALA A 12 -15.44 0.41 2.12
CA ALA A 12 -15.91 -0.47 1.05
C ALA A 12 -14.79 -1.05 0.21
N ALA A 13 -13.66 -0.33 0.07
CA ALA A 13 -12.70 -0.65 -0.99
C ALA A 13 -12.20 -2.08 -0.85
N THR A 14 -12.20 -2.81 -1.96
CA THR A 14 -11.70 -4.16 -2.07
C THR A 14 -10.24 -4.14 -2.52
N GLU A 15 -9.55 -5.27 -2.34
CA GLU A 15 -8.20 -5.44 -2.84
C GLU A 15 -8.14 -5.12 -4.35
N ASP A 16 -9.22 -5.46 -5.08
CA ASP A 16 -9.30 -5.30 -6.51
C ASP A 16 -9.57 -3.86 -6.92
N ASP A 17 -10.44 -3.13 -6.20
CA ASP A 17 -10.69 -1.70 -6.44
C ASP A 17 -9.40 -0.89 -6.35
N ILE A 18 -8.42 -1.38 -5.61
CA ILE A 18 -7.13 -0.73 -5.44
C ILE A 18 -6.14 -1.31 -6.46
N ARG A 19 -6.22 -2.60 -6.81
CA ARG A 19 -5.41 -3.21 -7.88
C ARG A 19 -5.64 -2.47 -9.19
N GLY A 20 -6.84 -1.95 -9.44
CA GLY A 20 -7.07 -1.18 -10.64
C GLY A 20 -6.29 0.12 -10.65
N GLN A 21 -6.11 0.80 -9.51
CA GLN A 21 -5.32 2.04 -9.44
C GLN A 21 -3.83 1.75 -9.60
N LEU A 22 -3.39 0.54 -9.23
CA LEU A 22 -2.03 0.09 -9.41
C LEU A 22 -1.81 -0.17 -10.89
N GLN A 23 -2.58 -1.07 -11.51
CA GLN A 23 -2.37 -1.36 -12.91
C GLN A 23 -2.64 -0.14 -13.80
N SER A 24 -3.30 0.89 -13.27
CA SER A 24 -3.37 2.17 -13.91
C SER A 24 -1.97 2.72 -14.22
N HIS A 25 -0.93 2.54 -13.36
CA HIS A 25 0.21 3.44 -13.54
C HIS A 25 1.40 2.61 -14.10
N GLY A 26 1.27 1.29 -14.12
CA GLY A 26 2.30 0.39 -14.64
C GLY A 26 2.85 -0.50 -13.54
N VAL A 27 2.00 -0.86 -12.57
CA VAL A 27 2.35 -1.64 -11.39
C VAL A 27 1.32 -2.75 -11.15
N GLN A 28 1.77 -4.01 -11.19
CA GLN A 28 0.98 -5.23 -10.96
C GLN A 28 0.60 -5.47 -9.48
N ALA A 29 1.21 -4.72 -8.55
CA ALA A 29 1.24 -4.94 -7.12
C ALA A 29 1.52 -6.39 -6.67
N ARG A 30 2.80 -6.69 -6.41
CA ARG A 30 3.26 -8.03 -6.07
C ARG A 30 2.70 -8.52 -4.74
N GLU A 31 2.48 -7.65 -3.77
CA GLU A 31 1.88 -8.00 -2.49
C GLU A 31 0.96 -6.86 -2.06
N VAL A 32 -0.13 -7.17 -1.36
CA VAL A 32 -1.17 -6.24 -0.95
C VAL A 32 -1.88 -6.83 0.27
N ARG A 33 -2.38 -6.00 1.21
CA ARG A 33 -3.11 -6.48 2.40
C ARG A 33 -4.25 -5.53 2.81
N LEU A 34 -5.47 -5.75 2.32
CA LEU A 34 -6.64 -4.87 2.55
C LEU A 34 -7.68 -5.49 3.52
N MET A 35 -8.86 -4.85 3.70
CA MET A 35 -9.80 -5.07 4.81
C MET A 35 -10.49 -6.44 4.87
N ARG A 36 -10.36 -7.23 3.81
CA ARG A 36 -10.86 -8.60 3.68
C ARG A 36 -10.58 -9.42 4.95
N ASN A 37 -9.31 -9.53 5.33
CA ASN A 37 -8.78 -10.49 6.28
C ASN A 37 -9.13 -10.18 7.73
N LYS A 38 -10.39 -10.35 8.10
CA LYS A 38 -10.85 -9.80 9.36
C LYS A 38 -10.27 -10.50 10.59
N SER A 39 -9.42 -11.51 10.42
CA SER A 39 -8.73 -12.12 11.53
C SER A 39 -7.27 -11.67 11.55
N SER A 40 -6.57 -11.66 10.40
CA SER A 40 -5.22 -11.09 10.35
C SER A 40 -5.22 -9.63 10.78
N GLY A 41 -6.29 -8.90 10.49
CA GLY A 41 -6.42 -7.51 10.92
C GLY A 41 -5.72 -6.65 9.91
N GLN A 42 -6.07 -6.85 8.65
CA GLN A 42 -5.65 -6.01 7.54
C GLN A 42 -6.69 -4.88 7.36
N SER A 43 -7.45 -4.57 8.43
CA SER A 43 -8.69 -3.82 8.43
C SER A 43 -8.71 -2.79 9.58
N ARG A 44 -8.32 -1.55 9.28
CA ARG A 44 -8.51 -0.35 10.07
C ARG A 44 -9.09 0.73 9.17
N GLY A 45 -8.28 1.26 8.27
CA GLY A 45 -8.61 2.31 7.31
C GLY A 45 -7.37 2.60 6.47
N PHE A 46 -6.56 1.57 6.22
CA PHE A 46 -5.41 1.59 5.35
C PHE A 46 -5.16 0.18 4.83
N ALA A 47 -4.34 0.05 3.80
CA ALA A 47 -3.78 -1.21 3.37
C ALA A 47 -2.32 -0.95 3.05
N PHE A 48 -1.48 -1.98 3.14
CA PHE A 48 -0.09 -1.96 2.68
C PHE A 48 -0.10 -2.50 1.23
N VAL A 49 0.86 -2.05 0.42
CA VAL A 49 1.25 -2.62 -0.85
C VAL A 49 2.77 -2.72 -0.78
N GLU A 50 3.34 -3.89 -1.09
CA GLU A 50 4.77 -4.17 -1.09
C GLU A 50 5.19 -4.45 -2.54
N PHE A 51 6.17 -3.70 -3.05
CA PHE A 51 6.59 -3.80 -4.44
C PHE A 51 7.73 -4.82 -4.57
N SER A 52 8.23 -5.01 -5.78
CA SER A 52 9.34 -5.91 -6.10
C SER A 52 10.64 -5.15 -6.41
N HIS A 53 10.59 -3.82 -6.48
CA HIS A 53 11.66 -2.98 -7.01
C HIS A 53 11.69 -1.70 -6.18
N LEU A 54 12.84 -1.34 -5.63
CA LEU A 54 13.02 -0.17 -4.75
C LEU A 54 12.64 1.17 -5.36
N GLN A 55 12.38 1.22 -6.67
CA GLN A 55 11.95 2.42 -7.39
C GLN A 55 10.43 2.47 -7.59
N ASP A 56 9.74 1.33 -7.54
CA ASP A 56 8.33 1.22 -7.92
C ASP A 56 7.46 1.86 -6.84
N ALA A 57 7.89 1.79 -5.59
CA ALA A 57 7.19 2.39 -4.47
C ALA A 57 7.14 3.90 -4.69
N THR A 58 8.31 4.48 -5.00
CA THR A 58 8.47 5.88 -5.34
C THR A 58 7.63 6.24 -6.56
N ARG A 59 7.64 5.35 -7.56
CA ARG A 59 6.96 5.54 -8.83
C ARG A 59 5.51 5.81 -8.53
N TRP A 60 4.89 4.97 -7.70
CA TRP A 60 3.50 5.16 -7.31
C TRP A 60 3.30 6.46 -6.56
N MET A 61 4.12 6.69 -5.52
CA MET A 61 3.99 7.83 -4.63
C MET A 61 3.96 9.14 -5.44
N GLU A 62 5.04 9.44 -6.15
CA GLU A 62 5.23 10.75 -6.76
C GLU A 62 4.28 10.93 -7.95
N ALA A 63 3.99 9.85 -8.66
CA ALA A 63 3.04 9.88 -9.77
C ALA A 63 1.60 10.09 -9.29
N ASN A 64 1.37 10.07 -7.98
CA ASN A 64 0.07 10.34 -7.37
C ASN A 64 0.17 11.47 -6.37
N GLN A 65 1.27 12.24 -6.39
CA GLN A 65 1.47 13.46 -5.62
C GLN A 65 1.39 13.18 -4.12
N HIS A 66 1.56 11.92 -3.72
CA HIS A 66 1.36 11.36 -2.39
C HIS A 66 -0.12 11.28 -1.94
N SER A 67 -1.12 11.54 -2.79
CA SER A 67 -2.52 11.52 -2.36
C SER A 67 -3.48 11.09 -3.48
N LEU A 68 -3.94 9.82 -3.41
CA LEU A 68 -4.91 9.21 -4.33
C LEU A 68 -6.34 9.59 -3.95
N ASN A 69 -7.33 9.10 -4.70
CA ASN A 69 -8.73 9.43 -4.47
C ASN A 69 -9.66 8.26 -4.83
N ILE A 70 -9.88 7.34 -3.89
CA ILE A 70 -10.56 6.05 -4.14
C ILE A 70 -11.96 6.13 -3.53
N LEU A 71 -13.00 5.78 -4.29
CA LEU A 71 -14.42 5.95 -3.94
C LEU A 71 -14.74 7.41 -3.56
N GLY A 72 -13.92 8.36 -4.00
CA GLY A 72 -14.08 9.76 -3.65
C GLY A 72 -13.61 10.12 -2.25
N GLN A 73 -13.04 9.17 -1.49
CA GLN A 73 -12.33 9.48 -0.27
C GLN A 73 -10.98 10.06 -0.67
N LYS A 74 -10.51 11.06 0.09
CA LYS A 74 -9.14 11.52 0.02
C LYS A 74 -8.29 10.44 0.67
N VAL A 75 -7.24 9.98 0.00
CA VAL A 75 -6.36 8.92 0.46
C VAL A 75 -4.93 9.48 0.45
N SER A 76 -4.09 9.06 1.39
CA SER A 76 -2.71 9.53 1.51
C SER A 76 -1.74 8.34 1.55
N MET A 77 -0.73 8.30 0.66
CA MET A 77 0.26 7.22 0.67
C MET A 77 1.45 7.55 1.57
N HIS A 78 2.03 6.50 2.15
CA HIS A 78 3.08 6.51 3.16
C HIS A 78 4.08 5.39 2.88
N TYR A 79 5.39 5.68 2.92
CA TYR A 79 6.38 4.66 3.11
C TYR A 79 6.26 4.10 4.53
N SER A 80 6.03 2.80 4.63
CA SER A 80 5.94 2.09 5.90
C SER A 80 6.89 0.89 5.81
N ASP A 81 8.16 1.14 5.49
CA ASP A 81 9.08 0.07 5.10
C ASP A 81 9.28 -0.94 6.24
N PRO A 82 9.65 -2.18 5.90
CA PRO A 82 9.57 -3.26 6.87
C PRO A 82 10.62 -3.21 7.96
N LYS A 83 11.71 -2.46 7.72
CA LYS A 83 12.85 -2.21 8.60
C LYS A 83 13.59 -3.50 9.02
N PRO A 84 14.80 -3.41 9.59
CA PRO A 84 15.34 -4.53 10.34
C PRO A 84 14.47 -4.70 11.58
N LYS A 85 13.62 -5.72 11.61
CA LYS A 85 12.75 -6.03 12.74
C LYS A 85 13.09 -7.42 13.31
N ILE A 86 14.32 -7.87 13.07
CA ILE A 86 14.89 -9.01 13.76
C ILE A 86 15.24 -8.51 15.16
N ASN A 87 15.27 -9.42 16.14
CA ASN A 87 15.77 -9.10 17.48
C ASN A 87 17.29 -8.97 17.56
N GLU A 88 17.97 -9.27 16.47
CA GLU A 88 19.41 -9.37 16.37
C GLU A 88 19.83 -8.68 15.10
N ASP A 89 20.54 -7.59 15.30
CA ASP A 89 21.03 -6.69 14.26
C ASP A 89 22.36 -7.17 13.64
N TRP A 90 22.83 -8.33 14.10
CA TRP A 90 24.11 -8.95 13.75
C TRP A 90 23.95 -10.41 13.34
N LEU A 91 22.72 -10.92 13.35
CA LEU A 91 22.36 -12.23 12.79
C LEU A 91 21.80 -12.05 11.39
N SER A 1 12.01 2.13 0.34
CA SER A 1 10.70 1.62 0.74
C SER A 1 10.00 1.01 -0.46
N ASN A 2 9.20 -0.02 -0.24
CA ASN A 2 8.49 -0.82 -1.23
C ASN A 2 7.15 -1.24 -0.65
N ILE A 3 6.61 -0.47 0.29
CA ILE A 3 5.36 -0.75 0.99
C ILE A 3 4.66 0.60 1.10
N VAL A 4 3.34 0.63 0.90
CA VAL A 4 2.61 1.89 0.85
C VAL A 4 1.42 1.81 1.83
N MET A 5 1.42 2.73 2.78
CA MET A 5 0.42 2.88 3.82
C MET A 5 -0.61 3.87 3.32
N LEU A 6 -1.83 3.39 3.08
CA LEU A 6 -2.88 4.17 2.47
C LEU A 6 -3.86 4.55 3.56
N ARG A 7 -3.55 5.59 4.33
CA ARG A 7 -4.11 5.76 5.69
C ARG A 7 -5.53 6.29 5.74
N MET A 8 -6.05 6.63 4.58
CA MET A 8 -7.34 7.25 4.39
C MET A 8 -8.06 6.51 3.27
N LEU A 9 -8.47 5.26 3.53
CA LEU A 9 -9.26 4.46 2.60
C LEU A 9 -10.71 4.39 3.05
N PRO A 10 -11.69 4.35 2.13
CA PRO A 10 -13.09 4.16 2.48
C PRO A 10 -13.41 2.75 2.96
N GLN A 11 -14.52 2.66 3.68
CA GLN A 11 -15.05 1.43 4.27
C GLN A 11 -15.58 0.44 3.23
N ALA A 12 -15.68 0.81 1.94
CA ALA A 12 -16.01 -0.12 0.86
C ALA A 12 -14.79 -0.59 0.07
N ALA A 13 -13.68 0.15 0.04
CA ALA A 13 -12.60 -0.12 -0.90
C ALA A 13 -12.09 -1.55 -0.74
N THR A 14 -11.88 -2.24 -1.87
CA THR A 14 -11.42 -3.62 -1.87
C THR A 14 -9.93 -3.68 -2.08
N GLU A 15 -9.33 -4.86 -1.86
CA GLU A 15 -7.96 -5.08 -2.28
C GLU A 15 -7.83 -4.91 -3.78
N ASP A 16 -8.89 -5.29 -4.50
CA ASP A 16 -8.97 -5.21 -5.94
C ASP A 16 -8.85 -3.76 -6.41
N ASP A 17 -9.42 -2.81 -5.67
CA ASP A 17 -9.32 -1.37 -5.95
C ASP A 17 -7.87 -0.90 -5.89
N ILE A 18 -7.08 -1.43 -4.95
CA ILE A 18 -5.67 -1.07 -4.83
C ILE A 18 -4.96 -1.64 -6.05
N ARG A 19 -5.14 -2.94 -6.28
CA ARG A 19 -4.49 -3.70 -7.34
C ARG A 19 -4.79 -3.07 -8.71
N GLY A 20 -6.00 -2.56 -8.90
CA GLY A 20 -6.44 -1.87 -10.10
C GLY A 20 -5.66 -0.58 -10.32
N GLN A 21 -5.55 0.29 -9.29
CA GLN A 21 -4.79 1.53 -9.38
C GLN A 21 -3.35 1.21 -9.76
N LEU A 22 -2.75 0.24 -9.05
CA LEU A 22 -1.37 -0.15 -9.24
C LEU A 22 -1.17 -0.55 -10.69
N GLN A 23 -1.95 -1.52 -11.16
CA GLN A 23 -1.79 -2.05 -12.51
C GLN A 23 -2.03 -0.99 -13.57
N SER A 24 -2.91 -0.02 -13.31
CA SER A 24 -3.14 1.11 -14.19
C SER A 24 -1.88 1.95 -14.36
N HIS A 25 -1.13 2.23 -13.30
CA HIS A 25 0.14 2.93 -13.42
C HIS A 25 1.27 2.04 -13.94
N GLY A 26 1.08 0.71 -14.04
CA GLY A 26 2.09 -0.23 -14.50
C GLY A 26 2.81 -0.91 -13.33
N VAL A 27 2.16 -0.99 -12.17
CA VAL A 27 2.72 -1.50 -10.94
C VAL A 27 2.02 -2.81 -10.59
N GLN A 28 2.83 -3.81 -10.23
CA GLN A 28 2.37 -5.17 -10.03
C GLN A 28 1.59 -5.35 -8.73
N ALA A 29 2.11 -4.80 -7.63
CA ALA A 29 1.82 -5.22 -6.25
C ALA A 29 2.30 -6.66 -6.04
N ARG A 30 3.34 -6.87 -5.23
CA ARG A 30 3.81 -8.22 -4.92
C ARG A 30 2.79 -8.94 -4.05
N GLU A 31 2.24 -8.22 -3.07
CA GLU A 31 1.42 -8.74 -1.99
C GLU A 31 0.56 -7.56 -1.51
N VAL A 32 -0.52 -7.81 -0.79
CA VAL A 32 -1.33 -6.75 -0.20
C VAL A 32 -2.26 -7.34 0.88
N ARG A 33 -2.66 -6.49 1.82
CA ARG A 33 -3.41 -6.80 3.03
C ARG A 33 -4.39 -5.66 3.26
N LEU A 34 -5.66 -5.84 2.87
CA LEU A 34 -6.76 -4.88 3.10
C LEU A 34 -7.95 -5.66 3.72
N MET A 35 -9.18 -5.16 3.53
CA MET A 35 -10.45 -5.61 4.11
C MET A 35 -10.91 -6.98 3.61
N ARG A 36 -10.19 -8.02 4.00
CA ARG A 36 -10.28 -9.34 3.39
C ARG A 36 -10.13 -10.45 4.42
N ASN A 37 -9.31 -10.29 5.46
CA ASN A 37 -9.03 -11.39 6.36
C ASN A 37 -10.21 -11.56 7.29
N LYS A 38 -10.70 -10.43 7.82
CA LYS A 38 -11.44 -10.17 9.07
C LYS A 38 -10.87 -10.81 10.34
N SER A 39 -9.88 -11.68 10.21
CA SER A 39 -9.47 -12.57 11.27
C SER A 39 -8.26 -12.06 12.05
N SER A 40 -7.48 -11.09 11.51
CA SER A 40 -6.12 -10.82 12.00
C SER A 40 -5.85 -9.33 12.27
N GLY A 41 -6.56 -8.42 11.59
CA GLY A 41 -6.48 -6.98 11.84
C GLY A 41 -6.52 -6.08 10.58
N GLN A 42 -6.57 -6.66 9.37
CA GLN A 42 -6.20 -5.97 8.13
C GLN A 42 -7.25 -4.97 7.63
N SER A 43 -8.26 -4.64 8.44
CA SER A 43 -9.41 -3.82 8.07
C SER A 43 -9.67 -2.73 9.12
N ARG A 44 -9.33 -1.47 8.83
CA ARG A 44 -9.61 -0.31 9.70
C ARG A 44 -9.75 1.02 8.95
N GLY A 45 -9.79 1.03 7.63
CA GLY A 45 -9.81 2.24 6.80
C GLY A 45 -8.43 2.56 6.22
N PHE A 46 -7.57 1.55 6.07
CA PHE A 46 -6.28 1.64 5.40
C PHE A 46 -5.84 0.25 4.91
N ALA A 47 -4.71 0.18 4.19
CA ALA A 47 -4.14 -1.02 3.58
C ALA A 47 -2.64 -1.08 3.84
N PHE A 48 -2.05 -2.25 3.61
CA PHE A 48 -0.63 -2.47 3.45
C PHE A 48 -0.44 -3.18 2.13
N VAL A 49 0.07 -2.49 1.11
CA VAL A 49 0.54 -3.13 -0.14
C VAL A 49 2.03 -3.45 0.05
N GLU A 50 2.56 -4.50 -0.58
CA GLU A 50 3.98 -4.67 -0.82
C GLU A 50 4.22 -4.56 -2.33
N PHE A 51 5.39 -4.05 -2.72
CA PHE A 51 5.87 -3.92 -4.08
C PHE A 51 7.00 -4.92 -4.27
N SER A 52 7.17 -5.39 -5.50
CA SER A 52 8.31 -6.23 -5.85
C SER A 52 9.59 -5.41 -5.96
N HIS A 53 9.49 -4.10 -6.22
CA HIS A 53 10.64 -3.27 -6.51
C HIS A 53 10.51 -1.96 -5.76
N LEU A 54 11.65 -1.42 -5.32
CA LEU A 54 11.71 -0.16 -4.60
C LEU A 54 11.19 0.96 -5.48
N GLN A 55 11.75 1.10 -6.69
CA GLN A 55 11.51 2.28 -7.53
C GLN A 55 10.06 2.40 -8.01
N ASP A 56 9.31 1.28 -8.02
CA ASP A 56 7.91 1.28 -8.37
C ASP A 56 7.08 1.91 -7.26
N ALA A 57 7.51 1.79 -5.99
CA ALA A 57 6.81 2.42 -4.88
C ALA A 57 6.93 3.93 -5.07
N THR A 58 8.13 4.43 -5.35
CA THR A 58 8.37 5.83 -5.64
C THR A 58 7.54 6.27 -6.85
N ARG A 59 7.50 5.44 -7.90
CA ARG A 59 6.70 5.72 -9.08
C ARG A 59 5.24 5.90 -8.69
N TRP A 60 4.73 5.18 -7.69
CA TRP A 60 3.36 5.34 -7.24
C TRP A 60 3.19 6.61 -6.39
N MET A 61 4.12 6.87 -5.46
CA MET A 61 4.17 8.09 -4.65
C MET A 61 4.08 9.33 -5.57
N GLU A 62 5.11 9.58 -6.37
CA GLU A 62 5.30 10.88 -7.01
C GLU A 62 4.31 11.09 -8.16
N ALA A 63 3.91 10.01 -8.84
CA ALA A 63 2.90 10.08 -9.88
C ALA A 63 1.63 10.69 -9.33
N ASN A 64 1.18 10.16 -8.19
CA ASN A 64 -0.06 10.57 -7.58
C ASN A 64 0.17 11.75 -6.64
N GLN A 65 1.37 12.31 -6.58
CA GLN A 65 1.69 13.49 -5.77
C GLN A 65 1.31 13.20 -4.31
N HIS A 66 1.62 11.98 -3.87
CA HIS A 66 1.33 11.40 -2.57
C HIS A 66 -0.18 11.30 -2.23
N SER A 67 -1.10 11.55 -3.17
CA SER A 67 -2.55 11.51 -2.96
C SER A 67 -3.27 10.74 -4.07
N LEU A 68 -3.71 9.53 -3.76
CA LEU A 68 -4.51 8.70 -4.66
C LEU A 68 -5.98 9.12 -4.57
N ASN A 69 -6.82 8.52 -5.42
CA ASN A 69 -8.22 8.89 -5.54
C ASN A 69 -9.09 7.65 -5.75
N ILE A 70 -9.71 7.18 -4.67
CA ILE A 70 -10.36 5.87 -4.58
C ILE A 70 -11.75 6.12 -4.00
N LEU A 71 -12.79 5.69 -4.72
CA LEU A 71 -14.19 6.09 -4.51
C LEU A 71 -14.30 7.62 -4.46
N GLY A 72 -13.43 8.31 -5.20
CA GLY A 72 -13.30 9.75 -5.23
C GLY A 72 -12.66 10.37 -3.97
N GLN A 73 -12.42 9.61 -2.91
CA GLN A 73 -11.85 10.09 -1.68
C GLN A 73 -10.39 10.46 -1.94
N LYS A 74 -9.92 11.49 -1.26
CA LYS A 74 -8.51 11.78 -1.17
C LYS A 74 -7.90 10.78 -0.20
N VAL A 75 -7.09 9.87 -0.71
CA VAL A 75 -6.26 9.00 0.11
C VAL A 75 -4.94 9.74 0.31
N SER A 76 -4.18 9.35 1.34
CA SER A 76 -2.80 9.78 1.52
C SER A 76 -1.92 8.54 1.57
N MET A 77 -0.86 8.51 0.76
CA MET A 77 0.15 7.45 0.81
C MET A 77 1.34 7.90 1.64
N HIS A 78 1.99 6.92 2.27
CA HIS A 78 3.13 7.04 3.15
C HIS A 78 3.99 5.82 2.89
N TYR A 79 5.32 5.95 2.86
CA TYR A 79 6.18 4.79 2.97
C TYR A 79 6.02 4.20 4.37
N SER A 80 5.44 3.02 4.47
CA SER A 80 5.48 2.15 5.64
C SER A 80 6.76 1.32 5.50
N ASP A 81 7.93 1.92 5.70
CA ASP A 81 9.18 1.22 5.39
C ASP A 81 9.27 -0.10 6.17
N PRO A 82 9.85 -1.16 5.58
CA PRO A 82 9.85 -2.48 6.20
C PRO A 82 10.79 -2.58 7.40
N LYS A 83 11.78 -1.68 7.42
CA LYS A 83 12.93 -1.55 8.29
C LYS A 83 13.80 -2.79 8.40
N PRO A 84 15.04 -2.67 8.91
CA PRO A 84 15.73 -3.81 9.45
C PRO A 84 14.97 -4.26 10.70
N LYS A 85 14.17 -5.30 10.57
CA LYS A 85 13.46 -5.97 11.67
C LYS A 85 14.02 -7.39 11.82
N ILE A 86 15.24 -7.61 11.35
CA ILE A 86 16.06 -8.73 11.76
C ILE A 86 16.33 -8.48 13.23
N ASN A 87 16.24 -9.52 14.05
CA ASN A 87 16.44 -9.45 15.50
C ASN A 87 17.90 -9.23 15.91
N GLU A 88 18.78 -9.20 14.93
CA GLU A 88 20.19 -8.91 15.06
C GLU A 88 20.62 -7.97 13.94
N ASP A 89 21.82 -7.41 14.05
CA ASP A 89 22.36 -6.42 13.13
C ASP A 89 23.72 -6.82 12.55
N TRP A 90 24.25 -7.98 12.98
CA TRP A 90 25.44 -8.64 12.46
C TRP A 90 25.09 -9.95 11.74
N LEU A 91 23.78 -10.22 11.60
CA LEU A 91 23.25 -11.34 10.82
C LEU A 91 23.20 -10.96 9.35
N SER A 1 11.60 0.14 2.55
CA SER A 1 10.34 -0.59 2.70
C SER A 1 9.91 -1.11 1.35
N ASN A 2 8.96 -2.03 1.43
CA ASN A 2 8.25 -2.72 0.37
C ASN A 2 6.76 -2.76 0.75
N ILE A 3 6.38 -2.16 1.89
CA ILE A 3 5.00 -2.00 2.35
C ILE A 3 4.67 -0.53 2.23
N VAL A 4 3.50 -0.25 1.68
CA VAL A 4 2.90 1.07 1.60
C VAL A 4 1.49 0.90 2.17
N MET A 5 1.29 1.35 3.41
CA MET A 5 0.00 1.35 4.07
C MET A 5 -0.74 2.59 3.58
N LEU A 6 -1.92 2.41 2.98
CA LEU A 6 -2.75 3.48 2.48
C LEU A 6 -3.71 3.87 3.60
N ARG A 7 -3.63 5.08 4.14
CA ARG A 7 -4.60 5.58 5.11
C ARG A 7 -5.61 6.48 4.41
N MET A 8 -6.77 6.62 5.05
CA MET A 8 -7.89 7.45 4.59
C MET A 8 -8.58 6.80 3.39
N LEU A 9 -8.53 5.47 3.28
CA LEU A 9 -9.34 4.76 2.30
C LEU A 9 -10.80 4.84 2.76
N PRO A 10 -11.76 4.95 1.81
CA PRO A 10 -13.18 4.97 2.13
C PRO A 10 -13.64 3.59 2.59
N GLN A 11 -14.87 3.54 3.08
CA GLN A 11 -15.51 2.26 3.41
C GLN A 11 -15.80 1.46 2.14
N ALA A 12 -16.17 2.17 1.07
CA ALA A 12 -16.71 1.58 -0.13
C ALA A 12 -15.67 0.87 -0.98
N ALA A 13 -14.39 1.23 -0.88
CA ALA A 13 -13.35 0.66 -1.72
C ALA A 13 -13.21 -0.86 -1.48
N THR A 14 -12.63 -1.53 -2.47
CA THR A 14 -12.43 -2.96 -2.52
C THR A 14 -10.97 -3.23 -2.85
N GLU A 15 -10.46 -4.41 -2.48
CA GLU A 15 -9.05 -4.73 -2.74
C GLU A 15 -8.76 -4.64 -4.23
N ASP A 16 -9.74 -5.00 -5.05
CA ASP A 16 -9.68 -4.97 -6.50
C ASP A 16 -9.50 -3.55 -7.05
N ASP A 17 -9.94 -2.51 -6.31
CA ASP A 17 -9.79 -1.11 -6.70
C ASP A 17 -8.31 -0.75 -6.65
N ILE A 18 -7.70 -0.99 -5.49
CA ILE A 18 -6.26 -0.92 -5.24
C ILE A 18 -5.58 -1.75 -6.30
N ARG A 19 -5.98 -2.99 -6.57
CA ARG A 19 -5.30 -3.85 -7.53
C ARG A 19 -5.29 -3.29 -8.94
N GLY A 20 -6.21 -2.40 -9.29
CA GLY A 20 -6.16 -1.64 -10.53
C GLY A 20 -5.36 -0.33 -10.48
N GLN A 21 -5.02 0.21 -9.30
CA GLN A 21 -4.36 1.51 -9.22
C GLN A 21 -2.90 1.32 -9.64
N LEU A 22 -2.33 0.15 -9.35
CA LEU A 22 -0.90 -0.06 -9.36
C LEU A 22 -0.47 -0.28 -10.79
N GLN A 23 -1.24 -1.12 -11.46
CA GLN A 23 -1.10 -1.35 -12.89
C GLN A 23 -1.21 -0.06 -13.70
N SER A 24 -1.93 0.97 -13.24
CA SER A 24 -1.91 2.30 -13.85
C SER A 24 -0.46 2.80 -13.90
N HIS A 25 0.21 2.84 -12.74
CA HIS A 25 1.60 3.24 -12.61
C HIS A 25 2.60 2.18 -13.12
N GLY A 26 2.14 0.99 -13.53
CA GLY A 26 2.98 -0.07 -14.09
C GLY A 26 3.45 -1.08 -13.06
N VAL A 27 3.17 -0.86 -11.78
CA VAL A 27 3.48 -1.75 -10.66
C VAL A 27 2.48 -2.91 -10.68
N GLN A 28 2.73 -3.93 -9.87
CA GLN A 28 1.76 -4.94 -9.49
C GLN A 28 1.54 -4.82 -7.98
N ALA A 29 0.37 -5.15 -7.45
CA ALA A 29 0.27 -5.67 -6.13
C ALA A 29 0.75 -7.11 -6.17
N ARG A 30 1.71 -7.49 -5.30
CA ARG A 30 1.94 -8.90 -5.05
C ARG A 30 0.99 -9.32 -3.93
N GLU A 31 1.09 -8.67 -2.76
CA GLU A 31 0.21 -8.87 -1.62
C GLU A 31 -0.71 -7.65 -1.50
N VAL A 32 -1.89 -7.81 -0.91
CA VAL A 32 -2.72 -6.71 -0.41
C VAL A 32 -3.38 -7.14 0.91
N ARG A 33 -3.86 -6.17 1.69
CA ARG A 33 -4.62 -6.35 2.93
C ARG A 33 -5.69 -5.27 3.02
N LEU A 34 -6.66 -5.31 2.10
CA LEU A 34 -7.90 -4.55 2.21
C LEU A 34 -9.01 -5.59 2.43
N MET A 35 -10.24 -5.24 2.02
CA MET A 35 -11.52 -5.84 2.23
C MET A 35 -11.79 -6.00 3.73
N ARG A 36 -12.92 -6.59 4.07
CA ARG A 36 -13.25 -7.05 5.41
C ARG A 36 -12.75 -8.47 5.52
N ASN A 37 -12.19 -8.84 6.67
CA ASN A 37 -11.85 -10.21 6.99
C ASN A 37 -11.67 -10.41 8.49
N LYS A 38 -12.69 -10.89 9.19
CA LYS A 38 -12.60 -11.21 10.62
C LYS A 38 -11.64 -12.34 10.97
N SER A 39 -11.17 -13.08 9.98
CA SER A 39 -10.21 -14.15 10.14
C SER A 39 -8.77 -13.64 9.95
N SER A 40 -8.55 -12.43 9.40
CA SER A 40 -7.20 -11.93 9.13
C SER A 40 -6.94 -10.58 9.81
N GLY A 41 -7.91 -9.66 9.80
CA GLY A 41 -7.84 -8.41 10.55
C GLY A 41 -7.98 -7.17 9.67
N GLN A 42 -8.45 -7.33 8.43
CA GLN A 42 -8.50 -6.26 7.45
C GLN A 42 -9.79 -5.45 7.62
N SER A 43 -9.93 -4.35 6.87
CA SER A 43 -10.97 -3.31 6.88
C SER A 43 -10.79 -2.38 8.07
N ARG A 44 -9.98 -1.34 7.87
CA ARG A 44 -9.58 -0.43 8.94
C ARG A 44 -9.73 1.04 8.53
N GLY A 45 -10.17 1.35 7.30
CA GLY A 45 -9.97 2.68 6.70
C GLY A 45 -8.48 2.92 6.41
N PHE A 46 -7.68 1.88 6.54
CA PHE A 46 -6.42 1.70 5.84
C PHE A 46 -6.38 0.26 5.33
N ALA A 47 -5.46 0.00 4.40
CA ALA A 47 -5.05 -1.27 3.86
C ALA A 47 -3.53 -1.25 3.75
N PHE A 48 -2.94 -2.38 3.38
CA PHE A 48 -1.53 -2.50 3.05
C PHE A 48 -1.40 -3.07 1.65
N VAL A 49 -0.29 -2.80 0.98
CA VAL A 49 0.21 -3.53 -0.17
C VAL A 49 1.62 -3.92 0.25
N GLU A 50 1.97 -5.21 0.20
CA GLU A 50 3.33 -5.69 0.25
C GLU A 50 3.70 -5.90 -1.22
N PHE A 51 4.69 -5.16 -1.71
CA PHE A 51 5.14 -5.28 -3.09
C PHE A 51 6.11 -6.45 -3.23
N SER A 52 6.72 -6.58 -4.41
CA SER A 52 7.78 -7.55 -4.64
C SER A 52 9.16 -6.90 -4.65
N HIS A 53 9.27 -5.63 -5.02
CA HIS A 53 10.53 -4.90 -5.06
C HIS A 53 10.44 -3.78 -4.03
N LEU A 54 11.54 -3.50 -3.32
CA LEU A 54 11.63 -2.27 -2.54
C LEU A 54 11.45 -1.08 -3.48
N GLN A 55 11.98 -1.18 -4.70
CA GLN A 55 11.78 -0.20 -5.75
C GLN A 55 10.30 0.05 -6.05
N ASP A 56 9.42 -0.96 -6.00
CA ASP A 56 8.00 -0.76 -6.32
C ASP A 56 7.40 0.24 -5.35
N ALA A 57 7.80 0.16 -4.07
CA ALA A 57 7.22 0.93 -2.99
C ALA A 57 7.55 2.40 -3.25
N THR A 58 8.84 2.68 -3.43
CA THR A 58 9.33 4.01 -3.72
C THR A 58 8.71 4.56 -4.99
N ARG A 59 8.69 3.75 -6.05
CA ARG A 59 8.18 4.19 -7.34
C ARG A 59 6.73 4.62 -7.17
N TRP A 60 5.94 3.84 -6.42
CA TRP A 60 4.57 4.20 -6.11
C TRP A 60 4.48 5.54 -5.38
N MET A 61 5.24 5.69 -4.28
CA MET A 61 5.26 6.86 -3.42
C MET A 61 5.59 8.12 -4.22
N GLU A 62 6.81 8.20 -4.76
CA GLU A 62 7.40 9.40 -5.31
C GLU A 62 6.58 9.89 -6.51
N ALA A 63 6.11 8.94 -7.34
CA ALA A 63 5.33 9.21 -8.54
C ALA A 63 3.90 9.60 -8.22
N ASN A 64 3.36 9.18 -7.08
CA ASN A 64 2.05 9.65 -6.64
C ASN A 64 2.15 10.91 -5.80
N GLN A 65 3.36 11.44 -5.57
CA GLN A 65 3.56 12.61 -4.72
C GLN A 65 2.99 12.32 -3.32
N HIS A 66 3.03 11.03 -2.94
CA HIS A 66 2.52 10.50 -1.68
C HIS A 66 1.00 10.63 -1.49
N SER A 67 0.20 10.85 -2.53
CA SER A 67 -1.26 10.90 -2.42
C SER A 67 -1.90 10.16 -3.61
N LEU A 68 -2.80 9.22 -3.29
CA LEU A 68 -3.63 8.50 -4.25
C LEU A 68 -5.06 9.05 -4.17
N ASN A 69 -5.91 8.61 -5.10
CA ASN A 69 -7.29 9.04 -5.21
C ASN A 69 -8.13 7.85 -5.63
N ILE A 70 -8.79 7.21 -4.66
CA ILE A 70 -9.60 6.01 -4.83
C ILE A 70 -11.03 6.39 -4.50
N LEU A 71 -11.97 6.08 -5.39
CA LEU A 71 -13.38 6.50 -5.32
C LEU A 71 -13.48 8.02 -5.15
N GLY A 72 -12.49 8.76 -5.65
CA GLY A 72 -12.42 10.21 -5.53
C GLY A 72 -12.04 10.71 -4.13
N GLN A 73 -11.96 9.83 -3.12
CA GLN A 73 -11.46 10.19 -1.80
C GLN A 73 -9.94 10.37 -1.89
N LYS A 74 -9.38 11.33 -1.17
CA LYS A 74 -7.94 11.59 -1.08
C LYS A 74 -7.35 10.61 -0.06
N VAL A 75 -6.27 9.92 -0.42
CA VAL A 75 -5.68 8.83 0.35
C VAL A 75 -4.19 9.14 0.50
N SER A 76 -3.62 8.92 1.68
CA SER A 76 -2.19 9.13 1.96
C SER A 76 -1.48 7.79 2.12
N MET A 77 -0.18 7.75 1.85
CA MET A 77 0.64 6.54 1.83
C MET A 77 1.87 6.68 2.72
N HIS A 78 2.23 5.60 3.40
CA HIS A 78 3.26 5.56 4.44
C HIS A 78 4.02 4.23 4.42
N TYR A 79 5.33 4.26 4.67
CA TYR A 79 6.17 3.08 4.83
C TYR A 79 5.93 2.41 6.18
N SER A 80 4.89 1.58 6.24
CA SER A 80 4.58 0.72 7.37
C SER A 80 5.39 -0.57 7.23
N ASP A 81 6.72 -0.42 7.20
CA ASP A 81 7.66 -1.50 6.91
C ASP A 81 7.51 -2.66 7.92
N PRO A 82 7.87 -3.90 7.53
CA PRO A 82 7.46 -5.09 8.25
C PRO A 82 8.20 -5.23 9.58
N LYS A 83 9.50 -4.93 9.56
CA LYS A 83 10.40 -4.90 10.69
C LYS A 83 11.58 -4.03 10.28
N PRO A 84 12.18 -3.27 11.22
CA PRO A 84 13.37 -2.50 10.96
C PRO A 84 14.51 -3.47 10.65
N LYS A 85 14.87 -3.56 9.36
CA LYS A 85 15.73 -4.58 8.77
C LYS A 85 16.99 -3.97 8.18
N ILE A 86 17.56 -3.06 8.95
CA ILE A 86 18.83 -2.44 8.66
C ILE A 86 19.86 -3.56 8.55
N ASN A 87 20.97 -3.31 7.84
CA ASN A 87 22.20 -4.09 7.93
C ASN A 87 22.78 -3.93 9.33
N GLU A 88 24.09 -4.08 9.55
CA GLU A 88 24.62 -3.77 10.87
C GLU A 88 24.29 -2.33 11.21
N ASP A 89 23.79 -2.11 12.42
CA ASP A 89 23.57 -0.78 12.98
C ASP A 89 24.91 -0.06 13.21
N TRP A 90 26.05 -0.73 12.95
CA TRP A 90 27.38 -0.22 13.22
C TRP A 90 28.29 -0.32 12.02
N LEU A 91 27.83 -0.94 10.94
CA LEU A 91 28.49 -0.90 9.65
C LEU A 91 27.53 -1.01 8.48
N SER A 1 12.61 2.18 0.24
CA SER A 1 11.36 1.52 0.62
C SER A 1 10.68 0.93 -0.62
N ASN A 2 10.00 -0.22 -0.47
CA ASN A 2 9.15 -0.88 -1.47
C ASN A 2 7.75 -1.15 -0.93
N ILE A 3 7.39 -0.55 0.21
CA ILE A 3 6.06 -0.64 0.79
C ILE A 3 5.41 0.72 0.64
N VAL A 4 4.28 0.75 -0.05
CA VAL A 4 3.43 1.91 -0.12
C VAL A 4 2.25 1.60 0.82
N MET A 5 2.08 2.39 1.87
CA MET A 5 1.00 2.29 2.84
C MET A 5 0.05 3.46 2.58
N LEU A 6 -1.25 3.19 2.58
CA LEU A 6 -2.28 4.11 2.13
C LEU A 6 -3.12 4.52 3.33
N ARG A 7 -2.78 5.61 4.01
CA ARG A 7 -3.60 6.15 5.10
C ARG A 7 -4.94 6.63 4.55
N MET A 8 -5.93 6.73 5.43
CA MET A 8 -7.22 7.37 5.18
C MET A 8 -8.13 6.55 4.25
N LEU A 9 -7.97 5.22 4.22
CA LEU A 9 -8.80 4.35 3.42
C LEU A 9 -10.26 4.40 3.87
N PRO A 10 -11.20 4.25 2.94
CA PRO A 10 -12.60 4.01 3.27
C PRO A 10 -12.80 2.60 3.76
N GLN A 11 -13.92 2.42 4.44
CA GLN A 11 -14.32 1.11 4.91
C GLN A 11 -14.88 0.27 3.74
N ALA A 12 -15.34 0.89 2.65
CA ALA A 12 -16.01 0.18 1.56
C ALA A 12 -15.05 -0.47 0.57
N ALA A 13 -13.83 0.06 0.42
CA ALA A 13 -12.93 -0.35 -0.65
C ALA A 13 -12.50 -1.81 -0.49
N THR A 14 -12.05 -2.40 -1.59
CA THR A 14 -11.69 -3.80 -1.70
C THR A 14 -10.26 -3.93 -2.20
N GLU A 15 -9.63 -5.09 -1.94
CA GLU A 15 -8.29 -5.39 -2.42
C GLU A 15 -8.25 -5.19 -3.95
N ASP A 16 -9.30 -5.59 -4.67
CA ASP A 16 -9.37 -5.47 -6.12
C ASP A 16 -9.44 -4.01 -6.57
N ASP A 17 -10.16 -3.14 -5.85
CA ASP A 17 -10.32 -1.73 -6.22
C ASP A 17 -8.95 -1.07 -6.29
N ILE A 18 -8.15 -1.32 -5.26
CA ILE A 18 -6.82 -0.79 -5.11
C ILE A 18 -5.89 -1.46 -6.13
N ARG A 19 -6.05 -2.75 -6.43
CA ARG A 19 -5.24 -3.44 -7.45
C ARG A 19 -5.28 -2.69 -8.78
N GLY A 20 -6.46 -2.20 -9.20
CA GLY A 20 -6.60 -1.39 -10.40
C GLY A 20 -5.96 0.00 -10.27
N GLN A 21 -5.86 0.55 -9.06
CA GLN A 21 -5.18 1.81 -8.78
C GLN A 21 -3.66 1.63 -8.85
N LEU A 22 -3.13 0.45 -9.19
CA LEU A 22 -1.71 0.25 -9.43
C LEU A 22 -1.46 0.06 -10.92
N GLN A 23 -2.27 -0.76 -11.59
CA GLN A 23 -2.04 -1.06 -13.02
C GLN A 23 -1.96 0.20 -13.85
N SER A 24 -2.81 1.18 -13.53
CA SER A 24 -2.86 2.49 -14.15
C SER A 24 -1.57 3.32 -14.05
N HIS A 25 -0.61 2.99 -13.18
CA HIS A 25 0.67 3.70 -13.11
C HIS A 25 1.84 2.82 -13.56
N GLY A 26 1.57 1.55 -13.91
CA GLY A 26 2.54 0.64 -14.46
C GLY A 26 3.13 -0.26 -13.38
N VAL A 27 2.38 -0.44 -12.29
CA VAL A 27 2.70 -1.20 -11.11
C VAL A 27 1.66 -2.29 -10.85
N GLN A 28 2.08 -3.40 -10.27
CA GLN A 28 1.26 -4.58 -10.09
C GLN A 28 0.72 -4.69 -8.66
N ALA A 29 1.48 -4.22 -7.67
CA ALA A 29 1.45 -4.70 -6.29
C ALA A 29 1.69 -6.22 -6.22
N ARG A 30 2.92 -6.62 -5.91
CA ARG A 30 3.29 -8.03 -5.93
C ARG A 30 2.65 -8.75 -4.73
N GLU A 31 2.58 -8.10 -3.57
CA GLU A 31 1.88 -8.55 -2.38
C GLU A 31 1.06 -7.36 -1.87
N VAL A 32 0.02 -7.58 -1.07
CA VAL A 32 -0.86 -6.55 -0.53
C VAL A 32 -1.70 -7.14 0.61
N ARG A 33 -2.16 -6.25 1.50
CA ARG A 33 -2.90 -6.49 2.73
C ARG A 33 -3.92 -5.35 2.86
N LEU A 34 -5.06 -5.46 2.16
CA LEU A 34 -6.19 -4.57 2.31
C LEU A 34 -6.88 -4.82 3.66
N MET A 35 -8.15 -4.52 3.75
CA MET A 35 -9.08 -4.87 4.80
C MET A 35 -9.79 -6.16 4.33
N ARG A 36 -10.91 -6.55 4.94
CA ARG A 36 -11.87 -7.59 4.49
C ARG A 36 -11.39 -9.04 4.50
N ASN A 37 -10.12 -9.25 4.82
CA ASN A 37 -9.42 -10.49 4.51
C ASN A 37 -9.89 -11.68 5.34
N LYS A 38 -10.41 -11.44 6.55
CA LYS A 38 -10.74 -12.38 7.63
C LYS A 38 -9.71 -13.45 8.01
N SER A 39 -8.70 -13.72 7.20
CA SER A 39 -7.83 -14.88 7.34
C SER A 39 -6.45 -14.54 7.92
N SER A 40 -6.16 -13.24 8.11
CA SER A 40 -4.88 -12.78 8.63
C SER A 40 -4.95 -11.52 9.49
N GLY A 41 -6.10 -10.84 9.59
CA GLY A 41 -6.26 -9.79 10.58
C GLY A 41 -5.70 -8.47 10.07
N GLN A 42 -5.72 -8.33 8.74
CA GLN A 42 -5.55 -7.09 8.02
C GLN A 42 -6.65 -6.10 8.42
N SER A 43 -6.75 -4.95 7.74
CA SER A 43 -7.53 -3.75 8.10
C SER A 43 -6.88 -2.94 9.21
N ARG A 44 -6.87 -1.62 9.06
CA ARG A 44 -6.59 -0.59 10.07
C ARG A 44 -6.99 0.82 9.59
N GLY A 45 -7.80 0.97 8.52
CA GLY A 45 -8.02 2.27 7.90
C GLY A 45 -6.83 2.64 7.01
N PHE A 46 -5.90 1.72 6.80
CA PHE A 46 -4.93 1.76 5.72
C PHE A 46 -4.83 0.39 5.07
N ALA A 47 -4.15 0.37 3.93
CA ALA A 47 -3.67 -0.82 3.25
C ALA A 47 -2.17 -0.75 3.24
N PHE A 48 -1.56 -1.90 3.04
CA PHE A 48 -0.13 -2.10 2.95
C PHE A 48 0.08 -2.85 1.63
N VAL A 49 0.99 -2.37 0.79
CA VAL A 49 1.13 -2.82 -0.60
C VAL A 49 2.63 -3.01 -0.83
N GLU A 50 3.07 -4.22 -1.16
CA GLU A 50 4.48 -4.58 -1.23
C GLU A 50 4.91 -4.85 -2.67
N PHE A 51 5.86 -4.05 -3.15
CA PHE A 51 6.31 -4.06 -4.53
C PHE A 51 7.54 -4.96 -4.68
N SER A 52 7.81 -5.46 -5.88
CA SER A 52 9.04 -6.18 -6.14
C SER A 52 10.24 -5.22 -6.03
N HIS A 53 10.05 -3.98 -6.48
CA HIS A 53 11.13 -3.05 -6.76
C HIS A 53 10.96 -1.80 -5.93
N LEU A 54 12.03 -1.42 -5.22
CA LEU A 54 12.18 -0.13 -4.55
C LEU A 54 11.86 1.00 -5.54
N GLN A 55 12.46 0.91 -6.74
CA GLN A 55 12.25 1.83 -7.84
C GLN A 55 10.77 1.98 -8.22
N ASP A 56 9.96 0.93 -8.13
CA ASP A 56 8.55 1.02 -8.55
C ASP A 56 7.76 1.80 -7.51
N ALA A 57 8.18 1.83 -6.24
CA ALA A 57 7.44 2.48 -5.16
C ALA A 57 7.32 3.97 -5.46
N THR A 58 8.43 4.60 -5.82
CA THR A 58 8.42 6.00 -6.20
C THR A 58 7.53 6.23 -7.43
N ARG A 59 7.52 5.28 -8.37
CA ARG A 59 6.78 5.41 -9.61
C ARG A 59 5.27 5.38 -9.39
N TRP A 60 4.81 4.84 -8.26
CA TRP A 60 3.43 5.00 -7.83
C TRP A 60 3.25 6.32 -7.09
N MET A 61 4.11 6.60 -6.10
CA MET A 61 3.94 7.73 -5.19
C MET A 61 3.98 9.06 -5.95
N GLU A 62 5.07 9.35 -6.65
CA GLU A 62 5.26 10.63 -7.33
C GLU A 62 4.20 10.79 -8.41
N ALA A 63 3.79 9.69 -9.04
CA ALA A 63 2.74 9.68 -10.06
C ALA A 63 1.35 10.01 -9.54
N ASN A 64 1.19 10.06 -8.21
CA ASN A 64 -0.04 10.46 -7.57
C ASN A 64 0.19 11.65 -6.66
N GLN A 65 1.37 12.28 -6.71
CA GLN A 65 1.72 13.43 -5.89
C GLN A 65 1.47 13.10 -4.40
N HIS A 66 1.69 11.84 -4.03
CA HIS A 66 1.55 11.27 -2.70
C HIS A 66 0.09 11.22 -2.17
N SER A 67 -0.96 11.46 -2.99
CA SER A 67 -2.34 11.37 -2.56
C SER A 67 -3.22 10.72 -3.64
N LEU A 68 -4.04 9.74 -3.24
CA LEU A 68 -4.97 8.99 -4.07
C LEU A 68 -6.40 9.36 -3.74
N ASN A 69 -7.34 8.76 -4.47
CA ASN A 69 -8.75 8.86 -4.20
C ASN A 69 -9.40 7.54 -4.57
N ILE A 70 -9.83 6.80 -3.55
CA ILE A 70 -10.51 5.54 -3.75
C ILE A 70 -11.91 5.65 -3.14
N LEU A 71 -12.91 5.32 -3.96
CA LEU A 71 -14.34 5.40 -3.70
C LEU A 71 -14.76 6.79 -3.24
N GLY A 72 -14.03 7.81 -3.68
CA GLY A 72 -14.28 9.22 -3.41
C GLY A 72 -13.59 9.73 -2.14
N GLN A 73 -13.06 8.83 -1.29
CA GLN A 73 -12.38 9.23 -0.08
C GLN A 73 -10.98 9.66 -0.45
N LYS A 74 -10.51 10.65 0.28
CA LYS A 74 -9.15 11.13 0.23
C LYS A 74 -8.26 10.06 0.85
N VAL A 75 -7.19 9.69 0.15
CA VAL A 75 -6.25 8.68 0.60
C VAL A 75 -4.85 9.26 0.43
N SER A 76 -3.91 8.85 1.27
CA SER A 76 -2.56 9.43 1.28
C SER A 76 -1.54 8.30 1.36
N MET A 77 -0.61 8.24 0.38
CA MET A 77 0.43 7.22 0.39
C MET A 77 1.66 7.70 1.15
N HIS A 78 2.38 6.73 1.73
CA HIS A 78 3.59 6.90 2.49
C HIS A 78 4.52 5.71 2.21
N TYR A 79 5.82 5.94 2.14
CA TYR A 79 6.84 4.92 2.25
C TYR A 79 6.79 4.39 3.67
N SER A 80 6.45 3.11 3.83
CA SER A 80 6.21 2.49 5.12
C SER A 80 7.05 1.22 5.20
N ASP A 81 8.35 1.38 4.94
CA ASP A 81 9.27 0.26 4.67
C ASP A 81 9.24 -0.78 5.77
N PRO A 82 9.59 -2.03 5.46
CA PRO A 82 9.43 -3.09 6.44
C PRO A 82 10.42 -2.99 7.61
N LYS A 83 11.58 -2.40 7.34
CA LYS A 83 12.77 -2.20 8.16
C LYS A 83 13.33 -3.49 8.75
N PRO A 84 14.56 -3.51 9.25
CA PRO A 84 15.02 -4.58 10.11
C PRO A 84 14.23 -4.47 11.42
N LYS A 85 13.26 -5.36 11.64
CA LYS A 85 12.44 -5.44 12.84
C LYS A 85 12.86 -6.62 13.73
N ILE A 86 14.03 -7.18 13.46
CA ILE A 86 14.45 -8.45 14.05
C ILE A 86 14.68 -8.22 15.55
N ASN A 87 14.41 -9.27 16.33
CA ASN A 87 14.70 -9.32 17.76
C ASN A 87 16.20 -9.41 18.08
N GLU A 88 17.01 -9.54 17.03
CA GLU A 88 18.43 -9.76 16.98
C GLU A 88 18.94 -8.78 15.93
N ASP A 89 19.33 -7.58 16.36
CA ASP A 89 19.81 -6.53 15.46
C ASP A 89 21.33 -6.51 15.36
N TRP A 90 22.00 -7.28 16.24
CA TRP A 90 23.44 -7.39 16.36
C TRP A 90 23.93 -8.85 16.22
N LEU A 91 23.03 -9.77 15.86
CA LEU A 91 23.37 -11.14 15.48
C LEU A 91 23.05 -11.28 14.01
N SER A 1 12.21 -0.25 1.47
CA SER A 1 10.96 -0.79 2.01
C SER A 1 10.12 -1.29 0.84
N ASN A 2 9.40 -2.40 1.01
CA ASN A 2 8.56 -2.96 -0.04
C ASN A 2 7.13 -3.15 0.42
N ILE A 3 6.79 -2.61 1.60
CA ILE A 3 5.43 -2.59 2.10
C ILE A 3 4.98 -1.13 2.20
N VAL A 4 3.73 -0.89 1.83
CA VAL A 4 2.90 0.29 1.89
C VAL A 4 1.57 0.13 2.60
N MET A 5 1.55 0.55 3.87
CA MET A 5 0.34 0.71 4.64
C MET A 5 -0.35 2.01 4.21
N LEU A 6 -1.45 1.88 3.48
CA LEU A 6 -2.33 2.95 3.07
C LEU A 6 -3.32 3.13 4.22
N ARG A 7 -3.18 4.17 5.03
CA ARG A 7 -4.18 4.51 6.05
C ARG A 7 -5.27 5.41 5.46
N MET A 8 -6.38 5.53 6.19
CA MET A 8 -7.49 6.46 5.90
C MET A 8 -8.38 5.97 4.75
N LEU A 9 -8.61 4.66 4.68
CA LEU A 9 -9.40 4.02 3.63
C LEU A 9 -10.86 3.75 4.03
N PRO A 10 -11.83 3.88 3.09
CA PRO A 10 -13.24 3.62 3.36
C PRO A 10 -13.56 2.15 3.58
N GLN A 11 -14.56 1.89 4.41
CA GLN A 11 -15.10 0.57 4.74
C GLN A 11 -15.54 -0.21 3.50
N ALA A 12 -15.97 0.51 2.47
CA ALA A 12 -16.61 -0.08 1.30
C ALA A 12 -15.61 -0.54 0.25
N ALA A 13 -14.41 0.06 0.23
CA ALA A 13 -13.40 -0.10 -0.80
C ALA A 13 -13.09 -1.55 -1.11
N THR A 14 -12.57 -1.87 -2.31
CA THR A 14 -12.19 -3.23 -2.61
C THR A 14 -10.70 -3.35 -2.96
N GLU A 15 -10.20 -4.59 -2.97
CA GLU A 15 -8.89 -4.93 -3.46
C GLU A 15 -8.70 -4.37 -4.87
N ASP A 16 -9.67 -4.67 -5.73
CA ASP A 16 -9.70 -4.38 -7.15
C ASP A 16 -9.55 -2.88 -7.39
N ASP A 17 -10.21 -2.06 -6.57
CA ASP A 17 -10.18 -0.59 -6.63
C ASP A 17 -8.75 -0.08 -6.57
N ILE A 18 -7.92 -0.72 -5.73
CA ILE A 18 -6.53 -0.37 -5.57
C ILE A 18 -5.74 -1.03 -6.70
N ARG A 19 -6.03 -2.28 -7.05
CA ARG A 19 -5.33 -2.97 -8.13
C ARG A 19 -5.39 -2.17 -9.43
N GLY A 20 -6.53 -1.52 -9.73
CA GLY A 20 -6.65 -0.57 -10.82
C GLY A 20 -5.68 0.60 -10.71
N GLN A 21 -5.52 1.20 -9.52
CA GLN A 21 -4.59 2.31 -9.30
C GLN A 21 -3.17 1.82 -9.58
N LEU A 22 -2.81 0.67 -9.02
CA LEU A 22 -1.48 0.11 -9.16
C LEU A 22 -1.18 -0.14 -10.65
N GLN A 23 -2.13 -0.70 -11.39
CA GLN A 23 -2.01 -0.94 -12.82
C GLN A 23 -1.78 0.36 -13.60
N SER A 24 -2.39 1.47 -13.21
CA SER A 24 -2.26 2.74 -13.93
C SER A 24 -0.79 3.15 -14.01
N HIS A 25 -0.04 2.96 -12.92
CA HIS A 25 1.38 3.24 -12.88
C HIS A 25 2.21 2.18 -13.62
N GLY A 26 1.66 0.98 -13.79
CA GLY A 26 2.37 -0.16 -14.36
C GLY A 26 2.83 -1.09 -13.26
N VAL A 27 2.06 -1.25 -12.16
CA VAL A 27 2.44 -2.18 -11.10
C VAL A 27 1.42 -3.30 -10.95
N GLN A 28 1.94 -4.53 -10.96
CA GLN A 28 1.19 -5.77 -10.87
C GLN A 28 0.54 -5.98 -9.48
N ALA A 29 1.14 -5.34 -8.47
CA ALA A 29 0.99 -5.54 -7.03
C ALA A 29 0.98 -7.02 -6.63
N ARG A 30 2.14 -7.56 -6.26
CA ARG A 30 2.28 -8.98 -5.98
C ARG A 30 1.35 -9.40 -4.85
N GLU A 31 1.34 -8.68 -3.74
CA GLU A 31 0.55 -9.05 -2.58
C GLU A 31 -0.15 -7.78 -2.12
N VAL A 32 -1.40 -7.87 -1.68
CA VAL A 32 -2.15 -6.72 -1.19
C VAL A 32 -3.08 -7.17 -0.05
N ARG A 33 -3.38 -6.28 0.91
CA ARG A 33 -4.23 -6.60 2.06
C ARG A 33 -5.31 -5.55 2.29
N LEU A 34 -6.35 -5.51 1.44
CA LEU A 34 -7.41 -4.52 1.58
C LEU A 34 -8.38 -4.91 2.70
N MET A 35 -9.47 -4.17 2.88
CA MET A 35 -10.43 -4.30 3.95
C MET A 35 -11.55 -5.30 3.59
N ARG A 36 -11.52 -5.90 2.40
CA ARG A 36 -12.41 -6.98 2.04
C ARG A 36 -11.51 -8.15 1.73
N ASN A 37 -11.56 -9.19 2.55
CA ASN A 37 -10.82 -10.43 2.36
C ASN A 37 -11.34 -11.53 3.27
N LYS A 38 -12.36 -12.27 2.81
CA LYS A 38 -12.96 -13.37 3.56
C LYS A 38 -11.95 -14.42 4.03
N SER A 39 -10.84 -14.58 3.31
CA SER A 39 -9.87 -15.61 3.59
C SER A 39 -8.78 -15.17 4.59
N SER A 40 -8.80 -13.95 5.14
CA SER A 40 -7.73 -13.47 6.03
C SER A 40 -8.22 -12.43 7.05
N GLY A 41 -9.42 -11.84 6.88
CA GLY A 41 -10.02 -10.98 7.92
C GLY A 41 -9.41 -9.59 7.90
N GLN A 42 -8.74 -9.28 6.80
CA GLN A 42 -8.11 -8.02 6.51
C GLN A 42 -9.20 -6.94 6.44
N SER A 43 -9.16 -6.01 7.38
CA SER A 43 -10.08 -4.90 7.59
C SER A 43 -9.61 -4.13 8.83
N ARG A 44 -9.79 -2.80 8.82
CA ARG A 44 -9.47 -1.84 9.88
C ARG A 44 -9.70 -0.40 9.44
N GLY A 45 -9.31 -0.04 8.21
CA GLY A 45 -9.21 1.35 7.76
C GLY A 45 -7.80 1.68 7.28
N PHE A 46 -6.89 0.71 7.32
CA PHE A 46 -5.70 0.67 6.50
C PHE A 46 -5.72 -0.58 5.64
N ALA A 47 -4.79 -0.64 4.70
CA ALA A 47 -4.51 -1.78 3.86
C ALA A 47 -3.01 -1.75 3.61
N PHE A 48 -2.39 -2.86 3.19
CA PHE A 48 -0.94 -2.93 3.00
C PHE A 48 -0.66 -3.39 1.57
N VAL A 49 0.12 -2.68 0.73
CA VAL A 49 0.55 -3.28 -0.54
C VAL A 49 1.97 -3.82 -0.31
N GLU A 50 2.26 -5.06 -0.73
CA GLU A 50 3.60 -5.64 -0.81
C GLU A 50 4.00 -5.73 -2.28
N PHE A 51 5.22 -5.30 -2.59
CA PHE A 51 5.73 -5.37 -3.96
C PHE A 51 6.82 -6.42 -4.10
N SER A 52 6.91 -6.99 -5.31
CA SER A 52 7.86 -8.04 -5.64
C SER A 52 9.30 -7.50 -5.59
N HIS A 53 9.49 -6.19 -5.81
CA HIS A 53 10.79 -5.56 -5.78
C HIS A 53 10.70 -4.35 -4.87
N LEU A 54 11.69 -4.14 -4.00
CA LEU A 54 11.72 -2.96 -3.13
C LEU A 54 11.72 -1.65 -3.94
N GLN A 55 12.32 -1.66 -5.13
CA GLN A 55 12.33 -0.57 -6.10
C GLN A 55 10.91 -0.22 -6.57
N ASP A 56 10.02 -1.21 -6.67
CA ASP A 56 8.67 -0.96 -7.15
C ASP A 56 7.98 -0.07 -6.13
N ALA A 57 8.25 -0.25 -4.83
CA ALA A 57 7.56 0.48 -3.78
C ALA A 57 7.80 1.97 -3.93
N THR A 58 9.05 2.39 -4.11
CA THR A 58 9.39 3.78 -4.36
C THR A 58 8.75 4.28 -5.67
N ARG A 59 8.77 3.46 -6.73
CA ARG A 59 8.17 3.81 -8.02
C ARG A 59 6.74 4.25 -7.78
N TRP A 60 6.01 3.49 -6.97
CA TRP A 60 4.64 3.81 -6.63
C TRP A 60 4.50 5.01 -5.70
N MET A 61 5.23 5.04 -4.59
CA MET A 61 5.12 6.04 -3.56
C MET A 61 5.40 7.43 -4.11
N GLU A 62 6.61 7.65 -4.62
CA GLU A 62 7.07 8.97 -5.05
C GLU A 62 6.18 9.45 -6.21
N ALA A 63 5.71 8.51 -7.05
CA ALA A 63 4.79 8.84 -8.13
C ALA A 63 3.39 9.22 -7.66
N ASN A 64 2.99 8.82 -6.45
CA ASN A 64 1.74 9.25 -5.84
C ASN A 64 1.93 10.49 -4.98
N GLN A 65 3.14 11.05 -4.90
CA GLN A 65 3.45 12.18 -4.02
C GLN A 65 3.05 11.83 -2.58
N HIS A 66 3.23 10.55 -2.23
CA HIS A 66 2.96 10.01 -0.91
C HIS A 66 1.50 10.18 -0.46
N SER A 67 0.56 10.54 -1.35
CA SER A 67 -0.84 10.72 -0.97
C SER A 67 -1.79 10.29 -2.08
N LEU A 68 -2.60 9.26 -1.80
CA LEU A 68 -3.55 8.67 -2.74
C LEU A 68 -4.96 9.17 -2.51
N ASN A 69 -5.87 8.70 -3.38
CA ASN A 69 -7.22 9.26 -3.45
C ASN A 69 -8.23 8.24 -3.99
N ILE A 70 -8.95 7.54 -3.09
CA ILE A 70 -9.90 6.49 -3.45
C ILE A 70 -11.27 6.87 -2.89
N LEU A 71 -12.34 6.68 -3.68
CA LEU A 71 -13.73 7.05 -3.36
C LEU A 71 -13.83 8.52 -2.92
N GLY A 72 -12.90 9.36 -3.38
CA GLY A 72 -12.82 10.77 -3.04
C GLY A 72 -12.10 11.05 -1.71
N GLN A 73 -11.76 10.04 -0.90
CA GLN A 73 -11.04 10.22 0.36
C GLN A 73 -9.56 10.35 0.11
N LYS A 74 -8.92 11.27 0.83
CA LYS A 74 -7.48 11.39 0.87
C LYS A 74 -6.93 10.25 1.71
N VAL A 75 -5.91 9.57 1.20
CA VAL A 75 -5.26 8.38 1.78
C VAL A 75 -3.78 8.73 1.90
N SER A 76 -3.14 8.31 3.01
CA SER A 76 -1.70 8.49 3.21
C SER A 76 -1.06 7.12 3.15
N MET A 77 -0.13 6.91 2.22
CA MET A 77 0.76 5.75 2.25
C MET A 77 1.86 5.98 3.29
N HIS A 78 2.36 4.88 3.87
CA HIS A 78 3.46 4.83 4.81
C HIS A 78 4.23 3.55 4.51
N TYR A 79 5.55 3.60 4.41
CA TYR A 79 6.36 2.40 4.34
C TYR A 79 6.27 1.63 5.66
N SER A 80 5.34 0.68 5.76
CA SER A 80 5.18 -0.15 6.96
C SER A 80 6.07 -1.37 6.81
N ASP A 81 7.40 -1.20 6.76
CA ASP A 81 8.33 -2.31 6.62
C ASP A 81 8.21 -3.27 7.83
N PRO A 82 8.47 -4.58 7.64
CA PRO A 82 8.23 -5.59 8.65
C PRO A 82 9.18 -5.39 9.82
N LYS A 83 10.47 -5.37 9.50
CA LYS A 83 11.56 -5.25 10.43
C LYS A 83 12.38 -4.03 10.05
N PRO A 84 13.05 -3.41 11.02
CA PRO A 84 14.05 -2.41 10.76
C PRO A 84 15.24 -3.05 10.04
N LYS A 85 15.38 -2.78 8.74
CA LYS A 85 16.60 -3.13 7.99
C LYS A 85 17.49 -1.90 7.71
N ILE A 86 17.30 -0.82 8.46
CA ILE A 86 18.18 0.35 8.43
C ILE A 86 19.55 -0.08 8.98
N ASN A 87 20.55 0.74 8.76
CA ASN A 87 21.89 0.66 9.35
C ASN A 87 21.94 1.71 10.46
N GLU A 88 22.69 1.41 11.52
CA GLU A 88 22.96 2.26 12.67
C GLU A 88 21.68 2.93 13.17
N ASP A 89 20.75 2.10 13.64
CA ASP A 89 19.45 2.55 14.13
C ASP A 89 19.56 3.08 15.55
N TRP A 90 20.52 2.57 16.34
CA TRP A 90 20.66 2.87 17.76
C TRP A 90 21.65 4.00 18.04
N LEU A 91 22.32 4.46 17.00
CA LEU A 91 23.30 5.54 17.08
C LEU A 91 22.56 6.79 17.48
N SER A 1 12.00 2.97 -0.42
CA SER A 1 11.21 1.89 0.17
C SER A 1 10.60 1.00 -0.93
N ASN A 2 9.71 0.07 -0.57
CA ASN A 2 8.99 -0.82 -1.47
C ASN A 2 7.64 -1.24 -0.92
N ILE A 3 7.15 -0.57 0.14
CA ILE A 3 5.78 -0.74 0.58
C ILE A 3 5.13 0.61 0.42
N VAL A 4 3.86 0.67 0.00
CA VAL A 4 3.11 1.92 0.08
C VAL A 4 1.93 1.64 1.00
N MET A 5 1.67 2.52 1.95
CA MET A 5 0.62 2.37 2.97
C MET A 5 -0.39 3.48 2.77
N LEU A 6 -1.64 3.10 2.48
CA LEU A 6 -2.65 4.00 1.94
C LEU A 6 -3.66 4.38 3.00
N ARG A 7 -3.31 5.36 3.83
CA ARG A 7 -4.16 5.83 4.91
C ARG A 7 -5.33 6.66 4.40
N MET A 8 -6.39 6.70 5.21
CA MET A 8 -7.67 7.36 4.94
C MET A 8 -8.51 6.54 3.96
N LEU A 9 -8.28 5.24 3.86
CA LEU A 9 -9.08 4.35 3.03
C LEU A 9 -10.52 4.31 3.54
N PRO A 10 -11.52 4.21 2.66
CA PRO A 10 -12.88 3.89 3.06
C PRO A 10 -12.93 2.41 3.45
N GLN A 11 -13.89 2.07 4.29
CA GLN A 11 -14.06 0.71 4.76
C GLN A 11 -14.73 -0.17 3.71
N ALA A 12 -15.39 0.43 2.71
CA ALA A 12 -16.03 -0.27 1.60
C ALA A 12 -15.02 -0.85 0.61
N ALA A 13 -13.94 -0.11 0.31
CA ALA A 13 -12.94 -0.47 -0.69
C ALA A 13 -12.36 -1.85 -0.42
N THR A 14 -11.80 -2.47 -1.43
CA THR A 14 -11.43 -3.87 -1.41
C THR A 14 -9.97 -3.99 -1.84
N GLU A 15 -9.37 -5.16 -1.62
CA GLU A 15 -8.00 -5.41 -2.02
C GLU A 15 -7.84 -5.22 -3.53
N ASP A 16 -8.88 -5.61 -4.29
CA ASP A 16 -8.84 -5.60 -5.73
C ASP A 16 -8.92 -4.19 -6.31
N ASP A 17 -9.49 -3.25 -5.55
CA ASP A 17 -9.48 -1.83 -5.91
C ASP A 17 -8.05 -1.33 -5.97
N ILE A 18 -7.20 -1.76 -5.02
CA ILE A 18 -5.78 -1.38 -4.97
C ILE A 18 -5.11 -1.97 -6.20
N ARG A 19 -5.31 -3.27 -6.41
CA ARG A 19 -4.66 -4.05 -7.46
C ARG A 19 -4.91 -3.40 -8.82
N GLY A 20 -6.15 -2.93 -9.08
CA GLY A 20 -6.48 -2.16 -10.27
C GLY A 20 -5.83 -0.79 -10.29
N GLN A 21 -5.72 -0.07 -9.15
CA GLN A 21 -5.12 1.26 -9.09
C GLN A 21 -3.59 1.24 -9.17
N LEU A 22 -2.96 0.07 -9.10
CA LEU A 22 -1.53 -0.13 -9.31
C LEU A 22 -1.31 -0.30 -10.82
N GLN A 23 -2.03 -1.26 -11.40
CA GLN A 23 -2.03 -1.53 -12.81
C GLN A 23 -2.51 -0.33 -13.62
N SER A 24 -3.17 0.66 -12.99
CA SER A 24 -3.65 1.91 -13.56
C SER A 24 -2.58 2.52 -14.45
N HIS A 25 -1.41 2.63 -13.84
CA HIS A 25 -0.23 3.27 -14.30
C HIS A 25 0.70 2.18 -14.86
N GLY A 26 0.67 0.96 -14.31
CA GLY A 26 1.53 -0.17 -14.69
C GLY A 26 2.36 -0.71 -13.53
N VAL A 27 2.04 -0.33 -12.28
CA VAL A 27 2.75 -0.82 -11.12
C VAL A 27 2.53 -2.33 -10.97
N GLN A 28 3.61 -3.01 -10.62
CA GLN A 28 3.80 -4.45 -10.42
C GLN A 28 3.05 -5.07 -9.23
N ALA A 29 2.92 -4.35 -8.10
CA ALA A 29 2.21 -4.77 -6.88
C ALA A 29 2.48 -6.21 -6.47
N ARG A 30 3.67 -6.45 -5.91
CA ARG A 30 4.14 -7.79 -5.57
C ARG A 30 3.19 -8.49 -4.61
N GLU A 31 2.59 -7.77 -3.66
CA GLU A 31 1.53 -8.28 -2.81
C GLU A 31 0.71 -7.11 -2.27
N VAL A 32 -0.46 -7.37 -1.68
CA VAL A 32 -1.28 -6.37 -1.01
C VAL A 32 -1.83 -6.99 0.29
N ARG A 33 -2.15 -6.15 1.28
CA ARG A 33 -2.67 -6.49 2.60
C ARG A 33 -3.72 -5.44 3.00
N LEU A 34 -4.91 -5.46 2.38
CA LEU A 34 -5.98 -4.48 2.60
C LEU A 34 -6.70 -4.75 3.92
N MET A 35 -7.80 -4.07 4.13
CA MET A 35 -8.79 -4.40 5.14
C MET A 35 -9.59 -5.59 4.65
N ARG A 36 -10.02 -6.43 5.58
CA ARG A 36 -10.66 -7.71 5.36
C ARG A 36 -9.69 -8.69 4.72
N ASN A 37 -9.72 -9.90 5.26
CA ASN A 37 -8.94 -11.05 4.82
C ASN A 37 -9.47 -12.36 5.43
N LYS A 38 -9.82 -12.32 6.72
CA LYS A 38 -10.12 -13.39 7.68
C LYS A 38 -9.05 -14.47 7.89
N SER A 39 -8.13 -14.65 6.95
CA SER A 39 -7.07 -15.63 7.02
C SER A 39 -5.86 -15.04 7.77
N SER A 40 -5.45 -13.79 7.49
CA SER A 40 -4.36 -13.11 8.20
C SER A 40 -4.78 -11.88 8.99
N GLY A 41 -6.05 -11.47 8.97
CA GLY A 41 -6.59 -10.58 10.00
C GLY A 41 -6.36 -9.11 9.65
N GLN A 42 -5.88 -8.87 8.44
CA GLN A 42 -5.43 -7.61 7.88
C GLN A 42 -6.54 -6.57 7.99
N SER A 43 -6.24 -5.40 8.57
CA SER A 43 -6.98 -4.14 8.46
C SER A 43 -6.23 -2.99 9.14
N ARG A 44 -6.80 -1.77 9.11
CA ARG A 44 -6.48 -0.56 9.87
C ARG A 44 -7.32 0.63 9.40
N GLY A 45 -7.62 0.75 8.10
CA GLY A 45 -7.89 2.04 7.47
C GLY A 45 -6.75 2.40 6.51
N PHE A 46 -5.81 1.48 6.30
CA PHE A 46 -4.88 1.45 5.19
C PHE A 46 -4.63 0.01 4.79
N ALA A 47 -4.16 -0.19 3.55
CA ALA A 47 -3.44 -1.38 3.15
C ALA A 47 -1.95 -1.19 3.39
N PHE A 48 -1.20 -2.27 3.19
CA PHE A 48 0.15 -2.23 2.66
C PHE A 48 0.05 -2.79 1.24
N VAL A 49 0.76 -2.22 0.27
CA VAL A 49 1.14 -2.85 -0.99
C VAL A 49 2.63 -3.08 -0.97
N GLU A 50 3.12 -4.25 -1.34
CA GLU A 50 4.53 -4.57 -1.49
C GLU A 50 4.91 -4.41 -2.97
N PHE A 51 6.17 -4.06 -3.26
CA PHE A 51 6.75 -3.89 -4.58
C PHE A 51 8.07 -4.69 -4.61
N SER A 52 8.54 -5.05 -5.79
CA SER A 52 9.74 -5.86 -5.99
C SER A 52 10.88 -5.06 -6.64
N HIS A 53 10.64 -3.83 -7.03
CA HIS A 53 11.65 -2.91 -7.56
C HIS A 53 11.47 -1.61 -6.80
N LEU A 54 12.57 -1.08 -6.28
CA LEU A 54 12.60 0.12 -5.45
C LEU A 54 11.96 1.34 -6.14
N GLN A 55 12.02 1.44 -7.48
CA GLN A 55 11.66 2.69 -8.14
C GLN A 55 10.14 2.83 -8.24
N ASP A 56 9.41 1.73 -8.49
CA ASP A 56 7.97 1.81 -8.80
C ASP A 56 7.18 2.24 -7.58
N ALA A 57 7.70 1.97 -6.38
CA ALA A 57 7.09 2.38 -5.11
C ALA A 57 7.05 3.91 -5.09
N THR A 58 8.18 4.55 -5.36
CA THR A 58 8.28 5.99 -5.36
C THR A 58 7.50 6.56 -6.53
N ARG A 59 7.56 5.89 -7.69
CA ARG A 59 6.80 6.26 -8.86
C ARG A 59 5.33 6.46 -8.48
N TRP A 60 4.76 5.49 -7.78
CA TRP A 60 3.35 5.52 -7.42
C TRP A 60 3.06 6.66 -6.45
N MET A 61 3.93 6.88 -5.45
CA MET A 61 3.77 7.95 -4.48
C MET A 61 3.85 9.31 -5.15
N GLU A 62 4.99 9.62 -5.76
CA GLU A 62 5.34 10.96 -6.21
C GLU A 62 4.45 11.37 -7.37
N ALA A 63 4.13 10.42 -8.26
CA ALA A 63 3.19 10.65 -9.36
C ALA A 63 1.87 11.17 -8.82
N ASN A 64 1.38 10.53 -7.75
CA ASN A 64 0.09 10.84 -7.18
C ASN A 64 0.18 11.95 -6.13
N GLN A 65 1.31 12.65 -6.06
CA GLN A 65 1.53 13.78 -5.16
C GLN A 65 1.30 13.36 -3.70
N HIS A 66 1.53 12.08 -3.43
CA HIS A 66 1.27 11.39 -2.16
C HIS A 66 -0.22 11.24 -1.80
N SER A 67 -1.21 11.54 -2.66
CA SER A 67 -2.62 11.52 -2.28
C SER A 67 -3.57 11.09 -3.41
N LEU A 68 -4.04 9.85 -3.36
CA LEU A 68 -4.97 9.23 -4.31
C LEU A 68 -6.44 9.55 -3.97
N ASN A 69 -7.37 9.03 -4.77
CA ASN A 69 -8.81 9.15 -4.54
C ASN A 69 -9.52 7.88 -4.98
N ILE A 70 -10.02 7.09 -4.04
CA ILE A 70 -10.58 5.76 -4.27
C ILE A 70 -11.95 5.69 -3.62
N LEU A 71 -12.93 5.21 -4.38
CA LEU A 71 -14.35 5.22 -4.01
C LEU A 71 -14.81 6.65 -3.66
N GLY A 72 -14.09 7.68 -4.12
CA GLY A 72 -14.37 9.08 -3.89
C GLY A 72 -13.70 9.67 -2.66
N GLN A 73 -13.12 8.86 -1.75
CA GLN A 73 -12.49 9.36 -0.55
C GLN A 73 -11.07 9.80 -0.89
N LYS A 74 -10.63 10.89 -0.30
CA LYS A 74 -9.23 11.28 -0.27
C LYS A 74 -8.45 10.20 0.46
N VAL A 75 -7.36 9.75 -0.13
CA VAL A 75 -6.43 8.81 0.46
C VAL A 75 -5.05 9.50 0.47
N SER A 76 -4.16 9.07 1.34
CA SER A 76 -2.77 9.51 1.42
C SER A 76 -1.84 8.29 1.43
N MET A 77 -0.64 8.40 0.86
CA MET A 77 0.36 7.32 0.83
C MET A 77 1.62 7.72 1.57
N HIS A 78 2.26 6.72 2.18
CA HIS A 78 3.47 6.84 2.97
C HIS A 78 4.33 5.61 2.74
N TYR A 79 5.64 5.74 2.97
CA TYR A 79 6.59 4.66 3.10
C TYR A 79 6.60 4.15 4.54
N SER A 80 5.61 3.34 4.88
CA SER A 80 5.69 2.33 5.92
C SER A 80 6.68 1.29 5.42
N ASP A 81 7.99 1.57 5.49
CA ASP A 81 8.98 0.57 5.14
C ASP A 81 8.89 -0.61 6.13
N PRO A 82 9.42 -1.81 5.82
CA PRO A 82 9.26 -2.94 6.69
C PRO A 82 10.16 -2.88 7.93
N LYS A 83 11.36 -2.31 7.78
CA LYS A 83 12.50 -2.27 8.71
C LYS A 83 12.96 -3.65 9.20
N PRO A 84 14.15 -3.79 9.81
CA PRO A 84 14.40 -4.93 10.66
C PRO A 84 13.46 -4.79 11.86
N LYS A 85 12.40 -5.60 11.93
CA LYS A 85 11.41 -5.58 13.01
C LYS A 85 11.42 -6.86 13.85
N ILE A 86 12.50 -7.62 13.74
CA ILE A 86 12.72 -8.89 14.43
C ILE A 86 13.15 -8.60 15.86
N ASN A 87 13.12 -9.63 16.72
CA ASN A 87 13.82 -9.62 18.00
C ASN A 87 15.34 -9.59 17.88
N GLU A 88 15.84 -9.69 16.65
CA GLU A 88 17.24 -9.74 16.29
C GLU A 88 17.52 -8.56 15.38
N ASP A 89 18.15 -7.54 15.96
CA ASP A 89 18.42 -6.25 15.33
C ASP A 89 19.93 -5.96 15.28
N TRP A 90 20.71 -6.83 15.91
CA TRP A 90 22.16 -6.81 15.99
C TRP A 90 22.75 -8.21 15.76
N LEU A 91 21.92 -9.18 15.34
CA LEU A 91 22.32 -10.55 15.00
C LEU A 91 22.09 -10.76 13.51
N SER A 1 11.00 1.06 2.31
CA SER A 1 10.02 -0.01 2.53
C SER A 1 9.78 -0.79 1.23
N ASN A 2 8.92 -1.80 1.33
CA ASN A 2 8.22 -2.50 0.27
C ASN A 2 6.74 -2.68 0.62
N ILE A 3 6.26 -1.98 1.66
CA ILE A 3 4.88 -1.93 2.12
C ILE A 3 4.50 -0.45 2.18
N VAL A 4 3.36 -0.16 1.57
CA VAL A 4 2.71 1.12 1.43
C VAL A 4 1.34 0.97 2.10
N MET A 5 1.18 1.63 3.24
CA MET A 5 -0.07 1.65 4.00
C MET A 5 -0.91 2.80 3.49
N LEU A 6 -2.07 2.50 2.91
CA LEU A 6 -3.01 3.49 2.40
C LEU A 6 -3.91 3.90 3.57
N ARG A 7 -3.65 5.03 4.23
CA ARG A 7 -4.61 5.55 5.20
C ARG A 7 -5.73 6.24 4.45
N MET A 8 -6.91 6.28 5.06
CA MET A 8 -8.09 7.03 4.61
C MET A 8 -8.78 6.37 3.41
N LEU A 9 -8.97 5.06 3.46
CA LEU A 9 -9.83 4.36 2.51
C LEU A 9 -11.29 4.44 2.97
N PRO A 10 -12.26 4.56 2.04
CA PRO A 10 -13.68 4.52 2.31
C PRO A 10 -14.12 3.11 2.68
N GLN A 11 -15.36 2.98 3.13
CA GLN A 11 -15.89 1.69 3.55
C GLN A 11 -16.12 0.76 2.36
N ALA A 12 -16.38 1.32 1.17
CA ALA A 12 -16.64 0.56 -0.04
C ALA A 12 -15.37 -0.01 -0.67
N ALA A 13 -14.25 0.71 -0.54
CA ALA A 13 -13.00 0.47 -1.27
C ALA A 13 -12.65 -1.02 -1.30
N THR A 14 -12.45 -1.55 -2.52
CA THR A 14 -12.14 -2.94 -2.72
C THR A 14 -10.63 -3.11 -2.93
N GLU A 15 -10.15 -4.33 -2.77
CA GLU A 15 -8.78 -4.66 -3.06
C GLU A 15 -8.53 -4.60 -4.59
N ASP A 16 -9.59 -4.78 -5.38
CA ASP A 16 -9.59 -4.67 -6.84
C ASP A 16 -9.43 -3.21 -7.26
N ASP A 17 -10.05 -2.28 -6.51
CA ASP A 17 -9.87 -0.84 -6.68
C ASP A 17 -8.39 -0.49 -6.55
N ILE A 18 -7.71 -1.09 -5.56
CA ILE A 18 -6.27 -0.89 -5.38
C ILE A 18 -5.51 -1.47 -6.58
N ARG A 19 -5.87 -2.66 -7.08
CA ARG A 19 -5.12 -3.29 -8.17
C ARG A 19 -5.04 -2.38 -9.39
N GLY A 20 -6.15 -1.74 -9.77
CA GLY A 20 -6.12 -0.76 -10.84
C GLY A 20 -5.21 0.43 -10.49
N GLN A 21 -5.34 0.95 -9.26
CA GLN A 21 -4.58 2.10 -8.79
C GLN A 21 -3.09 1.80 -8.64
N LEU A 22 -2.63 0.55 -8.76
CA LEU A 22 -1.22 0.20 -8.87
C LEU A 22 -0.81 0.23 -10.33
N GLN A 23 -1.48 -0.58 -11.14
CA GLN A 23 -1.07 -0.83 -12.51
C GLN A 23 -1.06 0.45 -13.35
N SER A 24 -1.88 1.44 -13.00
CA SER A 24 -1.88 2.75 -13.64
C SER A 24 -0.47 3.37 -13.64
N HIS A 25 0.22 3.38 -12.48
CA HIS A 25 1.57 3.93 -12.34
C HIS A 25 2.65 3.02 -12.94
N GLY A 26 2.28 1.77 -13.26
CA GLY A 26 3.15 0.79 -13.91
C GLY A 26 3.51 -0.37 -12.99
N VAL A 27 3.32 -0.22 -11.68
CA VAL A 27 3.79 -1.15 -10.66
C VAL A 27 2.85 -2.36 -10.63
N GLN A 28 3.33 -3.50 -10.16
CA GLN A 28 2.50 -4.66 -9.85
C GLN A 28 2.32 -4.69 -8.32
N ALA A 29 1.20 -5.22 -7.82
CA ALA A 29 1.16 -5.79 -6.51
C ALA A 29 1.85 -7.15 -6.55
N ARG A 30 2.49 -7.54 -5.45
CA ARG A 30 2.95 -8.91 -5.25
C ARG A 30 2.19 -9.59 -4.12
N GLU A 31 1.69 -8.84 -3.15
CA GLU A 31 0.70 -9.31 -2.20
C GLU A 31 -0.27 -8.16 -1.98
N VAL A 32 -1.52 -8.43 -1.55
CA VAL A 32 -2.44 -7.40 -1.11
C VAL A 32 -3.20 -7.93 0.11
N ARG A 33 -3.71 -7.01 0.92
CA ARG A 33 -4.51 -7.25 2.12
C ARG A 33 -5.34 -6.00 2.37
N LEU A 34 -6.49 -5.94 1.69
CA LEU A 34 -7.59 -5.01 1.86
C LEU A 34 -8.89 -5.84 1.89
N MET A 35 -9.99 -5.21 1.49
CA MET A 35 -11.39 -5.53 1.62
C MET A 35 -11.76 -5.71 3.07
N ARG A 36 -11.59 -6.92 3.59
CA ARG A 36 -12.10 -7.40 4.86
C ARG A 36 -11.78 -8.86 4.94
N ASN A 37 -11.70 -9.40 6.15
CA ASN A 37 -11.61 -10.85 6.34
C ASN A 37 -11.87 -11.32 7.77
N LYS A 38 -12.11 -10.41 8.73
CA LYS A 38 -12.11 -10.59 10.19
C LYS A 38 -10.96 -11.36 10.85
N SER A 39 -10.13 -12.10 10.12
CA SER A 39 -9.24 -13.07 10.74
C SER A 39 -7.89 -12.51 11.15
N SER A 40 -7.39 -11.49 10.44
CA SER A 40 -6.15 -10.79 10.80
C SER A 40 -6.34 -9.28 10.96
N GLY A 41 -7.07 -8.61 10.06
CA GLY A 41 -7.29 -7.17 10.16
C GLY A 41 -7.35 -6.44 8.82
N GLN A 42 -7.70 -7.09 7.70
CA GLN A 42 -7.59 -6.53 6.34
C GLN A 42 -8.52 -5.33 6.04
N SER A 43 -9.20 -4.79 7.05
CA SER A 43 -10.21 -3.76 6.89
C SER A 43 -10.28 -2.81 8.08
N ARG A 44 -9.56 -1.69 8.04
CA ARG A 44 -9.63 -0.64 9.07
C ARG A 44 -9.77 0.76 8.45
N GLY A 45 -10.25 0.88 7.21
CA GLY A 45 -10.06 2.12 6.45
C GLY A 45 -8.60 2.29 6.05
N PHE A 46 -7.80 1.22 6.15
CA PHE A 46 -6.45 1.12 5.63
C PHE A 46 -6.11 -0.37 5.44
N ALA A 47 -5.10 -0.61 4.60
CA ALA A 47 -4.74 -1.86 3.96
C ALA A 47 -3.21 -1.95 3.78
N PHE A 48 -2.71 -3.06 3.26
CA PHE A 48 -1.29 -3.42 3.26
C PHE A 48 -0.89 -4.04 1.91
N VAL A 49 -0.68 -3.21 0.89
CA VAL A 49 -0.07 -3.71 -0.36
C VAL A 49 1.35 -4.19 -0.03
N GLU A 50 1.86 -5.26 -0.64
CA GLU A 50 3.28 -5.58 -0.66
C GLU A 50 3.78 -5.47 -2.10
N PHE A 51 4.93 -4.82 -2.26
CA PHE A 51 5.75 -4.93 -3.44
C PHE A 51 6.88 -5.90 -3.16
N SER A 52 7.44 -6.46 -4.23
CA SER A 52 8.56 -7.39 -4.13
C SER A 52 9.91 -6.66 -4.05
N HIS A 53 9.98 -5.37 -4.40
CA HIS A 53 11.23 -4.65 -4.55
C HIS A 53 11.13 -3.38 -3.72
N LEU A 54 12.19 -3.08 -2.96
CA LEU A 54 12.22 -1.91 -2.07
C LEU A 54 12.22 -0.57 -2.81
N GLN A 55 12.32 -0.56 -4.15
CA GLN A 55 12.19 0.63 -4.98
C GLN A 55 10.81 0.77 -5.63
N ASP A 56 10.00 -0.29 -5.65
CA ASP A 56 8.69 -0.30 -6.30
C ASP A 56 7.72 0.50 -5.44
N ALA A 57 7.89 0.43 -4.11
CA ALA A 57 7.12 1.19 -3.15
C ALA A 57 7.29 2.68 -3.45
N THR A 58 8.54 3.15 -3.57
CA THR A 58 8.86 4.50 -3.98
C THR A 58 8.21 4.84 -5.32
N ARG A 59 8.23 3.90 -6.27
CA ARG A 59 7.72 4.15 -7.61
C ARG A 59 6.23 4.42 -7.60
N TRP A 60 5.49 3.83 -6.65
CA TRP A 60 4.11 4.18 -6.44
C TRP A 60 4.00 5.52 -5.70
N MET A 61 4.71 5.67 -4.58
CA MET A 61 4.59 6.80 -3.66
C MET A 61 4.95 8.13 -4.33
N GLU A 62 6.17 8.25 -4.88
CA GLU A 62 6.64 9.49 -5.49
C GLU A 62 5.73 9.87 -6.66
N ALA A 63 5.29 8.87 -7.43
CA ALA A 63 4.45 9.07 -8.61
C ALA A 63 3.05 9.55 -8.22
N ASN A 64 2.61 9.23 -7.00
CA ASN A 64 1.38 9.79 -6.46
C ASN A 64 1.62 11.07 -5.69
N GLN A 65 2.88 11.43 -5.42
CA GLN A 65 3.26 12.59 -4.62
C GLN A 65 2.74 12.39 -3.18
N HIS A 66 2.68 11.12 -2.77
CA HIS A 66 2.29 10.62 -1.47
C HIS A 66 0.79 10.79 -1.17
N SER A 67 -0.06 11.03 -2.18
CA SER A 67 -1.49 11.14 -1.99
C SER A 67 -2.28 10.52 -3.13
N LEU A 68 -3.14 9.58 -2.76
CA LEU A 68 -3.97 8.84 -3.68
C LEU A 68 -5.40 9.34 -3.65
N ASN A 69 -6.17 8.77 -4.58
CA ASN A 69 -7.52 9.25 -4.87
C ASN A 69 -8.43 8.13 -5.35
N ILE A 70 -8.92 7.31 -4.41
CA ILE A 70 -9.77 6.17 -4.73
C ILE A 70 -11.20 6.60 -4.43
N LEU A 71 -12.13 6.35 -5.35
CA LEU A 71 -13.56 6.66 -5.20
C LEU A 71 -13.82 8.14 -4.91
N GLY A 72 -12.82 9.00 -5.13
CA GLY A 72 -12.90 10.43 -4.87
C GLY A 72 -12.55 10.79 -3.41
N GLN A 73 -12.25 9.80 -2.56
CA GLN A 73 -11.67 10.05 -1.26
C GLN A 73 -10.24 10.50 -1.47
N LYS A 74 -9.71 11.27 -0.51
CA LYS A 74 -8.29 11.57 -0.42
C LYS A 74 -7.67 10.46 0.41
N VAL A 75 -6.49 10.00 0.03
CA VAL A 75 -5.79 8.91 0.69
C VAL A 75 -4.37 9.39 0.93
N SER A 76 -3.75 9.00 2.05
CA SER A 76 -2.34 9.23 2.31
C SER A 76 -1.63 7.89 2.29
N MET A 77 -0.32 7.89 2.04
CA MET A 77 0.48 6.69 1.97
C MET A 77 1.74 6.84 2.80
N HIS A 78 2.14 5.76 3.45
CA HIS A 78 3.15 5.72 4.49
C HIS A 78 3.93 4.41 4.37
N TYR A 79 5.18 4.40 4.80
CA TYR A 79 6.05 3.25 4.70
C TYR A 79 5.90 2.39 5.96
N SER A 80 5.14 1.29 5.85
CA SER A 80 4.90 0.32 6.92
C SER A 80 5.78 -0.92 6.72
N ASP A 81 7.08 -0.72 6.50
CA ASP A 81 8.05 -1.79 6.24
C ASP A 81 7.96 -2.94 7.24
N PRO A 82 8.23 -4.18 6.80
CA PRO A 82 7.89 -5.36 7.59
C PRO A 82 8.81 -5.55 8.80
N LYS A 83 10.08 -5.16 8.69
CA LYS A 83 11.08 -5.25 9.74
C LYS A 83 12.18 -4.22 9.49
N PRO A 84 13.00 -3.89 10.51
CA PRO A 84 14.16 -3.02 10.35
C PRO A 84 15.29 -3.75 9.61
N LYS A 85 15.33 -3.64 8.29
CA LYS A 85 16.29 -4.31 7.41
C LYS A 85 17.31 -3.31 6.90
N ILE A 86 17.80 -2.46 7.79
CA ILE A 86 19.02 -1.69 7.61
C ILE A 86 20.17 -2.70 7.66
N ASN A 87 21.29 -2.36 7.01
CA ASN A 87 22.56 -2.98 7.34
C ASN A 87 22.85 -2.68 8.81
N GLU A 88 23.25 -3.70 9.55
CA GLU A 88 24.04 -3.65 10.78
C GLU A 88 23.59 -2.55 11.74
N ASP A 89 22.32 -2.66 12.11
CA ASP A 89 21.54 -1.74 12.94
C ASP A 89 22.02 -1.71 14.41
N TRP A 90 22.98 -2.56 14.79
CA TRP A 90 23.53 -2.68 16.13
C TRP A 90 25.06 -2.58 16.15
N LEU A 91 25.68 -2.23 15.03
CA LEU A 91 27.11 -1.92 14.99
C LEU A 91 27.23 -0.44 15.26
N SER A 1 12.63 1.36 -0.47
CA SER A 1 11.38 0.77 0.04
C SER A 1 10.56 0.28 -1.15
N ASN A 2 9.84 -0.83 -0.98
CA ASN A 2 8.98 -1.42 -2.00
C ASN A 2 7.62 -1.84 -1.42
N ILE A 3 7.19 -1.28 -0.29
CA ILE A 3 5.83 -1.41 0.19
C ILE A 3 5.22 -0.03 0.37
N VAL A 4 3.99 0.17 -0.11
CA VAL A 4 3.22 1.35 0.22
C VAL A 4 2.12 0.89 1.18
N MET A 5 2.09 1.43 2.40
CA MET A 5 0.89 1.49 3.22
C MET A 5 0.01 2.59 2.62
N LEU A 6 -1.30 2.36 2.54
CA LEU A 6 -2.27 3.35 2.08
C LEU A 6 -3.27 3.56 3.22
N ARG A 7 -3.00 4.50 4.12
CA ARG A 7 -3.87 4.75 5.27
C ARG A 7 -5.10 5.54 4.84
N MET A 8 -6.16 5.52 5.67
CA MET A 8 -7.42 6.27 5.52
C MET A 8 -8.35 5.65 4.46
N LEU A 9 -8.09 4.40 4.01
CA LEU A 9 -8.99 3.62 3.17
C LEU A 9 -10.32 3.33 3.89
N PRO A 10 -11.44 3.25 3.15
CA PRO A 10 -12.71 2.71 3.63
C PRO A 10 -12.62 1.21 3.90
N GLN A 11 -13.74 0.63 4.33
CA GLN A 11 -13.95 -0.81 4.45
C GLN A 11 -14.69 -1.39 3.24
N ALA A 12 -15.18 -0.54 2.33
CA ALA A 12 -15.82 -0.95 1.09
C ALA A 12 -14.80 -1.52 0.13
N ALA A 13 -13.71 -0.77 -0.09
CA ALA A 13 -12.75 -1.03 -1.13
C ALA A 13 -12.07 -2.38 -0.93
N THR A 14 -11.49 -2.86 -2.01
CA THR A 14 -10.94 -4.19 -2.18
C THR A 14 -9.54 -4.08 -2.75
N GLU A 15 -8.92 -5.24 -2.91
CA GLU A 15 -7.64 -5.43 -3.52
C GLU A 15 -7.65 -4.94 -4.96
N ASP A 16 -8.72 -5.24 -5.72
CA ASP A 16 -8.81 -4.87 -7.13
C ASP A 16 -8.88 -3.37 -7.34
N ASP A 17 -9.42 -2.63 -6.37
CA ASP A 17 -9.45 -1.17 -6.38
C ASP A 17 -8.00 -0.67 -6.50
N ILE A 18 -7.10 -1.20 -5.65
CA ILE A 18 -5.69 -0.86 -5.67
C ILE A 18 -5.06 -1.40 -6.96
N ARG A 19 -5.35 -2.64 -7.35
CA ARG A 19 -4.67 -3.28 -8.49
C ARG A 19 -4.90 -2.54 -9.79
N GLY A 20 -6.05 -1.86 -9.95
CA GLY A 20 -6.30 -1.01 -11.10
C GLY A 20 -5.86 0.44 -10.87
N GLN A 21 -5.74 0.92 -9.63
CA GLN A 21 -5.23 2.26 -9.35
C GLN A 21 -3.83 2.40 -9.95
N LEU A 22 -2.96 1.41 -9.70
CA LEU A 22 -1.57 1.48 -10.14
C LEU A 22 -1.48 1.41 -11.67
N GLN A 23 -2.40 0.68 -12.30
CA GLN A 23 -2.47 0.60 -13.74
C GLN A 23 -2.82 1.95 -14.38
N SER A 24 -3.39 2.93 -13.66
CA SER A 24 -3.54 4.28 -14.21
C SER A 24 -2.15 4.91 -14.48
N HIS A 25 -1.08 4.36 -13.89
CA HIS A 25 0.29 4.83 -13.98
C HIS A 25 1.22 3.79 -14.61
N GLY A 26 0.69 2.62 -14.98
CA GLY A 26 1.38 1.55 -15.66
C GLY A 26 2.11 0.60 -14.71
N VAL A 27 1.94 0.74 -13.40
CA VAL A 27 2.69 -0.06 -12.43
C VAL A 27 1.90 -1.37 -12.21
N GLN A 28 2.56 -2.43 -11.71
CA GLN A 28 1.94 -3.75 -11.60
C GLN A 28 1.19 -4.00 -10.29
N ALA A 29 1.76 -3.54 -9.15
CA ALA A 29 1.65 -4.12 -7.81
C ALA A 29 1.84 -5.65 -7.81
N ARG A 30 3.00 -6.14 -7.38
CA ARG A 30 3.34 -7.54 -7.54
C ARG A 30 2.65 -8.42 -6.51
N GLU A 31 2.45 -7.94 -5.28
CA GLU A 31 1.67 -8.63 -4.26
C GLU A 31 0.85 -7.56 -3.53
N VAL A 32 -0.35 -7.88 -3.08
CA VAL A 32 -1.32 -6.85 -2.69
C VAL A 32 -2.06 -7.29 -1.43
N ARG A 33 -1.53 -7.00 -0.24
CA ARG A 33 -2.19 -7.29 1.03
C ARG A 33 -3.31 -6.29 1.31
N LEU A 34 -4.44 -6.42 0.61
CA LEU A 34 -5.70 -5.78 0.93
C LEU A 34 -6.73 -6.91 0.86
N MET A 35 -7.54 -7.18 1.88
CA MET A 35 -8.84 -7.81 1.76
C MET A 35 -9.67 -7.77 3.05
N ARG A 36 -9.50 -8.75 3.94
CA ARG A 36 -10.30 -8.94 5.16
C ARG A 36 -9.48 -9.69 6.21
N ASN A 37 -8.96 -10.87 5.87
CA ASN A 37 -8.06 -11.79 6.56
C ASN A 37 -8.52 -12.35 7.91
N LYS A 38 -9.28 -11.57 8.68
CA LYS A 38 -9.20 -11.45 10.13
C LYS A 38 -7.80 -11.30 10.71
N SER A 39 -6.97 -12.33 10.68
CA SER A 39 -5.73 -12.47 11.45
C SER A 39 -4.80 -11.25 11.34
N SER A 40 -4.26 -10.97 10.15
CA SER A 40 -3.38 -9.83 9.94
C SER A 40 -4.15 -8.51 10.04
N GLY A 41 -5.38 -8.46 9.53
CA GLY A 41 -6.13 -7.20 9.50
C GLY A 41 -5.63 -6.42 8.29
N GLN A 42 -5.75 -7.03 7.11
CA GLN A 42 -5.45 -6.47 5.81
C GLN A 42 -6.58 -5.55 5.33
N SER A 43 -7.29 -4.93 6.28
CA SER A 43 -8.61 -4.37 6.06
C SER A 43 -9.05 -3.39 7.14
N ARG A 44 -8.16 -2.98 8.04
CA ARG A 44 -8.48 -2.01 9.07
C ARG A 44 -8.51 -0.59 8.52
N GLY A 45 -8.12 -0.37 7.25
CA GLY A 45 -7.94 0.95 6.70
C GLY A 45 -6.62 1.13 5.96
N PHE A 46 -5.83 0.06 5.79
CA PHE A 46 -4.60 0.12 5.01
C PHE A 46 -4.28 -1.20 4.32
N ALA A 47 -3.75 -1.09 3.12
CA ALA A 47 -3.07 -2.15 2.40
C ALA A 47 -1.60 -2.25 2.82
N PHE A 48 -0.89 -3.26 2.32
CA PHE A 48 0.56 -3.25 2.13
C PHE A 48 0.79 -3.69 0.69
N VAL A 49 0.92 -2.76 -0.25
CA VAL A 49 1.12 -3.12 -1.64
C VAL A 49 2.62 -3.34 -1.87
N GLU A 50 3.05 -4.54 -2.26
CA GLU A 50 4.45 -4.87 -2.50
C GLU A 50 4.77 -4.72 -3.99
N PHE A 51 5.98 -4.25 -4.27
CA PHE A 51 6.44 -3.85 -5.59
C PHE A 51 7.68 -4.66 -5.94
N SER A 52 7.81 -5.11 -7.19
CA SER A 52 9.01 -5.82 -7.64
C SER A 52 10.23 -4.92 -7.65
N HIS A 53 10.07 -3.60 -7.83
CA HIS A 53 11.16 -2.66 -7.98
C HIS A 53 10.88 -1.46 -7.10
N LEU A 54 11.79 -1.13 -6.19
CA LEU A 54 11.69 0.08 -5.38
C LEU A 54 11.62 1.37 -6.23
N GLN A 55 12.19 1.36 -7.45
CA GLN A 55 12.02 2.46 -8.41
C GLN A 55 10.54 2.73 -8.65
N ASP A 56 9.71 1.69 -8.75
CA ASP A 56 8.30 1.84 -9.04
C ASP A 56 7.58 2.37 -7.81
N ALA A 57 8.10 2.13 -6.59
CA ALA A 57 7.42 2.51 -5.36
C ALA A 57 7.39 4.03 -5.30
N THR A 58 8.55 4.66 -5.43
CA THR A 58 8.70 6.09 -5.48
C THR A 58 7.96 6.68 -6.68
N ARG A 59 7.96 5.98 -7.83
CA ARG A 59 7.21 6.43 -9.00
C ARG A 59 5.73 6.54 -8.68
N TRP A 60 5.16 5.59 -7.92
CA TRP A 60 3.77 5.66 -7.48
C TRP A 60 3.58 6.82 -6.51
N MET A 61 4.45 6.96 -5.50
CA MET A 61 4.39 7.96 -4.45
C MET A 61 4.35 9.38 -5.01
N GLU A 62 5.41 9.82 -5.68
CA GLU A 62 5.63 11.23 -5.96
C GLU A 62 4.57 11.78 -6.92
N ALA A 63 4.08 10.93 -7.83
CA ALA A 63 3.06 11.24 -8.82
C ALA A 63 1.68 11.48 -8.20
N ASN A 64 1.52 11.15 -6.93
CA ASN A 64 0.32 11.42 -6.16
C ASN A 64 0.55 12.51 -5.12
N GLN A 65 1.77 13.03 -5.01
CA GLN A 65 2.15 13.99 -3.95
C GLN A 65 1.81 13.36 -2.58
N HIS A 66 1.99 12.05 -2.51
CA HIS A 66 1.67 11.21 -1.37
C HIS A 66 0.20 11.26 -0.90
N SER A 67 -0.77 11.55 -1.79
CA SER A 67 -2.19 11.39 -1.47
C SER A 67 -2.92 10.64 -2.59
N LEU A 68 -3.49 9.48 -2.26
CA LEU A 68 -4.45 8.81 -3.14
C LEU A 68 -5.87 9.25 -2.80
N ASN A 69 -6.81 8.80 -3.62
CA ASN A 69 -8.22 9.01 -3.43
C ASN A 69 -8.96 7.75 -3.85
N ILE A 70 -9.50 7.02 -2.89
CA ILE A 70 -10.25 5.79 -3.11
C ILE A 70 -11.62 6.01 -2.51
N LEU A 71 -12.66 5.85 -3.32
CA LEU A 71 -14.06 6.08 -2.97
C LEU A 71 -14.18 7.45 -2.30
N GLY A 72 -13.60 8.47 -2.94
CA GLY A 72 -13.67 9.88 -2.57
C GLY A 72 -12.94 10.25 -1.28
N GLN A 73 -12.49 9.27 -0.50
CA GLN A 73 -11.75 9.47 0.72
C GLN A 73 -10.30 9.72 0.30
N LYS A 74 -9.74 10.78 0.86
CA LYS A 74 -8.31 11.04 0.81
C LYS A 74 -7.63 9.92 1.56
N VAL A 75 -6.52 9.44 1.02
CA VAL A 75 -5.72 8.35 1.53
C VAL A 75 -4.28 8.85 1.53
N SER A 76 -3.50 8.52 2.55
CA SER A 76 -2.09 8.91 2.67
C SER A 76 -1.20 7.70 2.46
N MET A 77 0.03 7.91 1.97
CA MET A 77 0.95 6.83 1.61
C MET A 77 2.30 6.96 2.33
N HIS A 78 2.85 5.79 2.68
CA HIS A 78 3.98 5.63 3.58
C HIS A 78 4.78 4.40 3.13
N TYR A 79 6.11 4.48 3.17
CA TYR A 79 7.03 3.39 2.91
C TYR A 79 7.06 2.41 4.09
N SER A 80 6.14 1.45 4.11
CA SER A 80 6.10 0.40 5.12
C SER A 80 6.92 -0.80 4.65
N ASP A 81 8.16 -0.56 4.25
CA ASP A 81 9.08 -1.64 3.86
C ASP A 81 9.24 -2.68 4.99
N PRO A 82 9.67 -3.91 4.68
CA PRO A 82 9.35 -5.04 5.55
C PRO A 82 10.17 -5.06 6.84
N LYS A 83 11.29 -4.34 6.83
CA LYS A 83 12.45 -4.49 7.69
C LYS A 83 12.99 -5.90 7.64
N PRO A 84 14.28 -6.03 7.96
CA PRO A 84 14.82 -7.30 8.32
C PRO A 84 14.07 -7.79 9.57
N LYS A 85 14.73 -8.73 10.18
CA LYS A 85 14.44 -9.12 11.55
C LYS A 85 15.74 -9.01 12.31
N ILE A 86 15.89 -7.90 13.02
CA ILE A 86 17.00 -7.53 13.85
C ILE A 86 16.41 -7.26 15.23
N ASN A 87 17.13 -7.73 16.23
CA ASN A 87 16.76 -7.61 17.63
C ASN A 87 17.35 -6.34 18.21
N GLU A 88 16.72 -5.86 19.28
CA GLU A 88 17.00 -4.59 19.95
C GLU A 88 17.14 -3.48 18.90
N ASP A 89 16.11 -3.47 18.05
CA ASP A 89 16.05 -2.79 16.75
C ASP A 89 15.98 -1.27 16.84
N TRP A 90 15.83 -0.80 18.07
CA TRP A 90 15.65 0.57 18.52
C TRP A 90 16.55 0.89 19.73
N LEU A 91 17.40 -0.07 20.11
CA LEU A 91 18.26 -0.02 21.27
C LEU A 91 19.66 0.36 20.84
N SER A 1 10.05 3.16 -0.89
CA SER A 1 10.72 2.13 -0.12
C SER A 1 10.39 0.75 -0.71
N ASN A 2 9.29 0.09 -0.33
CA ASN A 2 8.69 -1.11 -0.87
C ASN A 2 7.32 -1.33 -0.22
N ILE A 3 7.02 -0.78 0.96
CA ILE A 3 5.67 -0.83 1.53
C ILE A 3 5.10 0.56 1.45
N VAL A 4 3.92 0.68 0.86
CA VAL A 4 3.13 1.88 0.92
C VAL A 4 1.99 1.63 1.92
N MET A 5 1.66 2.69 2.65
CA MET A 5 0.68 2.81 3.72
C MET A 5 -0.38 3.77 3.24
N LEU A 6 -1.55 3.28 2.86
CA LEU A 6 -2.62 4.15 2.38
C LEU A 6 -3.45 4.53 3.59
N ARG A 7 -3.12 5.61 4.28
CA ARG A 7 -3.98 6.12 5.34
C ARG A 7 -5.22 6.76 4.72
N MET A 8 -6.32 6.75 5.48
CA MET A 8 -7.59 7.40 5.18
C MET A 8 -8.39 6.71 4.06
N LEU A 9 -8.74 5.43 4.22
CA LEU A 9 -9.58 4.75 3.23
C LEU A 9 -11.07 4.92 3.56
N PRO A 10 -11.94 4.83 2.54
CA PRO A 10 -13.37 4.61 2.71
C PRO A 10 -13.60 3.21 3.26
N GLN A 11 -14.83 2.88 3.62
CA GLN A 11 -15.18 1.52 4.00
C GLN A 11 -15.41 0.65 2.76
N ALA A 12 -15.85 1.25 1.64
CA ALA A 12 -16.21 0.50 0.45
C ALA A 12 -15.03 -0.18 -0.24
N ALA A 13 -13.84 0.44 -0.24
CA ALA A 13 -12.72 -0.01 -1.07
C ALA A 13 -12.37 -1.46 -0.78
N THR A 14 -11.96 -2.21 -1.80
CA THR A 14 -11.61 -3.61 -1.74
C THR A 14 -10.13 -3.79 -2.09
N GLU A 15 -9.60 -4.98 -1.84
CA GLU A 15 -8.27 -5.37 -2.27
C GLU A 15 -8.10 -5.12 -3.77
N ASP A 16 -9.17 -5.36 -4.52
CA ASP A 16 -9.16 -5.23 -5.96
C ASP A 16 -9.24 -3.76 -6.41
N ASP A 17 -9.87 -2.90 -5.62
CA ASP A 17 -9.93 -1.45 -5.87
C ASP A 17 -8.57 -0.80 -5.70
N ILE A 18 -7.71 -1.37 -4.84
CA ILE A 18 -6.29 -1.09 -4.91
C ILE A 18 -5.85 -1.55 -6.28
N ARG A 19 -5.89 -2.84 -6.58
CA ARG A 19 -5.13 -3.42 -7.70
C ARG A 19 -5.41 -2.77 -9.05
N GLY A 20 -6.64 -2.32 -9.29
CA GLY A 20 -6.96 -1.61 -10.52
C GLY A 20 -6.17 -0.31 -10.69
N GLN A 21 -5.81 0.37 -9.61
CA GLN A 21 -5.03 1.62 -9.60
C GLN A 21 -3.59 1.38 -10.05
N LEU A 22 -3.11 0.15 -10.00
CA LEU A 22 -1.70 -0.15 -10.17
C LEU A 22 -1.49 -0.28 -11.66
N GLN A 23 -2.39 -0.98 -12.32
CA GLN A 23 -2.48 -0.97 -13.77
C GLN A 23 -2.56 0.41 -14.39
N SER A 24 -3.32 1.33 -13.79
CA SER A 24 -3.42 2.71 -14.24
C SER A 24 -2.05 3.39 -14.34
N HIS A 25 -1.07 2.92 -13.56
CA HIS A 25 0.28 3.44 -13.54
C HIS A 25 1.33 2.45 -14.10
N GLY A 26 0.94 1.25 -14.53
CA GLY A 26 1.85 0.25 -15.10
C GLY A 26 2.60 -0.54 -14.02
N VAL A 27 1.94 -0.85 -12.91
CA VAL A 27 2.56 -1.46 -11.74
C VAL A 27 1.75 -2.73 -11.42
N GLN A 28 2.30 -3.64 -10.63
CA GLN A 28 1.54 -4.64 -9.89
C GLN A 28 1.53 -4.19 -8.42
N ALA A 29 0.43 -4.38 -7.71
CA ALA A 29 0.41 -4.58 -6.30
C ALA A 29 0.68 -6.07 -6.01
N ARG A 30 1.95 -6.41 -5.81
CA ARG A 30 2.39 -7.80 -5.66
C ARG A 30 1.92 -8.40 -4.32
N GLU A 31 1.68 -7.59 -3.30
CA GLU A 31 0.97 -8.02 -2.11
C GLU A 31 0.12 -6.84 -1.64
N VAL A 32 -1.03 -7.14 -1.05
CA VAL A 32 -2.00 -6.20 -0.52
C VAL A 32 -2.59 -6.81 0.76
N ARG A 33 -2.82 -5.97 1.76
CA ARG A 33 -3.32 -6.30 3.10
C ARG A 33 -4.42 -5.27 3.40
N LEU A 34 -5.52 -5.35 2.64
CA LEU A 34 -6.73 -4.50 2.68
C LEU A 34 -7.86 -5.31 3.32
N MET A 35 -9.05 -4.72 3.51
CA MET A 35 -10.27 -5.42 3.90
C MET A 35 -10.58 -6.65 3.05
N ARG A 36 -11.67 -7.33 3.40
CA ARG A 36 -12.23 -8.55 2.81
C ARG A 36 -11.48 -9.80 3.24
N ASN A 37 -10.29 -9.68 3.86
CA ASN A 37 -9.46 -10.84 4.08
C ASN A 37 -9.90 -11.63 5.29
N LYS A 38 -10.04 -10.91 6.40
CA LYS A 38 -10.54 -11.37 7.68
C LYS A 38 -9.69 -12.42 8.41
N SER A 39 -9.24 -13.50 7.78
CA SER A 39 -8.41 -14.50 8.42
C SER A 39 -7.11 -13.82 8.85
N SER A 40 -6.37 -13.24 7.89
CA SER A 40 -5.13 -12.51 8.18
C SER A 40 -5.37 -11.27 9.06
N GLY A 41 -6.59 -10.74 9.09
CA GLY A 41 -7.02 -9.84 10.16
C GLY A 41 -6.92 -8.38 9.76
N GLN A 42 -6.87 -8.14 8.44
CA GLN A 42 -6.87 -6.84 7.79
C GLN A 42 -8.12 -6.00 8.09
N SER A 43 -8.39 -4.97 7.29
CA SER A 43 -9.48 -4.00 7.33
C SER A 43 -9.37 -2.88 8.39
N ARG A 44 -8.20 -2.22 8.43
CA ARG A 44 -7.89 -1.15 9.40
C ARG A 44 -8.18 0.28 8.91
N GLY A 45 -8.92 0.52 7.81
CA GLY A 45 -9.08 1.86 7.26
C GLY A 45 -7.77 2.35 6.64
N PHE A 46 -6.83 1.43 6.42
CA PHE A 46 -5.63 1.58 5.63
C PHE A 46 -5.36 0.24 4.96
N ALA A 47 -4.39 0.20 4.03
CA ALA A 47 -3.81 -1.04 3.54
C ALA A 47 -2.30 -0.89 3.52
N PHE A 48 -1.64 -2.01 3.80
CA PHE A 48 -0.24 -2.23 3.49
C PHE A 48 -0.22 -2.80 2.07
N VAL A 49 0.65 -2.27 1.21
CA VAL A 49 0.85 -2.71 -0.16
C VAL A 49 2.37 -2.86 -0.32
N GLU A 50 2.85 -4.10 -0.42
CA GLU A 50 4.27 -4.47 -0.41
C GLU A 50 4.68 -4.80 -1.85
N PHE A 51 5.67 -4.12 -2.41
CA PHE A 51 5.97 -4.18 -3.85
C PHE A 51 7.02 -5.24 -4.13
N SER A 52 6.95 -5.85 -5.33
CA SER A 52 7.95 -6.82 -5.75
C SER A 52 9.30 -6.14 -5.92
N HIS A 53 9.30 -4.88 -6.37
CA HIS A 53 10.53 -4.12 -6.58
C HIS A 53 10.52 -2.89 -5.68
N LEU A 54 11.69 -2.49 -5.21
CA LEU A 54 11.84 -1.32 -4.35
C LEU A 54 11.44 -0.05 -5.11
N GLN A 55 11.83 0.09 -6.38
CA GLN A 55 11.62 1.35 -7.10
C GLN A 55 10.16 1.53 -7.55
N ASP A 56 9.38 0.45 -7.60
CA ASP A 56 7.95 0.51 -7.95
C ASP A 56 7.19 1.29 -6.88
N ALA A 57 7.66 1.26 -5.62
CA ALA A 57 7.04 2.03 -4.55
C ALA A 57 7.06 3.50 -4.95
N THR A 58 8.25 4.03 -5.27
CA THR A 58 8.40 5.39 -5.79
C THR A 58 7.53 5.62 -7.01
N ARG A 59 7.58 4.68 -7.97
CA ARG A 59 6.85 4.84 -9.22
C ARG A 59 5.40 5.12 -8.91
N TRP A 60 4.82 4.48 -7.89
CA TRP A 60 3.46 4.73 -7.44
C TRP A 60 3.35 6.12 -6.79
N MET A 61 4.16 6.39 -5.76
CA MET A 61 4.08 7.57 -4.89
C MET A 61 4.25 8.87 -5.66
N GLU A 62 5.31 8.97 -6.45
CA GLU A 62 5.72 10.17 -7.20
C GLU A 62 4.62 10.52 -8.19
N ALA A 63 4.08 9.49 -8.85
CA ALA A 63 3.05 9.61 -9.88
C ALA A 63 1.69 10.00 -9.28
N ASN A 64 1.61 10.08 -7.96
CA ASN A 64 0.43 10.48 -7.23
C ASN A 64 0.72 11.68 -6.35
N GLN A 65 1.96 12.19 -6.31
CA GLN A 65 2.36 13.33 -5.49
C GLN A 65 2.02 13.01 -4.02
N HIS A 66 2.13 11.73 -3.65
CA HIS A 66 1.76 11.19 -2.34
C HIS A 66 0.25 11.18 -2.04
N SER A 67 -0.65 11.47 -2.99
CA SER A 67 -2.09 11.54 -2.76
C SER A 67 -2.82 10.63 -3.77
N LEU A 68 -3.48 9.59 -3.26
CA LEU A 68 -4.41 8.77 -4.05
C LEU A 68 -5.84 9.26 -3.81
N ASN A 69 -6.77 8.75 -4.62
CA ASN A 69 -8.19 8.97 -4.48
C ASN A 69 -8.93 7.72 -4.88
N ILE A 70 -9.70 7.18 -3.94
CA ILE A 70 -10.46 5.96 -4.07
C ILE A 70 -11.90 6.28 -3.71
N LEU A 71 -12.78 6.09 -4.71
CA LEU A 71 -14.22 6.27 -4.59
C LEU A 71 -14.57 7.69 -4.15
N GLY A 72 -13.69 8.65 -4.46
CA GLY A 72 -13.83 10.06 -4.18
C GLY A 72 -13.06 10.52 -2.95
N GLN A 73 -12.64 9.64 -2.03
CA GLN A 73 -12.02 10.03 -0.78
C GLN A 73 -10.55 10.34 -1.04
N LYS A 74 -10.05 11.41 -0.42
CA LYS A 74 -8.62 11.69 -0.39
C LYS A 74 -7.95 10.68 0.51
N VAL A 75 -6.93 9.99 -0.01
CA VAL A 75 -6.13 8.98 0.67
C VAL A 75 -4.70 9.49 0.65
N SER A 76 -3.93 9.27 1.72
CA SER A 76 -2.55 9.74 1.83
C SER A 76 -1.61 8.53 1.94
N MET A 77 -0.70 8.38 0.98
CA MET A 77 0.33 7.36 1.08
C MET A 77 1.51 7.82 1.94
N HIS A 78 2.13 6.86 2.63
CA HIS A 78 3.39 6.96 3.36
C HIS A 78 4.20 5.71 3.03
N TYR A 79 5.53 5.73 3.16
CA TYR A 79 6.28 4.50 3.30
C TYR A 79 6.03 3.89 4.67
N SER A 80 6.11 2.56 4.78
CA SER A 80 6.01 1.81 6.03
C SER A 80 6.76 0.50 5.89
N ASP A 81 7.98 0.56 5.34
CA ASP A 81 8.81 -0.63 5.17
C ASP A 81 9.12 -1.28 6.53
N PRO A 82 9.41 -2.58 6.56
CA PRO A 82 9.47 -3.32 7.81
C PRO A 82 10.73 -3.05 8.64
N LYS A 83 11.73 -2.43 7.99
CA LYS A 83 13.11 -2.17 8.42
C LYS A 83 13.87 -3.45 8.81
N PRO A 84 15.20 -3.39 8.94
CA PRO A 84 15.93 -4.43 9.64
C PRO A 84 15.54 -4.34 11.13
N LYS A 85 14.61 -5.21 11.54
CA LYS A 85 13.96 -5.22 12.86
C LYS A 85 14.33 -6.54 13.54
N ILE A 86 15.60 -6.91 13.42
CA ILE A 86 16.17 -8.10 14.01
C ILE A 86 16.78 -7.66 15.35
N ASN A 87 16.96 -8.60 16.29
CA ASN A 87 17.70 -8.29 17.52
C ASN A 87 19.21 -8.42 17.34
N GLU A 88 19.63 -8.88 16.19
CA GLU A 88 21.00 -9.19 15.79
C GLU A 88 21.13 -8.73 14.35
N ASP A 89 21.83 -7.61 14.17
CA ASP A 89 21.88 -6.87 12.90
C ASP A 89 23.32 -6.65 12.46
N TRP A 90 24.25 -7.22 13.23
CA TRP A 90 25.70 -7.18 13.11
C TRP A 90 26.32 -8.54 13.49
N LEU A 91 25.47 -9.58 13.64
CA LEU A 91 25.89 -10.98 13.73
C LEU A 91 26.03 -11.53 12.32
N SER A 1 11.91 1.45 -0.71
CA SER A 1 10.82 1.36 0.26
C SER A 1 10.23 -0.03 0.24
N ASN A 2 9.58 -0.39 -0.87
CA ASN A 2 8.88 -1.60 -1.20
C ASN A 2 7.57 -1.66 -0.43
N ILE A 3 7.27 -0.67 0.41
CA ILE A 3 6.07 -0.68 1.23
C ILE A 3 5.58 0.75 1.30
N VAL A 4 4.26 0.87 1.28
CA VAL A 4 3.37 2.04 1.26
C VAL A 4 2.19 1.76 2.17
N MET A 5 2.14 2.41 3.34
CA MET A 5 0.94 2.47 4.14
C MET A 5 0.00 3.50 3.51
N LEU A 6 -1.17 3.08 3.05
CA LEU A 6 -2.23 3.97 2.57
C LEU A 6 -3.01 4.35 3.82
N ARG A 7 -2.97 5.61 4.25
CA ARG A 7 -3.79 6.08 5.37
C ARG A 7 -5.04 6.76 4.82
N MET A 8 -6.07 6.87 5.66
CA MET A 8 -7.33 7.56 5.39
C MET A 8 -8.15 6.81 4.33
N LEU A 9 -8.33 5.50 4.48
CA LEU A 9 -9.19 4.70 3.60
C LEU A 9 -10.60 4.59 4.17
N PRO A 10 -11.61 4.41 3.29
CA PRO A 10 -12.92 3.93 3.70
C PRO A 10 -12.94 2.42 3.88
N GLN A 11 -14.01 1.95 4.52
CA GLN A 11 -14.29 0.52 4.71
C GLN A 11 -14.92 -0.10 3.47
N ALA A 12 -15.58 0.68 2.60
CA ALA A 12 -16.27 0.07 1.46
C ALA A 12 -15.27 -0.44 0.41
N ALA A 13 -14.16 0.28 0.26
CA ALA A 13 -13.12 0.03 -0.75
C ALA A 13 -12.64 -1.42 -0.76
N THR A 14 -12.02 -1.86 -1.86
CA THR A 14 -11.60 -3.24 -2.02
C THR A 14 -10.15 -3.33 -2.47
N GLU A 15 -9.54 -4.53 -2.36
CA GLU A 15 -8.24 -4.80 -2.92
C GLU A 15 -8.28 -4.51 -4.42
N ASP A 16 -9.37 -4.90 -5.09
CA ASP A 16 -9.59 -4.74 -6.53
C ASP A 16 -9.60 -3.28 -6.95
N ASP A 17 -10.14 -2.38 -6.13
CA ASP A 17 -10.11 -0.95 -6.39
C ASP A 17 -8.67 -0.47 -6.48
N ILE A 18 -7.80 -0.93 -5.56
CA ILE A 18 -6.39 -0.59 -5.58
C ILE A 18 -5.75 -1.26 -6.79
N ARG A 19 -5.99 -2.55 -7.02
CA ARG A 19 -5.35 -3.32 -8.08
C ARG A 19 -5.58 -2.66 -9.44
N GLY A 20 -6.75 -2.05 -9.64
CA GLY A 20 -7.05 -1.25 -10.83
C GLY A 20 -6.24 0.04 -10.87
N GLN A 21 -6.10 0.76 -9.75
CA GLN A 21 -5.26 1.95 -9.66
C GLN A 21 -3.84 1.57 -10.05
N LEU A 22 -3.29 0.51 -9.45
CA LEU A 22 -1.90 0.12 -9.59
C LEU A 22 -1.57 -0.16 -11.05
N GLN A 23 -2.45 -0.90 -11.74
CA GLN A 23 -2.33 -1.23 -13.15
C GLN A 23 -2.29 0.05 -14.00
N SER A 24 -3.08 1.07 -13.63
CA SER A 24 -3.13 2.37 -14.29
C SER A 24 -1.76 3.06 -14.31
N HIS A 25 -0.92 2.82 -13.28
CA HIS A 25 0.43 3.34 -13.25
C HIS A 25 1.44 2.38 -13.86
N GLY A 26 1.03 1.14 -14.11
CA GLY A 26 1.77 0.15 -14.85
C GLY A 26 2.18 -1.04 -13.98
N VAL A 27 1.57 -1.24 -12.81
CA VAL A 27 2.17 -2.06 -11.77
C VAL A 27 1.22 -3.19 -11.34
N GLN A 28 1.79 -4.38 -11.11
CA GLN A 28 1.08 -5.58 -10.71
C GLN A 28 0.51 -5.50 -9.28
N ALA A 29 1.17 -4.72 -8.41
CA ALA A 29 1.20 -4.89 -6.96
C ALA A 29 1.40 -6.35 -6.56
N ARG A 30 2.66 -6.73 -6.40
CA ARG A 30 2.98 -8.10 -6.08
C ARG A 30 2.34 -8.50 -4.75
N GLU A 31 2.22 -7.57 -3.79
CA GLU A 31 1.39 -7.81 -2.61
C GLU A 31 0.59 -6.57 -2.30
N VAL A 32 -0.55 -6.76 -1.66
CA VAL A 32 -1.35 -5.70 -1.08
C VAL A 32 -2.29 -6.23 0.00
N ARG A 33 -2.07 -5.79 1.24
CA ARG A 33 -2.97 -6.05 2.36
C ARG A 33 -3.99 -4.91 2.41
N LEU A 34 -5.04 -4.95 1.58
CA LEU A 34 -6.18 -4.05 1.74
C LEU A 34 -7.00 -4.52 2.94
N MET A 35 -7.90 -3.66 3.41
CA MET A 35 -8.87 -3.82 4.47
C MET A 35 -9.91 -4.95 4.32
N ARG A 36 -9.72 -5.89 3.39
CA ARG A 36 -10.54 -7.09 3.23
C ARG A 36 -9.61 -8.24 2.94
N ASN A 37 -9.58 -9.25 3.81
CA ASN A 37 -9.12 -10.61 3.60
C ASN A 37 -9.39 -11.39 4.88
N LYS A 38 -10.21 -12.45 4.87
CA LYS A 38 -10.37 -13.28 6.07
C LYS A 38 -9.09 -13.96 6.50
N SER A 39 -8.13 -14.14 5.58
CA SER A 39 -6.96 -14.96 5.76
C SER A 39 -6.09 -14.43 6.92
N SER A 40 -6.10 -13.12 7.11
CA SER A 40 -5.27 -12.38 8.03
C SER A 40 -6.14 -11.44 8.87
N GLY A 41 -7.17 -10.82 8.25
CA GLY A 41 -7.95 -9.77 8.90
C GLY A 41 -7.31 -8.40 8.77
N GLN A 42 -6.44 -8.26 7.76
CA GLN A 42 -5.87 -7.01 7.26
C GLN A 42 -7.00 -6.01 7.14
N SER A 43 -7.03 -5.06 8.06
CA SER A 43 -7.91 -3.91 8.12
C SER A 43 -7.57 -3.01 9.31
N ARG A 44 -7.95 -1.72 9.24
CA ARG A 44 -7.95 -0.68 10.28
C ARG A 44 -8.33 0.73 9.78
N GLY A 45 -8.67 0.93 8.51
CA GLY A 45 -8.75 2.26 7.89
C GLY A 45 -7.43 2.63 7.20
N PHE A 46 -6.46 1.72 7.17
CA PHE A 46 -5.27 1.79 6.34
C PHE A 46 -5.04 0.44 5.66
N ALA A 47 -4.20 0.42 4.64
CA ALA A 47 -3.75 -0.74 3.87
C ALA A 47 -2.24 -0.65 3.68
N PHE A 48 -1.62 -1.71 3.17
CA PHE A 48 -0.23 -1.71 2.74
C PHE A 48 -0.20 -2.17 1.30
N VAL A 49 0.50 -1.48 0.38
CA VAL A 49 0.84 -2.14 -0.89
C VAL A 49 2.32 -2.50 -0.77
N GLU A 50 2.73 -3.58 -1.45
CA GLU A 50 4.12 -3.90 -1.62
C GLU A 50 4.49 -4.00 -3.09
N PHE A 51 5.77 -3.79 -3.37
CA PHE A 51 6.29 -3.83 -4.72
C PHE A 51 7.51 -4.70 -4.77
N SER A 52 7.38 -5.96 -5.22
CA SER A 52 8.50 -6.88 -5.36
C SER A 52 9.70 -6.23 -6.07
N HIS A 53 9.46 -5.25 -6.95
CA HIS A 53 10.46 -4.61 -7.78
C HIS A 53 11.39 -3.70 -6.96
N LEU A 54 11.15 -3.50 -5.67
CA LEU A 54 11.83 -2.57 -4.74
C LEU A 54 11.68 -1.07 -5.11
N GLN A 55 11.50 -0.74 -6.39
CA GLN A 55 11.67 0.59 -6.98
C GLN A 55 10.40 1.11 -7.65
N ASP A 56 9.49 0.22 -8.05
CA ASP A 56 8.17 0.60 -8.58
C ASP A 56 7.31 1.18 -7.44
N ALA A 57 7.76 1.00 -6.20
CA ALA A 57 7.17 1.59 -5.01
C ALA A 57 7.08 3.10 -5.24
N THR A 58 8.21 3.69 -5.63
CA THR A 58 8.31 5.12 -5.91
C THR A 58 7.53 5.47 -7.16
N ARG A 59 7.63 4.62 -8.19
CA ARG A 59 7.01 4.90 -9.47
C ARG A 59 5.50 5.02 -9.30
N TRP A 60 4.91 4.40 -8.28
CA TRP A 60 3.51 4.55 -7.98
C TRP A 60 3.24 5.84 -7.20
N MET A 61 4.03 6.10 -6.17
CA MET A 61 3.80 7.18 -5.21
C MET A 61 3.91 8.55 -5.85
N GLU A 62 5.00 8.79 -6.58
CA GLU A 62 5.23 10.08 -7.23
C GLU A 62 4.24 10.28 -8.37
N ALA A 63 3.79 9.18 -8.96
CA ALA A 63 2.77 9.19 -10.00
C ALA A 63 1.38 9.49 -9.43
N ASN A 64 1.27 9.67 -8.11
CA ASN A 64 0.07 10.11 -7.42
C ASN A 64 0.33 11.36 -6.59
N GLN A 65 1.55 11.89 -6.59
CA GLN A 65 1.91 13.11 -5.85
C GLN A 65 1.71 12.87 -4.35
N HIS A 66 1.85 11.61 -3.90
CA HIS A 66 1.64 11.15 -2.52
C HIS A 66 0.19 11.27 -2.01
N SER A 67 -0.81 11.41 -2.88
CA SER A 67 -2.21 11.35 -2.48
C SER A 67 -3.00 10.59 -3.53
N LEU A 68 -3.86 9.66 -3.12
CA LEU A 68 -4.79 8.94 -4.00
C LEU A 68 -6.22 9.38 -3.72
N ASN A 69 -7.16 8.83 -4.47
CA ASN A 69 -8.58 9.01 -4.28
C ASN A 69 -9.30 7.76 -4.77
N ILE A 70 -9.95 7.05 -3.85
CA ILE A 70 -10.72 5.84 -4.13
C ILE A 70 -12.11 6.10 -3.58
N LEU A 71 -13.11 5.86 -4.42
CA LEU A 71 -14.55 6.07 -4.19
C LEU A 71 -14.94 7.55 -4.09
N GLY A 72 -13.97 8.45 -3.93
CA GLY A 72 -14.17 9.89 -3.78
C GLY A 72 -13.41 10.49 -2.59
N GLN A 73 -12.88 9.66 -1.68
CA GLN A 73 -12.19 10.07 -0.48
C GLN A 73 -10.68 10.07 -0.72
N LYS A 74 -10.02 11.16 -0.33
CA LYS A 74 -8.60 11.35 -0.44
C LYS A 74 -7.89 10.41 0.52
N VAL A 75 -6.78 9.86 0.08
CA VAL A 75 -6.00 8.85 0.79
C VAL A 75 -4.55 9.35 0.77
N SER A 76 -3.84 9.25 1.89
CA SER A 76 -2.41 9.58 1.96
C SER A 76 -1.60 8.30 1.75
N MET A 77 -0.33 8.44 1.38
CA MET A 77 0.61 7.33 1.33
C MET A 77 1.93 7.72 1.99
N HIS A 78 2.47 6.81 2.77
CA HIS A 78 3.70 6.95 3.56
C HIS A 78 4.46 5.64 3.37
N TYR A 79 5.74 5.65 3.00
CA TYR A 79 6.44 4.37 2.89
C TYR A 79 6.63 3.77 4.27
N SER A 80 6.09 2.59 4.50
CA SER A 80 6.17 1.89 5.78
C SER A 80 7.32 0.87 5.71
N ASP A 81 8.49 1.30 5.21
CA ASP A 81 9.57 0.39 4.84
C ASP A 81 10.02 -0.47 6.02
N PRO A 82 10.48 -1.71 5.76
CA PRO A 82 10.29 -2.78 6.74
C PRO A 82 11.25 -2.74 7.92
N LYS A 83 12.39 -2.08 7.72
CA LYS A 83 13.53 -1.92 8.63
C LYS A 83 14.12 -3.21 9.20
N PRO A 84 15.32 -3.16 9.78
CA PRO A 84 15.75 -4.17 10.74
C PRO A 84 14.93 -3.96 12.02
N LYS A 85 13.94 -4.82 12.26
CA LYS A 85 13.15 -4.87 13.50
C LYS A 85 13.52 -6.13 14.29
N ILE A 86 14.74 -6.64 14.11
CA ILE A 86 15.32 -7.67 14.97
C ILE A 86 15.75 -6.97 16.26
N ASN A 87 15.89 -7.71 17.36
CA ASN A 87 16.35 -7.16 18.64
C ASN A 87 17.85 -7.07 18.75
N GLU A 88 18.56 -7.55 17.74
CA GLU A 88 20.00 -7.62 17.66
C GLU A 88 20.43 -7.14 16.29
N ASP A 89 21.69 -6.74 16.17
CA ASP A 89 22.28 -6.17 14.96
C ASP A 89 23.65 -6.78 14.65
N TRP A 90 23.99 -7.87 15.36
CA TRP A 90 25.25 -8.59 15.30
C TRP A 90 25.03 -10.11 15.32
N LEU A 91 23.76 -10.55 15.28
CA LEU A 91 23.35 -11.95 15.32
C LEU A 91 23.05 -12.43 13.91
#